data_4GGR
# 
_entry.id   4GGR 
# 
_audit_conform.dict_name       mmcif_pdbx.dic 
_audit_conform.dict_version    5.397 
_audit_conform.dict_location   http://mmcif.pdb.org/dictionaries/ascii/mmcif_pdbx.dic 
# 
loop_
_database_2.database_id 
_database_2.database_code 
_database_2.pdbx_database_accession 
_database_2.pdbx_DOI 
PDB   4GGR         pdb_00004ggr 10.2210/pdb4ggr/pdb 
RCSB  RCSB074162   ?            ?                   
WWPDB D_1000074162 ?            ?                   
# 
loop_
_pdbx_audit_revision_history.ordinal 
_pdbx_audit_revision_history.data_content_type 
_pdbx_audit_revision_history.major_revision 
_pdbx_audit_revision_history.minor_revision 
_pdbx_audit_revision_history.revision_date 
1 'Structure model' 1 0 2013-06-19 
2 'Structure model' 1 1 2013-07-10 
3 'Structure model' 1 2 2023-09-13 
4 'Structure model' 1 3 2024-10-09 
# 
_pdbx_audit_revision_details.ordinal             1 
_pdbx_audit_revision_details.revision_ordinal    1 
_pdbx_audit_revision_details.data_content_type   'Structure model' 
_pdbx_audit_revision_details.provider            repository 
_pdbx_audit_revision_details.type                'Initial release' 
_pdbx_audit_revision_details.description         ? 
_pdbx_audit_revision_details.details             ? 
# 
loop_
_pdbx_audit_revision_group.ordinal 
_pdbx_audit_revision_group.revision_ordinal 
_pdbx_audit_revision_group.data_content_type 
_pdbx_audit_revision_group.group 
1 2 'Structure model' 'Database references'    
2 3 'Structure model' 'Data collection'        
3 3 'Structure model' 'Database references'    
4 3 'Structure model' 'Refinement description' 
5 4 'Structure model' 'Structure summary'      
# 
loop_
_pdbx_audit_revision_category.ordinal 
_pdbx_audit_revision_category.revision_ordinal 
_pdbx_audit_revision_category.data_content_type 
_pdbx_audit_revision_category.category 
1 3 'Structure model' chem_comp_atom                
2 3 'Structure model' chem_comp_bond                
3 3 'Structure model' database_2                    
4 3 'Structure model' pdbx_initial_refinement_model 
5 3 'Structure model' struct_ref_seq_dif            
6 4 'Structure model' pdbx_entry_details            
7 4 'Structure model' pdbx_modification_feature     
# 
loop_
_pdbx_audit_revision_item.ordinal 
_pdbx_audit_revision_item.revision_ordinal 
_pdbx_audit_revision_item.data_content_type 
_pdbx_audit_revision_item.item 
1 3 'Structure model' '_database_2.pdbx_DOI'                
2 3 'Structure model' '_database_2.pdbx_database_accession' 
3 3 'Structure model' '_struct_ref_seq_dif.details'         
# 
_pdbx_database_status.status_code                     REL 
_pdbx_database_status.entry_id                        4GGR 
_pdbx_database_status.recvd_initial_deposition_date   2012-08-07 
_pdbx_database_status.deposit_site                    RCSB 
_pdbx_database_status.process_site                    RCSB 
_pdbx_database_status.status_code_sf                  REL 
_pdbx_database_status.status_code_mr                  ? 
_pdbx_database_status.SG_entry                        ? 
_pdbx_database_status.status_code_cs                  ? 
_pdbx_database_status.methods_development_category    ? 
_pdbx_database_status.pdb_format_compatible           Y 
_pdbx_database_status.status_code_nmr_data            ? 
# 
loop_
_pdbx_database_related.db_name 
_pdbx_database_related.db_id 
_pdbx_database_related.details 
_pdbx_database_related.content_type 
PDB 2Y32 . unspecified 
PDB 4GGT . unspecified 
PDB 4GGZ . unspecified 
# 
loop_
_audit_author.name 
_audit_author.pdbx_ordinal 
'Livnah, O.' 1 
'Meir, A.'   2 
# 
_citation.id                        primary 
_citation.title                     'The highly dynamic oligomeric structure of bradavidin II is unique among avidin proteins.' 
_citation.journal_abbrev            'Protein Sci.' 
_citation.journal_volume            22 
_citation.page_first                980 
_citation.page_last                 994 
_citation.year                      2013 
_citation.journal_id_ASTM           PRCIEI 
_citation.country                   US 
_citation.journal_id_ISSN           0961-8368 
_citation.journal_id_CSD            0795 
_citation.book_publisher            ? 
_citation.pdbx_database_id_PubMed   23661323 
_citation.pdbx_database_id_DOI      10.1002/pro.2281 
# 
loop_
_citation_author.citation_id 
_citation_author.name 
_citation_author.ordinal 
_citation_author.identifier_ORCID 
primary 'Leppiniemi, J.'  1  ? 
primary 'Meir, A.'        2  ? 
primary 'Kahkonen, N.'    3  ? 
primary 'Kukkurainen, S.' 4  ? 
primary 'Maatta, J.A.'    5  ? 
primary 'Ojanen, M.'      6  ? 
primary 'Janis, J.'       7  ? 
primary 'Kulomaa, M.S.'   8  ? 
primary 'Livnah, O.'      9  ? 
primary 'Hytonen, V.P.'   10 ? 
# 
loop_
_entity.id 
_entity.type 
_entity.src_method 
_entity.pdbx_description 
_entity.formula_weight 
_entity.pdbx_number_of_molecules 
_entity.pdbx_ec 
_entity.pdbx_mutation 
_entity.pdbx_fragment 
_entity.details 
1 polymer man 'Bradavidin 2' 12581.157 1  ? ? 'UNP residues 19-130' ? 
2 water   nat water          18.015    27 ? ? ?                     ? 
# 
_entity_name_com.entity_id   1 
_entity_name_com.name        'Bll1558 protein' 
# 
_entity_poly.entity_id                      1 
_entity_poly.type                           'polypeptide(L)' 
_entity_poly.nstd_linkage                   no 
_entity_poly.nstd_monomer                   no 
_entity_poly.pdbx_seq_one_letter_code       
;QTVEAMAQGLPAPSYWKNERGSELLIWSANSGTIQGTFTNHAQGFACQGIPYPAAGSVSPTGLYFVVTFAQCNSFTRWVG
TIKGSQMPTSWTLFYVDNKGKPSRLKGGDIFTRVW
;
_entity_poly.pdbx_seq_one_letter_code_can   
;QTVEAMAQGLPAPSYWKNERGSELLIWSANSGTIQGTFTNHAQGFACQGIPYPAAGSVSPTGLYFVVTFAQCNSFTRWVG
TIKGSQMPTSWTLFYVDNKGKPSRLKGGDIFTRVW
;
_entity_poly.pdbx_strand_id                 A 
_entity_poly.pdbx_target_identifier         ? 
# 
_pdbx_entity_nonpoly.entity_id   2 
_pdbx_entity_nonpoly.name        water 
_pdbx_entity_nonpoly.comp_id     HOH 
# 
loop_
_entity_poly_seq.entity_id 
_entity_poly_seq.num 
_entity_poly_seq.mon_id 
_entity_poly_seq.hetero 
1 1   GLN n 
1 2   THR n 
1 3   VAL n 
1 4   GLU n 
1 5   ALA n 
1 6   MET n 
1 7   ALA n 
1 8   GLN n 
1 9   GLY n 
1 10  LEU n 
1 11  PRO n 
1 12  ALA n 
1 13  PRO n 
1 14  SER n 
1 15  TYR n 
1 16  TRP n 
1 17  LYS n 
1 18  ASN n 
1 19  GLU n 
1 20  ARG n 
1 21  GLY n 
1 22  SER n 
1 23  GLU n 
1 24  LEU n 
1 25  LEU n 
1 26  ILE n 
1 27  TRP n 
1 28  SER n 
1 29  ALA n 
1 30  ASN n 
1 31  SER n 
1 32  GLY n 
1 33  THR n 
1 34  ILE n 
1 35  GLN n 
1 36  GLY n 
1 37  THR n 
1 38  PHE n 
1 39  THR n 
1 40  ASN n 
1 41  HIS n 
1 42  ALA n 
1 43  GLN n 
1 44  GLY n 
1 45  PHE n 
1 46  ALA n 
1 47  CYS n 
1 48  GLN n 
1 49  GLY n 
1 50  ILE n 
1 51  PRO n 
1 52  TYR n 
1 53  PRO n 
1 54  ALA n 
1 55  ALA n 
1 56  GLY n 
1 57  SER n 
1 58  VAL n 
1 59  SER n 
1 60  PRO n 
1 61  THR n 
1 62  GLY n 
1 63  LEU n 
1 64  TYR n 
1 65  PHE n 
1 66  VAL n 
1 67  VAL n 
1 68  THR n 
1 69  PHE n 
1 70  ALA n 
1 71  GLN n 
1 72  CYS n 
1 73  ASN n 
1 74  SER n 
1 75  PHE n 
1 76  THR n 
1 77  ARG n 
1 78  TRP n 
1 79  VAL n 
1 80  GLY n 
1 81  THR n 
1 82  ILE n 
1 83  LYS n 
1 84  GLY n 
1 85  SER n 
1 86  GLN n 
1 87  MET n 
1 88  PRO n 
1 89  THR n 
1 90  SER n 
1 91  TRP n 
1 92  THR n 
1 93  LEU n 
1 94  PHE n 
1 95  TYR n 
1 96  VAL n 
1 97  ASP n 
1 98  ASN n 
1 99  LYS n 
1 100 GLY n 
1 101 LYS n 
1 102 PRO n 
1 103 SER n 
1 104 ARG n 
1 105 LEU n 
1 106 LYS n 
1 107 GLY n 
1 108 GLY n 
1 109 ASP n 
1 110 ILE n 
1 111 PHE n 
1 112 THR n 
1 113 ARG n 
1 114 VAL n 
1 115 TRP n 
# 
_entity_src_gen.entity_id                          1 
_entity_src_gen.pdbx_src_id                        1 
_entity_src_gen.pdbx_alt_source_flag               sample 
_entity_src_gen.pdbx_seq_type                      ? 
_entity_src_gen.pdbx_beg_seq_num                   ? 
_entity_src_gen.pdbx_end_seq_num                   ? 
_entity_src_gen.gene_src_common_name               ? 
_entity_src_gen.gene_src_genus                     ? 
_entity_src_gen.pdbx_gene_src_gene                 bll1558 
_entity_src_gen.gene_src_species                   ? 
_entity_src_gen.gene_src_strain                    'USDA 110' 
_entity_src_gen.gene_src_tissue                    ? 
_entity_src_gen.gene_src_tissue_fraction           ? 
_entity_src_gen.gene_src_details                   ? 
_entity_src_gen.pdbx_gene_src_fragment             ? 
_entity_src_gen.pdbx_gene_src_scientific_name      'Bradyrhizobium japonicum' 
_entity_src_gen.pdbx_gene_src_ncbi_taxonomy_id     224911 
_entity_src_gen.pdbx_gene_src_variant              ? 
_entity_src_gen.pdbx_gene_src_cell_line            ? 
_entity_src_gen.pdbx_gene_src_atcc                 ? 
_entity_src_gen.pdbx_gene_src_organ                ? 
_entity_src_gen.pdbx_gene_src_organelle            ? 
_entity_src_gen.pdbx_gene_src_cell                 ? 
_entity_src_gen.pdbx_gene_src_cellular_location    ? 
_entity_src_gen.host_org_common_name               ? 
_entity_src_gen.pdbx_host_org_scientific_name      'Escherichia coli' 
_entity_src_gen.pdbx_host_org_ncbi_taxonomy_id     511693 
_entity_src_gen.host_org_genus                     ? 
_entity_src_gen.pdbx_host_org_gene                 ? 
_entity_src_gen.pdbx_host_org_organ                ? 
_entity_src_gen.host_org_species                   ? 
_entity_src_gen.pdbx_host_org_tissue               ? 
_entity_src_gen.pdbx_host_org_tissue_fraction      ? 
_entity_src_gen.pdbx_host_org_strain               BL21-AI 
_entity_src_gen.pdbx_host_org_variant              ? 
_entity_src_gen.pdbx_host_org_cell_line            ? 
_entity_src_gen.pdbx_host_org_atcc                 ? 
_entity_src_gen.pdbx_host_org_culture_collection   ? 
_entity_src_gen.pdbx_host_org_cell                 ? 
_entity_src_gen.pdbx_host_org_organelle            ? 
_entity_src_gen.pdbx_host_org_cellular_location    ? 
_entity_src_gen.pdbx_host_org_vector_type          plasmid 
_entity_src_gen.pdbx_host_org_vector               ? 
_entity_src_gen.host_org_details                   ? 
_entity_src_gen.expression_system_id               ? 
_entity_src_gen.plasmid_name                       ? 
_entity_src_gen.plasmid_details                    ? 
_entity_src_gen.pdbx_description                   ? 
# 
loop_
_chem_comp.id 
_chem_comp.type 
_chem_comp.mon_nstd_flag 
_chem_comp.name 
_chem_comp.pdbx_synonyms 
_chem_comp.formula 
_chem_comp.formula_weight 
ALA 'L-peptide linking' y ALANINE         ? 'C3 H7 N O2'     89.093  
ARG 'L-peptide linking' y ARGININE        ? 'C6 H15 N4 O2 1' 175.209 
ASN 'L-peptide linking' y ASPARAGINE      ? 'C4 H8 N2 O3'    132.118 
ASP 'L-peptide linking' y 'ASPARTIC ACID' ? 'C4 H7 N O4'     133.103 
CYS 'L-peptide linking' y CYSTEINE        ? 'C3 H7 N O2 S'   121.158 
GLN 'L-peptide linking' y GLUTAMINE       ? 'C5 H10 N2 O3'   146.144 
GLU 'L-peptide linking' y 'GLUTAMIC ACID' ? 'C5 H9 N O4'     147.129 
GLY 'peptide linking'   y GLYCINE         ? 'C2 H5 N O2'     75.067  
HIS 'L-peptide linking' y HISTIDINE       ? 'C6 H10 N3 O2 1' 156.162 
HOH non-polymer         . WATER           ? 'H2 O'           18.015  
ILE 'L-peptide linking' y ISOLEUCINE      ? 'C6 H13 N O2'    131.173 
LEU 'L-peptide linking' y LEUCINE         ? 'C6 H13 N O2'    131.173 
LYS 'L-peptide linking' y LYSINE          ? 'C6 H15 N2 O2 1' 147.195 
MET 'L-peptide linking' y METHIONINE      ? 'C5 H11 N O2 S'  149.211 
PHE 'L-peptide linking' y PHENYLALANINE   ? 'C9 H11 N O2'    165.189 
PRO 'L-peptide linking' y PROLINE         ? 'C5 H9 N O2'     115.130 
SER 'L-peptide linking' y SERINE          ? 'C3 H7 N O3'     105.093 
THR 'L-peptide linking' y THREONINE       ? 'C4 H9 N O3'     119.119 
TRP 'L-peptide linking' y TRYPTOPHAN      ? 'C11 H12 N2 O2'  204.225 
TYR 'L-peptide linking' y TYROSINE        ? 'C9 H11 N O3'    181.189 
VAL 'L-peptide linking' y VALINE          ? 'C5 H11 N O2'    117.146 
# 
loop_
_pdbx_poly_seq_scheme.asym_id 
_pdbx_poly_seq_scheme.entity_id 
_pdbx_poly_seq_scheme.seq_id 
_pdbx_poly_seq_scheme.mon_id 
_pdbx_poly_seq_scheme.ndb_seq_num 
_pdbx_poly_seq_scheme.pdb_seq_num 
_pdbx_poly_seq_scheme.auth_seq_num 
_pdbx_poly_seq_scheme.pdb_mon_id 
_pdbx_poly_seq_scheme.auth_mon_id 
_pdbx_poly_seq_scheme.pdb_strand_id 
_pdbx_poly_seq_scheme.pdb_ins_code 
_pdbx_poly_seq_scheme.hetero 
A 1 1   GLN 1   -2  ?   ?   ?   A . n 
A 1 2   THR 2   -1  ?   ?   ?   A . n 
A 1 3   VAL 3   0   ?   ?   ?   A . n 
A 1 4   GLU 4   1   ?   ?   ?   A . n 
A 1 5   ALA 5   2   ?   ?   ?   A . n 
A 1 6   MET 6   3   ?   ?   ?   A . n 
A 1 7   ALA 7   4   ?   ?   ?   A . n 
A 1 8   GLN 8   5   ?   ?   ?   A . n 
A 1 9   GLY 9   6   ?   ?   ?   A . n 
A 1 10  LEU 10  7   10  LEU LEU A . n 
A 1 11  PRO 11  8   11  PRO PRO A . n 
A 1 12  ALA 12  9   12  ALA ALA A . n 
A 1 13  PRO 13  10  13  PRO PRO A . n 
A 1 14  SER 14  11  14  SER SER A . n 
A 1 15  TYR 15  12  15  TYR TYR A . n 
A 1 16  TRP 16  13  16  TRP TRP A . n 
A 1 17  LYS 17  14  17  LYS LYS A . n 
A 1 18  ASN 18  15  18  ASN ASN A . n 
A 1 19  GLU 19  16  19  GLU GLU A . n 
A 1 20  ARG 20  17  20  ARG ARG A . n 
A 1 21  GLY 21  18  21  GLY GLY A . n 
A 1 22  SER 22  19  22  SER SER A . n 
A 1 23  GLU 23  20  23  GLU GLU A . n 
A 1 24  LEU 24  21  24  LEU LEU A . n 
A 1 25  LEU 25  22  25  LEU LEU A . n 
A 1 26  ILE 26  23  26  ILE ILE A . n 
A 1 27  TRP 27  24  27  TRP TRP A . n 
A 1 28  SER 28  25  28  SER SER A . n 
A 1 29  ALA 29  26  29  ALA ALA A . n 
A 1 30  ASN 30  27  30  ASN ASN A . n 
A 1 31  SER 31  28  31  SER SER A . n 
A 1 32  GLY 32  29  32  GLY GLY A . n 
A 1 33  THR 33  30  33  THR THR A . n 
A 1 34  ILE 34  31  34  ILE ILE A . n 
A 1 35  GLN 35  32  35  GLN GLN A . n 
A 1 36  GLY 36  33  36  GLY GLY A . n 
A 1 37  THR 37  34  37  THR THR A . n 
A 1 38  PHE 38  35  38  PHE PHE A . n 
A 1 39  THR 39  36  39  THR THR A . n 
A 1 40  ASN 40  37  40  ASN ASN A . n 
A 1 41  HIS 41  38  41  HIS HIS A . n 
A 1 42  ALA 42  39  42  ALA ALA A . n 
A 1 43  GLN 43  40  43  GLN GLN A . n 
A 1 44  GLY 44  41  44  GLY GLY A . n 
A 1 45  PHE 45  42  45  PHE PHE A . n 
A 1 46  ALA 46  43  46  ALA ALA A . n 
A 1 47  CYS 47  44  47  CYS CYS A . n 
A 1 48  GLN 48  45  48  GLN GLN A . n 
A 1 49  GLY 49  46  49  GLY GLY A . n 
A 1 50  ILE 50  47  50  ILE ILE A . n 
A 1 51  PRO 51  48  51  PRO PRO A . n 
A 1 52  TYR 52  49  52  TYR TYR A . n 
A 1 53  PRO 53  50  53  PRO PRO A . n 
A 1 54  ALA 54  51  54  ALA ALA A . n 
A 1 55  ALA 55  52  55  ALA ALA A . n 
A 1 56  GLY 56  53  56  GLY GLY A . n 
A 1 57  SER 57  54  57  SER SER A . n 
A 1 58  VAL 58  55  58  VAL VAL A . n 
A 1 59  SER 59  56  59  SER SER A . n 
A 1 60  PRO 60  57  60  PRO PRO A . n 
A 1 61  THR 61  58  61  THR THR A . n 
A 1 62  GLY 62  59  62  GLY GLY A . n 
A 1 63  LEU 63  60  63  LEU LEU A . n 
A 1 64  TYR 64  61  64  TYR TYR A . n 
A 1 65  PHE 65  62  65  PHE PHE A . n 
A 1 66  VAL 66  63  66  VAL VAL A . n 
A 1 67  VAL 67  64  67  VAL VAL A . n 
A 1 68  THR 68  65  68  THR THR A . n 
A 1 69  PHE 69  66  69  PHE PHE A . n 
A 1 70  ALA 70  67  70  ALA ALA A . n 
A 1 71  GLN 71  68  71  GLN GLN A . n 
A 1 72  CYS 72  69  72  CYS CYS A . n 
A 1 73  ASN 73  70  73  ASN ASN A . n 
A 1 74  SER 74  71  74  SER SER A . n 
A 1 75  PHE 75  72  75  PHE PHE A . n 
A 1 76  THR 76  73  76  THR THR A . n 
A 1 77  ARG 77  74  77  ARG ARG A . n 
A 1 78  TRP 78  75  78  TRP TRP A . n 
A 1 79  VAL 79  76  79  VAL VAL A . n 
A 1 80  GLY 80  77  80  GLY GLY A . n 
A 1 81  THR 81  78  81  THR THR A . n 
A 1 82  ILE 82  79  82  ILE ILE A . n 
A 1 83  LYS 83  80  83  LYS LYS A . n 
A 1 84  GLY 84  81  84  GLY GLY A . n 
A 1 85  SER 85  82  85  SER SER A . n 
A 1 86  GLN 86  83  86  GLN GLN A . n 
A 1 87  MET 87  84  87  MET MET A . n 
A 1 88  PRO 88  85  88  PRO PRO A . n 
A 1 89  THR 89  86  89  THR THR A . n 
A 1 90  SER 90  87  90  SER SER A . n 
A 1 91  TRP 91  88  91  TRP TRP A . n 
A 1 92  THR 92  89  92  THR THR A . n 
A 1 93  LEU 93  90  93  LEU LEU A . n 
A 1 94  PHE 94  91  94  PHE PHE A . n 
A 1 95  TYR 95  92  95  TYR TYR A . n 
A 1 96  VAL 96  93  96  VAL VAL A . n 
A 1 97  ASP 97  94  97  ASP ASP A . n 
A 1 98  ASN 98  95  98  ASN ASN A . n 
A 1 99  LYS 99  96  99  LYS LYS A . n 
A 1 100 GLY 100 97  100 GLY GLY A . n 
A 1 101 LYS 101 98  101 LYS LYS A . n 
A 1 102 PRO 102 99  102 PRO PRO A . n 
A 1 103 SER 103 100 103 SER SER A . n 
A 1 104 ARG 104 101 104 ARG ARG A . n 
A 1 105 LEU 105 102 105 LEU LEU A . n 
A 1 106 LYS 106 103 106 LYS LYS A . n 
A 1 107 GLY 107 104 107 GLY GLY A . n 
A 1 108 GLY 108 105 108 GLY GLY A . n 
A 1 109 ASP 109 106 109 ASP ASP A . n 
A 1 110 ILE 110 107 110 ILE ILE A . n 
A 1 111 PHE 111 108 111 PHE PHE A . n 
A 1 112 THR 112 109 112 THR THR A . n 
A 1 113 ARG 113 110 113 ARG ARG A . n 
A 1 114 VAL 114 111 114 VAL VAL A . n 
A 1 115 TRP 115 112 115 TRP TRP A . n 
# 
loop_
_pdbx_nonpoly_scheme.asym_id 
_pdbx_nonpoly_scheme.entity_id 
_pdbx_nonpoly_scheme.mon_id 
_pdbx_nonpoly_scheme.ndb_seq_num 
_pdbx_nonpoly_scheme.pdb_seq_num 
_pdbx_nonpoly_scheme.auth_seq_num 
_pdbx_nonpoly_scheme.pdb_mon_id 
_pdbx_nonpoly_scheme.auth_mon_id 
_pdbx_nonpoly_scheme.pdb_strand_id 
_pdbx_nonpoly_scheme.pdb_ins_code 
B 2 HOH 1  201 1  HOH HOH A . 
B 2 HOH 2  202 2  HOH HOH A . 
B 2 HOH 3  203 3  HOH HOH A . 
B 2 HOH 4  204 4  HOH HOH A . 
B 2 HOH 5  205 5  HOH HOH A . 
B 2 HOH 6  206 6  HOH HOH A . 
B 2 HOH 7  207 7  HOH HOH A . 
B 2 HOH 8  208 8  HOH HOH A . 
B 2 HOH 9  209 9  HOH HOH A . 
B 2 HOH 10 210 10 HOH HOH A . 
B 2 HOH 11 211 11 HOH HOH A . 
B 2 HOH 12 212 12 HOH HOH A . 
B 2 HOH 13 213 13 HOH HOH A . 
B 2 HOH 14 214 14 HOH HOH A . 
B 2 HOH 15 215 15 HOH HOH A . 
B 2 HOH 16 216 16 HOH HOH A . 
B 2 HOH 17 217 17 HOH HOH A . 
B 2 HOH 18 218 18 HOH HOH A . 
B 2 HOH 19 219 19 HOH HOH A . 
B 2 HOH 20 220 20 HOH HOH A . 
B 2 HOH 21 221 21 HOH HOH A . 
B 2 HOH 22 222 22 HOH HOH A . 
B 2 HOH 23 223 23 HOH HOH A . 
B 2 HOH 24 224 24 HOH HOH A . 
B 2 HOH 25 225 25 HOH HOH A . 
B 2 HOH 26 226 26 HOH HOH A . 
B 2 HOH 27 227 27 HOH HOH A . 
# 
loop_
_software.name 
_software.classification 
_software.version 
_software.citation_id 
_software.pdbx_ordinal 
HKL-2000 'data collection' .        ? 1 
PHASER   phasing           .        ? 2 
REFMAC   refinement        5.2.0019 ? 3 
HKL-2000 'data reduction'  .        ? 4 
HKL-2000 'data scaling'    .        ? 5 
# 
_cell.entry_id           4GGR 
_cell.length_a           62.099 
_cell.length_b           46.061 
_cell.length_c           47.180 
_cell.angle_alpha        90.00 
_cell.angle_beta         116.66 
_cell.angle_gamma        90.00 
_cell.Z_PDB              4 
_cell.pdbx_unique_axis   ? 
_cell.length_a_esd       ? 
_cell.length_b_esd       ? 
_cell.length_c_esd       ? 
_cell.angle_alpha_esd    ? 
_cell.angle_beta_esd     ? 
_cell.angle_gamma_esd    ? 
# 
_symmetry.entry_id                         4GGR 
_symmetry.space_group_name_H-M             'C 1 2 1' 
_symmetry.pdbx_full_space_group_name_H-M   ? 
_symmetry.cell_setting                     ? 
_symmetry.Int_Tables_number                5 
_symmetry.space_group_name_Hall            ? 
# 
_exptl.entry_id          4GGR 
_exptl.method            'X-RAY DIFFRACTION' 
_exptl.crystals_number   1 
# 
_exptl_crystal.id                    1 
_exptl_crystal.density_meas          ? 
_exptl_crystal.density_Matthews      2.46 
_exptl_crystal.density_percent_sol   50.01 
_exptl_crystal.description           ? 
_exptl_crystal.F_000                 ? 
_exptl_crystal.preparation           ? 
# 
_exptl_crystal_grow.crystal_id      1 
_exptl_crystal_grow.method          MICROBATCH 
_exptl_crystal_grow.temp            293 
_exptl_crystal_grow.temp_details    ? 
_exptl_crystal_grow.pH              8.5 
_exptl_crystal_grow.pdbx_details    '30% PEG4000, 0.2 M magnesium chloride, 0.1 M Tris-HCl, pH 8.5, MICROBATCH, temperature 293K' 
_exptl_crystal_grow.pdbx_pH_range   ? 
# 
_diffrn.id                     1 
_diffrn.ambient_temp           100 
_diffrn.ambient_temp_details   ? 
_diffrn.crystal_id             1 
# 
_diffrn_detector.diffrn_id              1 
_diffrn_detector.detector               CCD 
_diffrn_detector.type                   'ADSC QUANTUM 210' 
_diffrn_detector.pdbx_collection_date   2010-09-02 
_diffrn_detector.details                ? 
# 
_diffrn_radiation.diffrn_id                        1 
_diffrn_radiation.wavelength_id                    1 
_diffrn_radiation.pdbx_monochromatic_or_laue_m_l   M 
_diffrn_radiation.monochromator                    'Diamond(001)' 
_diffrn_radiation.pdbx_diffrn_protocol             'SINGLE WAVELENGTH' 
_diffrn_radiation.pdbx_scattering_type             x-ray 
# 
_diffrn_radiation_wavelength.id           1 
_diffrn_radiation_wavelength.wavelength   0.93 
_diffrn_radiation_wavelength.wt           1.0 
# 
_diffrn_source.diffrn_id                   1 
_diffrn_source.source                      SYNCHROTRON 
_diffrn_source.type                        'ESRF BEAMLINE ID14-4' 
_diffrn_source.pdbx_synchrotron_site       ESRF 
_diffrn_source.pdbx_synchrotron_beamline   ID14-4 
_diffrn_source.pdbx_wavelength             ? 
_diffrn_source.pdbx_wavelength_list        0.93 
# 
_reflns.entry_id                     4GGR 
_reflns.observed_criterion_sigma_I   0.0 
_reflns.observed_criterion_sigma_F   0.0 
_reflns.d_resolution_low             50.0 
_reflns.d_resolution_high            1.9 
_reflns.number_obs                   9133 
_reflns.number_all                   9133 
_reflns.percent_possible_obs         96.4 
_reflns.pdbx_Rmerge_I_obs            ? 
_reflns.pdbx_Rsym_value              ? 
_reflns.pdbx_netI_over_sigmaI        ? 
_reflns.B_iso_Wilson_estimate        ? 
_reflns.pdbx_redundancy              ? 
_reflns.R_free_details               ? 
_reflns.limit_h_max                  ? 
_reflns.limit_h_min                  ? 
_reflns.limit_k_max                  ? 
_reflns.limit_k_min                  ? 
_reflns.limit_l_max                  ? 
_reflns.limit_l_min                  ? 
_reflns.observed_criterion_F_max     ? 
_reflns.observed_criterion_F_min     ? 
_reflns.pdbx_chi_squared             ? 
_reflns.pdbx_scaling_rejects         ? 
_reflns.pdbx_ordinal                 1 
_reflns.pdbx_diffrn_id               1 
# 
_refine.entry_id                                 4GGR 
_refine.ls_number_reflns_obs                     8650 
_refine.ls_number_reflns_all                     8650 
_refine.pdbx_ls_sigma_I                          ? 
_refine.pdbx_ls_sigma_F                          0 
_refine.pdbx_data_cutoff_high_absF               ? 
_refine.pdbx_data_cutoff_low_absF                ? 
_refine.pdbx_data_cutoff_high_rms_absF           ? 
_refine.ls_d_res_low                             42.17 
_refine.ls_d_res_high                            1.90 
_refine.ls_percent_reflns_obs                    95.66 
_refine.ls_R_factor_obs                          0.23799 
_refine.ls_R_factor_all                          ? 
_refine.ls_R_factor_R_work                       0.23594 
_refine.ls_R_factor_R_free                       0.27489 
_refine.ls_R_factor_R_free_error                 ? 
_refine.ls_R_factor_R_free_error_details         ? 
_refine.ls_percent_reflns_R_free                 4.8 
_refine.ls_number_reflns_R_free                  437 
_refine.ls_number_parameters                     ? 
_refine.ls_number_restraints                     ? 
_refine.occupancy_min                            ? 
_refine.occupancy_max                            ? 
_refine.correlation_coeff_Fo_to_Fc               0.948 
_refine.correlation_coeff_Fo_to_Fc_free          0.935 
_refine.B_iso_mean                               35.469 
_refine.aniso_B[1][1]                            1.64 
_refine.aniso_B[2][2]                            -1.80 
_refine.aniso_B[3][3]                            -1.28 
_refine.aniso_B[1][2]                            0.00 
_refine.aniso_B[1][3]                            -1.60 
_refine.aniso_B[2][3]                            0.00 
_refine.solvent_model_details                    MASK 
_refine.solvent_model_param_ksol                 ? 
_refine.solvent_model_param_bsol                 ? 
_refine.pdbx_solvent_vdw_probe_radii             1.20 
_refine.pdbx_solvent_ion_probe_radii             0.80 
_refine.pdbx_solvent_shrinkage_radii             0.80 
_refine.pdbx_ls_cross_valid_method               THROUGHOUT 
_refine.details                                  'HYDROGENS HAVE BEEN ADDED IN THE RIDING POSITIONS' 
_refine.pdbx_starting_model                      'PDB ENTRY 3EW1' 
_refine.pdbx_method_to_determine_struct          'MOLECULAR REPLACEMENT' 
_refine.pdbx_isotropic_thermal_model             ? 
_refine.pdbx_stereochemistry_target_values       'MAXIMUM LIKELIHOOD' 
_refine.pdbx_stereochem_target_val_spec_case     ? 
_refine.pdbx_R_Free_selection_details            RANDOM 
_refine.pdbx_overall_ESU_R                       0.187 
_refine.pdbx_overall_ESU_R_Free                  0.170 
_refine.overall_SU_ML                            0.171 
_refine.pdbx_overall_phase_error                 ? 
_refine.overall_SU_B                             6.163 
_refine.overall_SU_R_Cruickshank_DPI             ? 
_refine.ls_redundancy_reflns_obs                 ? 
_refine.B_iso_min                                ? 
_refine.B_iso_max                                ? 
_refine.overall_SU_R_free                        ? 
_refine.ls_wR_factor_R_free                      ? 
_refine.ls_wR_factor_R_work                      ? 
_refine.overall_FOM_free_R_set                   ? 
_refine.overall_FOM_work_R_set                   ? 
_refine.pdbx_diffrn_id                           1 
_refine.pdbx_refine_id                           'X-RAY DIFFRACTION' 
_refine.pdbx_TLS_residual_ADP_flag               ? 
_refine.pdbx_overall_SU_R_free_Cruickshank_DPI   ? 
_refine.pdbx_overall_SU_R_Blow_DPI               ? 
_refine.pdbx_overall_SU_R_free_Blow_DPI          ? 
# 
_refine_hist.pdbx_refine_id                   'X-RAY DIFFRACTION' 
_refine_hist.cycle_id                         LAST 
_refine_hist.pdbx_number_atoms_protein        826 
_refine_hist.pdbx_number_atoms_nucleic_acid   0 
_refine_hist.pdbx_number_atoms_ligand         0 
_refine_hist.number_atoms_solvent             27 
_refine_hist.number_atoms_total               853 
_refine_hist.d_res_high                       1.90 
_refine_hist.d_res_low                        42.17 
# 
loop_
_refine_ls_restr.type 
_refine_ls_restr.dev_ideal 
_refine_ls_restr.dev_ideal_target 
_refine_ls_restr.weight 
_refine_ls_restr.number 
_refine_ls_restr.pdbx_restraint_function 
_refine_ls_restr.pdbx_refine_id 
r_bond_refined_d             0.014  0.022  ? 859  ? 'X-RAY DIFFRACTION' 
r_bond_other_d               ?      ?      ? ?    ? 'X-RAY DIFFRACTION' 
r_angle_refined_deg          1.756  1.918  ? 1174 ? 'X-RAY DIFFRACTION' 
r_angle_other_deg            ?      ?      ? ?    ? 'X-RAY DIFFRACTION' 
r_dihedral_angle_1_deg       7.469  5.000  ? 107  ? 'X-RAY DIFFRACTION' 
r_dihedral_angle_2_deg       34.243 22.857 ? 35   ? 'X-RAY DIFFRACTION' 
r_dihedral_angle_3_deg       23.444 15.000 ? 124  ? 'X-RAY DIFFRACTION' 
r_dihedral_angle_4_deg       21.910 15.000 ? 4    ? 'X-RAY DIFFRACTION' 
r_chiral_restr               0.127  0.200  ? 122  ? 'X-RAY DIFFRACTION' 
r_gen_planes_refined         0.006  0.020  ? 669  ? 'X-RAY DIFFRACTION' 
r_gen_planes_other           ?      ?      ? ?    ? 'X-RAY DIFFRACTION' 
r_nbd_refined                0.254  0.200  ? 356  ? 'X-RAY DIFFRACTION' 
r_nbd_other                  ?      ?      ? ?    ? 'X-RAY DIFFRACTION' 
r_nbtor_refined              0.326  0.200  ? 585  ? 'X-RAY DIFFRACTION' 
r_nbtor_other                ?      ?      ? ?    ? 'X-RAY DIFFRACTION' 
r_xyhbond_nbd_refined        0.192  0.200  ? 53   ? 'X-RAY DIFFRACTION' 
r_xyhbond_nbd_other          ?      ?      ? ?    ? 'X-RAY DIFFRACTION' 
r_metal_ion_refined          ?      ?      ? ?    ? 'X-RAY DIFFRACTION' 
r_metal_ion_other            ?      ?      ? ?    ? 'X-RAY DIFFRACTION' 
r_symmetry_vdw_refined       0.337  0.200  ? 24   ? 'X-RAY DIFFRACTION' 
r_symmetry_vdw_other         ?      ?      ? ?    ? 'X-RAY DIFFRACTION' 
r_symmetry_hbond_refined     0.285  0.200  ? 4    ? 'X-RAY DIFFRACTION' 
r_symmetry_hbond_other       ?      ?      ? ?    ? 'X-RAY DIFFRACTION' 
r_symmetry_metal_ion_refined ?      ?      ? ?    ? 'X-RAY DIFFRACTION' 
r_symmetry_metal_ion_other   ?      ?      ? ?    ? 'X-RAY DIFFRACTION' 
r_mcbond_it                  1.125  1.500  ? 537  ? 'X-RAY DIFFRACTION' 
r_mcbond_other               ?      ?      ? ?    ? 'X-RAY DIFFRACTION' 
r_mcangle_it                 1.977  2.000  ? 852  ? 'X-RAY DIFFRACTION' 
r_scbond_it                  2.555  3.000  ? 385  ? 'X-RAY DIFFRACTION' 
r_scangle_it                 3.546  4.500  ? 321  ? 'X-RAY DIFFRACTION' 
r_rigid_bond_restr           ?      ?      ? ?    ? 'X-RAY DIFFRACTION' 
r_sphericity_free            ?      ?      ? ?    ? 'X-RAY DIFFRACTION' 
r_sphericity_bonded          ?      ?      ? ?    ? 'X-RAY DIFFRACTION' 
# 
_refine_ls_shell.pdbx_total_number_of_bins_used   20 
_refine_ls_shell.d_res_high                       1.900 
_refine_ls_shell.d_res_low                        1.950 
_refine_ls_shell.number_reflns_R_work             582 
_refine_ls_shell.R_factor_R_work                  0.306 
_refine_ls_shell.percent_reflns_obs               85.96 
_refine_ls_shell.R_factor_R_free                  0.459 
_refine_ls_shell.R_factor_R_free_error            ? 
_refine_ls_shell.percent_reflns_R_free            ? 
_refine_ls_shell.number_reflns_R_free             24 
_refine_ls_shell.number_reflns_all                ? 
_refine_ls_shell.R_factor_all                     ? 
_refine_ls_shell.number_reflns_obs                ? 
_refine_ls_shell.redundancy_reflns_obs            ? 
_refine_ls_shell.pdbx_refine_id                   'X-RAY DIFFRACTION' 
# 
_struct.entry_id                  4GGR 
_struct.title                     'The structure of apo bradavidin2 (Form A)' 
_struct.pdbx_model_details        ? 
_struct.pdbx_CASP_flag            ? 
_struct.pdbx_model_type_details   ? 
# 
_struct_keywords.entry_id        4GGR 
_struct_keywords.pdbx_keywords   'BIOTIN BINDING PROTEIN' 
_struct_keywords.text            
'bradavidin, avidin, oligomeric state, streptavidin, high affinity systems, lipocalin fold, beta barrel, BIOTIN BINDING PROTEIN' 
# 
loop_
_struct_asym.id 
_struct_asym.pdbx_blank_PDB_chainid_flag 
_struct_asym.pdbx_modified 
_struct_asym.entity_id 
_struct_asym.details 
A N N 1 ? 
B N N 2 ? 
# 
_struct_ref.id                         1 
_struct_ref.db_name                    UNP 
_struct_ref.db_code                    Q89U61_BRAJA 
_struct_ref.pdbx_db_accession          Q89U61 
_struct_ref.entity_id                  1 
_struct_ref.pdbx_seq_one_letter_code   
;EAMAQGLPAPSYWKNERGSELLIWSANSGTIQGTFTNHAQGFACQGIPYPAAGSVSPTGLYFVVTFAQCNSFTRWVGTIK
GSQMPTSWTLFYVDNKGKPSRLKGGDIFTRVW
;
_struct_ref.pdbx_align_begin           19 
_struct_ref.pdbx_db_isoform            ? 
# 
_struct_ref_seq.align_id                      1 
_struct_ref_seq.ref_id                        1 
_struct_ref_seq.pdbx_PDB_id_code              4GGR 
_struct_ref_seq.pdbx_strand_id                A 
_struct_ref_seq.seq_align_beg                 4 
_struct_ref_seq.pdbx_seq_align_beg_ins_code   ? 
_struct_ref_seq.seq_align_end                 115 
_struct_ref_seq.pdbx_seq_align_end_ins_code   ? 
_struct_ref_seq.pdbx_db_accession             Q89U61 
_struct_ref_seq.db_align_beg                  19 
_struct_ref_seq.pdbx_db_align_beg_ins_code    ? 
_struct_ref_seq.db_align_end                  130 
_struct_ref_seq.pdbx_db_align_end_ins_code    ? 
_struct_ref_seq.pdbx_auth_seq_align_beg       1 
_struct_ref_seq.pdbx_auth_seq_align_end       112 
# 
loop_
_struct_ref_seq_dif.align_id 
_struct_ref_seq_dif.pdbx_pdb_id_code 
_struct_ref_seq_dif.mon_id 
_struct_ref_seq_dif.pdbx_pdb_strand_id 
_struct_ref_seq_dif.seq_num 
_struct_ref_seq_dif.pdbx_pdb_ins_code 
_struct_ref_seq_dif.pdbx_seq_db_name 
_struct_ref_seq_dif.pdbx_seq_db_accession_code 
_struct_ref_seq_dif.db_mon_id 
_struct_ref_seq_dif.pdbx_seq_db_seq_num 
_struct_ref_seq_dif.details 
_struct_ref_seq_dif.pdbx_auth_seq_num 
_struct_ref_seq_dif.pdbx_ordinal 
1 4GGR GLN A 1 ? UNP Q89U61 ? ? 'expression tag' -2 1 
1 4GGR THR A 2 ? UNP Q89U61 ? ? 'expression tag' -1 2 
1 4GGR VAL A 3 ? UNP Q89U61 ? ? 'expression tag' 0  3 
# 
_pdbx_struct_assembly.id                   1 
_pdbx_struct_assembly.details              author_defined_assembly 
_pdbx_struct_assembly.method_details       ? 
_pdbx_struct_assembly.oligomeric_details   monomeric 
_pdbx_struct_assembly.oligomeric_count     1 
# 
_pdbx_struct_assembly_gen.assembly_id       1 
_pdbx_struct_assembly_gen.oper_expression   1 
_pdbx_struct_assembly_gen.asym_id_list      A,B 
# 
_pdbx_struct_oper_list.id                   1 
_pdbx_struct_oper_list.type                 'identity operation' 
_pdbx_struct_oper_list.name                 1_555 
_pdbx_struct_oper_list.symmetry_operation   x,y,z 
_pdbx_struct_oper_list.matrix[1][1]         1.0000000000 
_pdbx_struct_oper_list.matrix[1][2]         0.0000000000 
_pdbx_struct_oper_list.matrix[1][3]         0.0000000000 
_pdbx_struct_oper_list.vector[1]            0.0000000000 
_pdbx_struct_oper_list.matrix[2][1]         0.0000000000 
_pdbx_struct_oper_list.matrix[2][2]         1.0000000000 
_pdbx_struct_oper_list.matrix[2][3]         0.0000000000 
_pdbx_struct_oper_list.vector[2]            0.0000000000 
_pdbx_struct_oper_list.matrix[3][1]         0.0000000000 
_pdbx_struct_oper_list.matrix[3][2]         0.0000000000 
_pdbx_struct_oper_list.matrix[3][3]         1.0000000000 
_pdbx_struct_oper_list.vector[3]            0.0000000000 
# 
_struct_biol.id        1 
_struct_biol.details   ? 
# 
_struct_conn.id                            disulf1 
_struct_conn.conn_type_id                  disulf 
_struct_conn.pdbx_leaving_atom_flag        ? 
_struct_conn.pdbx_PDB_id                   ? 
_struct_conn.ptnr1_label_asym_id           A 
_struct_conn.ptnr1_label_comp_id           CYS 
_struct_conn.ptnr1_label_seq_id            47 
_struct_conn.ptnr1_label_atom_id           SG 
_struct_conn.pdbx_ptnr1_label_alt_id       ? 
_struct_conn.pdbx_ptnr1_PDB_ins_code       ? 
_struct_conn.pdbx_ptnr1_standard_comp_id   ? 
_struct_conn.ptnr1_symmetry                1_555 
_struct_conn.ptnr2_label_asym_id           A 
_struct_conn.ptnr2_label_comp_id           CYS 
_struct_conn.ptnr2_label_seq_id            72 
_struct_conn.ptnr2_label_atom_id           SG 
_struct_conn.pdbx_ptnr2_label_alt_id       ? 
_struct_conn.pdbx_ptnr2_PDB_ins_code       ? 
_struct_conn.ptnr1_auth_asym_id            A 
_struct_conn.ptnr1_auth_comp_id            CYS 
_struct_conn.ptnr1_auth_seq_id             44 
_struct_conn.ptnr2_auth_asym_id            A 
_struct_conn.ptnr2_auth_comp_id            CYS 
_struct_conn.ptnr2_auth_seq_id             69 
_struct_conn.ptnr2_symmetry                1_555 
_struct_conn.pdbx_ptnr3_label_atom_id      ? 
_struct_conn.pdbx_ptnr3_label_seq_id       ? 
_struct_conn.pdbx_ptnr3_label_comp_id      ? 
_struct_conn.pdbx_ptnr3_label_asym_id      ? 
_struct_conn.pdbx_ptnr3_label_alt_id       ? 
_struct_conn.pdbx_ptnr3_PDB_ins_code       ? 
_struct_conn.details                       ? 
_struct_conn.pdbx_dist_value               2.069 
_struct_conn.pdbx_value_order              ? 
_struct_conn.pdbx_role                     ? 
# 
_struct_conn_type.id          disulf 
_struct_conn_type.criteria    ? 
_struct_conn_type.reference   ? 
# 
_pdbx_modification_feature.ordinal                            1 
_pdbx_modification_feature.label_comp_id                      CYS 
_pdbx_modification_feature.label_asym_id                      A 
_pdbx_modification_feature.label_seq_id                       47 
_pdbx_modification_feature.label_alt_id                       ? 
_pdbx_modification_feature.modified_residue_label_comp_id     CYS 
_pdbx_modification_feature.modified_residue_label_asym_id     A 
_pdbx_modification_feature.modified_residue_label_seq_id      72 
_pdbx_modification_feature.modified_residue_label_alt_id      ? 
_pdbx_modification_feature.auth_comp_id                       CYS 
_pdbx_modification_feature.auth_asym_id                       A 
_pdbx_modification_feature.auth_seq_id                        44 
_pdbx_modification_feature.PDB_ins_code                       ? 
_pdbx_modification_feature.symmetry                           1_555 
_pdbx_modification_feature.modified_residue_auth_comp_id      CYS 
_pdbx_modification_feature.modified_residue_auth_asym_id      A 
_pdbx_modification_feature.modified_residue_auth_seq_id       69 
_pdbx_modification_feature.modified_residue_PDB_ins_code      ? 
_pdbx_modification_feature.modified_residue_symmetry          1_555 
_pdbx_modification_feature.comp_id_linking_atom               SG 
_pdbx_modification_feature.modified_residue_id_linking_atom   SG 
_pdbx_modification_feature.modified_residue_id                . 
_pdbx_modification_feature.ref_pcm_id                         . 
_pdbx_modification_feature.ref_comp_id                        . 
_pdbx_modification_feature.type                               None 
_pdbx_modification_feature.category                           'Disulfide bridge' 
# 
_struct_mon_prot_cis.pdbx_id                1 
_struct_mon_prot_cis.label_comp_id          ALA 
_struct_mon_prot_cis.label_seq_id           12 
_struct_mon_prot_cis.label_asym_id          A 
_struct_mon_prot_cis.label_alt_id           . 
_struct_mon_prot_cis.pdbx_PDB_ins_code      ? 
_struct_mon_prot_cis.auth_comp_id           ALA 
_struct_mon_prot_cis.auth_seq_id            9 
_struct_mon_prot_cis.auth_asym_id           A 
_struct_mon_prot_cis.pdbx_label_comp_id_2   PRO 
_struct_mon_prot_cis.pdbx_label_seq_id_2    13 
_struct_mon_prot_cis.pdbx_label_asym_id_2   A 
_struct_mon_prot_cis.pdbx_PDB_ins_code_2    ? 
_struct_mon_prot_cis.pdbx_auth_comp_id_2    PRO 
_struct_mon_prot_cis.pdbx_auth_seq_id_2     10 
_struct_mon_prot_cis.pdbx_auth_asym_id_2    A 
_struct_mon_prot_cis.pdbx_PDB_model_num     1 
_struct_mon_prot_cis.pdbx_omega_angle       -6.65 
# 
_struct_sheet.id               A 
_struct_sheet.type             ? 
_struct_sheet.number_strands   9 
_struct_sheet.details          ? 
# 
loop_
_struct_sheet_order.sheet_id 
_struct_sheet_order.range_id_1 
_struct_sheet_order.range_id_2 
_struct_sheet_order.offset 
_struct_sheet_order.sense 
A 1 2 ? anti-parallel 
A 2 3 ? anti-parallel 
A 3 4 ? anti-parallel 
A 4 5 ? anti-parallel 
A 5 6 ? anti-parallel 
A 6 7 ? anti-parallel 
A 7 8 ? anti-parallel 
A 8 9 ? anti-parallel 
# 
loop_
_struct_sheet_range.sheet_id 
_struct_sheet_range.id 
_struct_sheet_range.beg_label_comp_id 
_struct_sheet_range.beg_label_asym_id 
_struct_sheet_range.beg_label_seq_id 
_struct_sheet_range.pdbx_beg_PDB_ins_code 
_struct_sheet_range.end_label_comp_id 
_struct_sheet_range.end_label_asym_id 
_struct_sheet_range.end_label_seq_id 
_struct_sheet_range.pdbx_end_PDB_ins_code 
_struct_sheet_range.beg_auth_comp_id 
_struct_sheet_range.beg_auth_asym_id 
_struct_sheet_range.beg_auth_seq_id 
_struct_sheet_range.end_auth_comp_id 
_struct_sheet_range.end_auth_asym_id 
_struct_sheet_range.end_auth_seq_id 
A 1 SER A 14  ? LYS A 17  ? SER A 11 LYS A 14  
A 2 GLU A 23  ? SER A 28  ? GLU A 20 SER A 25  
A 3 THR A 33  ? THR A 39  ? THR A 30 THR A 36  
A 4 PRO A 51  ? SER A 59  ? PRO A 48 SER A 56  
A 5 GLY A 62  ? PHE A 69  ? GLY A 59 PHE A 66  
A 6 SER A 74  ? GLY A 80  ? SER A 71 GLY A 77  
A 7 GLN A 86  ? VAL A 96  ? GLN A 83 VAL A 93  
A 8 PRO A 102 ? VAL A 114 ? PRO A 99 VAL A 111 
A 9 SER A 14  ? LYS A 17  ? SER A 11 LYS A 14  
# 
loop_
_pdbx_struct_sheet_hbond.sheet_id 
_pdbx_struct_sheet_hbond.range_id_1 
_pdbx_struct_sheet_hbond.range_id_2 
_pdbx_struct_sheet_hbond.range_1_label_atom_id 
_pdbx_struct_sheet_hbond.range_1_label_comp_id 
_pdbx_struct_sheet_hbond.range_1_label_asym_id 
_pdbx_struct_sheet_hbond.range_1_label_seq_id 
_pdbx_struct_sheet_hbond.range_1_PDB_ins_code 
_pdbx_struct_sheet_hbond.range_1_auth_atom_id 
_pdbx_struct_sheet_hbond.range_1_auth_comp_id 
_pdbx_struct_sheet_hbond.range_1_auth_asym_id 
_pdbx_struct_sheet_hbond.range_1_auth_seq_id 
_pdbx_struct_sheet_hbond.range_2_label_atom_id 
_pdbx_struct_sheet_hbond.range_2_label_comp_id 
_pdbx_struct_sheet_hbond.range_2_label_asym_id 
_pdbx_struct_sheet_hbond.range_2_label_seq_id 
_pdbx_struct_sheet_hbond.range_2_PDB_ins_code 
_pdbx_struct_sheet_hbond.range_2_auth_atom_id 
_pdbx_struct_sheet_hbond.range_2_auth_comp_id 
_pdbx_struct_sheet_hbond.range_2_auth_asym_id 
_pdbx_struct_sheet_hbond.range_2_auth_seq_id 
A 1 2 N TRP A 16  ? N TRP A 13  O LEU A 24  ? O LEU A 21  
A 2 3 N LEU A 25  ? N LEU A 22  O THR A 37  ? O THR A 34  
A 3 4 N PHE A 38  ? N PHE A 35  O TYR A 52  ? O TYR A 49  
A 4 5 N ALA A 55  ? N ALA A 52  O VAL A 66  ? O VAL A 63  
A 5 6 N PHE A 65  ? N PHE A 62  O TRP A 78  ? O TRP A 75  
A 6 7 N VAL A 79  ? N VAL A 76  O SER A 90  ? O SER A 87  
A 7 8 N THR A 89  ? N THR A 86  O ASP A 109 ? O ASP A 106 
A 8 9 O VAL A 114 ? O VAL A 111 N TYR A 15  ? N TYR A 12  
# 
_pdbx_entry_details.entry_id                   4GGR 
_pdbx_entry_details.compound_details           ? 
_pdbx_entry_details.source_details             ? 
_pdbx_entry_details.nonpolymer_details         ? 
_pdbx_entry_details.sequence_details           ? 
_pdbx_entry_details.has_ligand_of_interest     ? 
_pdbx_entry_details.has_protein_modification   Y 
# 
loop_
_pdbx_validate_close_contact.id 
_pdbx_validate_close_contact.PDB_model_num 
_pdbx_validate_close_contact.auth_atom_id_1 
_pdbx_validate_close_contact.auth_asym_id_1 
_pdbx_validate_close_contact.auth_comp_id_1 
_pdbx_validate_close_contact.auth_seq_id_1 
_pdbx_validate_close_contact.PDB_ins_code_1 
_pdbx_validate_close_contact.label_alt_id_1 
_pdbx_validate_close_contact.auth_atom_id_2 
_pdbx_validate_close_contact.auth_asym_id_2 
_pdbx_validate_close_contact.auth_comp_id_2 
_pdbx_validate_close_contact.auth_seq_id_2 
_pdbx_validate_close_contact.PDB_ins_code_2 
_pdbx_validate_close_contact.label_alt_id_2 
_pdbx_validate_close_contact.dist 
1 1 O  A HOH 206 ? ? O A HOH 227 ? ? 2.14 
2 1 OG A SER 87  ? A O A HOH 224 ? ? 2.19 
# 
_pdbx_validate_rmsd_angle.id                         1 
_pdbx_validate_rmsd_angle.PDB_model_num              1 
_pdbx_validate_rmsd_angle.auth_atom_id_1             CA 
_pdbx_validate_rmsd_angle.auth_asym_id_1             A 
_pdbx_validate_rmsd_angle.auth_comp_id_1             LEU 
_pdbx_validate_rmsd_angle.auth_seq_id_1              60 
_pdbx_validate_rmsd_angle.PDB_ins_code_1             ? 
_pdbx_validate_rmsd_angle.label_alt_id_1             ? 
_pdbx_validate_rmsd_angle.auth_atom_id_2             CB 
_pdbx_validate_rmsd_angle.auth_asym_id_2             A 
_pdbx_validate_rmsd_angle.auth_comp_id_2             LEU 
_pdbx_validate_rmsd_angle.auth_seq_id_2              60 
_pdbx_validate_rmsd_angle.PDB_ins_code_2             ? 
_pdbx_validate_rmsd_angle.label_alt_id_2             ? 
_pdbx_validate_rmsd_angle.auth_atom_id_3             CG 
_pdbx_validate_rmsd_angle.auth_asym_id_3             A 
_pdbx_validate_rmsd_angle.auth_comp_id_3             LEU 
_pdbx_validate_rmsd_angle.auth_seq_id_3              60 
_pdbx_validate_rmsd_angle.PDB_ins_code_3             ? 
_pdbx_validate_rmsd_angle.label_alt_id_3             ? 
_pdbx_validate_rmsd_angle.angle_value                129.10 
_pdbx_validate_rmsd_angle.angle_target_value         115.30 
_pdbx_validate_rmsd_angle.angle_deviation            13.80 
_pdbx_validate_rmsd_angle.angle_standard_deviation   2.30 
_pdbx_validate_rmsd_angle.linker_flag                N 
# 
loop_
_pdbx_validate_torsion.id 
_pdbx_validate_torsion.PDB_model_num 
_pdbx_validate_torsion.auth_comp_id 
_pdbx_validate_torsion.auth_asym_id 
_pdbx_validate_torsion.auth_seq_id 
_pdbx_validate_torsion.PDB_ins_code 
_pdbx_validate_torsion.label_alt_id 
_pdbx_validate_torsion.phi 
_pdbx_validate_torsion.psi 
1 1 ALA A 26 ? ? -144.64 34.41   
2 1 GLN A 68 ? ? 87.17   -6.84   
3 1 ASP A 94 ? ? -68.72  -177.67 
# 
_pdbx_validate_peptide_omega.id               1 
_pdbx_validate_peptide_omega.PDB_model_num    1 
_pdbx_validate_peptide_omega.auth_comp_id_1   GLN 
_pdbx_validate_peptide_omega.auth_asym_id_1   A 
_pdbx_validate_peptide_omega.auth_seq_id_1    68 
_pdbx_validate_peptide_omega.PDB_ins_code_1   ? 
_pdbx_validate_peptide_omega.label_alt_id_1   ? 
_pdbx_validate_peptide_omega.auth_comp_id_2   CYS 
_pdbx_validate_peptide_omega.auth_asym_id_2   A 
_pdbx_validate_peptide_omega.auth_seq_id_2    69 
_pdbx_validate_peptide_omega.PDB_ins_code_2   ? 
_pdbx_validate_peptide_omega.label_alt_id_2   ? 
_pdbx_validate_peptide_omega.omega            142.35 
# 
_pdbx_struct_special_symmetry.id              1 
_pdbx_struct_special_symmetry.PDB_model_num   1 
_pdbx_struct_special_symmetry.auth_asym_id    A 
_pdbx_struct_special_symmetry.auth_comp_id    HOH 
_pdbx_struct_special_symmetry.auth_seq_id     222 
_pdbx_struct_special_symmetry.PDB_ins_code    ? 
_pdbx_struct_special_symmetry.label_asym_id   B 
_pdbx_struct_special_symmetry.label_comp_id   HOH 
_pdbx_struct_special_symmetry.label_seq_id    . 
# 
loop_
_pdbx_unobs_or_zero_occ_residues.id 
_pdbx_unobs_or_zero_occ_residues.PDB_model_num 
_pdbx_unobs_or_zero_occ_residues.polymer_flag 
_pdbx_unobs_or_zero_occ_residues.occupancy_flag 
_pdbx_unobs_or_zero_occ_residues.auth_asym_id 
_pdbx_unobs_or_zero_occ_residues.auth_comp_id 
_pdbx_unobs_or_zero_occ_residues.auth_seq_id 
_pdbx_unobs_or_zero_occ_residues.PDB_ins_code 
_pdbx_unobs_or_zero_occ_residues.label_asym_id 
_pdbx_unobs_or_zero_occ_residues.label_comp_id 
_pdbx_unobs_or_zero_occ_residues.label_seq_id 
1 1 Y 1 A GLN -2 ? A GLN 1 
2 1 Y 1 A THR -1 ? A THR 2 
3 1 Y 1 A VAL 0  ? A VAL 3 
4 1 Y 1 A GLU 1  ? A GLU 4 
5 1 Y 1 A ALA 2  ? A ALA 5 
6 1 Y 1 A MET 3  ? A MET 6 
7 1 Y 1 A ALA 4  ? A ALA 7 
8 1 Y 1 A GLN 5  ? A GLN 8 
9 1 Y 1 A GLY 6  ? A GLY 9 
# 
loop_
_chem_comp_atom.comp_id 
_chem_comp_atom.atom_id 
_chem_comp_atom.type_symbol 
_chem_comp_atom.pdbx_aromatic_flag 
_chem_comp_atom.pdbx_stereo_config 
_chem_comp_atom.pdbx_ordinal 
ALA N    N N N 1   
ALA CA   C N S 2   
ALA C    C N N 3   
ALA O    O N N 4   
ALA CB   C N N 5   
ALA OXT  O N N 6   
ALA H    H N N 7   
ALA H2   H N N 8   
ALA HA   H N N 9   
ALA HB1  H N N 10  
ALA HB2  H N N 11  
ALA HB3  H N N 12  
ALA HXT  H N N 13  
ARG N    N N N 14  
ARG CA   C N S 15  
ARG C    C N N 16  
ARG O    O N N 17  
ARG CB   C N N 18  
ARG CG   C N N 19  
ARG CD   C N N 20  
ARG NE   N N N 21  
ARG CZ   C N N 22  
ARG NH1  N N N 23  
ARG NH2  N N N 24  
ARG OXT  O N N 25  
ARG H    H N N 26  
ARG H2   H N N 27  
ARG HA   H N N 28  
ARG HB2  H N N 29  
ARG HB3  H N N 30  
ARG HG2  H N N 31  
ARG HG3  H N N 32  
ARG HD2  H N N 33  
ARG HD3  H N N 34  
ARG HE   H N N 35  
ARG HH11 H N N 36  
ARG HH12 H N N 37  
ARG HH21 H N N 38  
ARG HH22 H N N 39  
ARG HXT  H N N 40  
ASN N    N N N 41  
ASN CA   C N S 42  
ASN C    C N N 43  
ASN O    O N N 44  
ASN CB   C N N 45  
ASN CG   C N N 46  
ASN OD1  O N N 47  
ASN ND2  N N N 48  
ASN OXT  O N N 49  
ASN H    H N N 50  
ASN H2   H N N 51  
ASN HA   H N N 52  
ASN HB2  H N N 53  
ASN HB3  H N N 54  
ASN HD21 H N N 55  
ASN HD22 H N N 56  
ASN HXT  H N N 57  
ASP N    N N N 58  
ASP CA   C N S 59  
ASP C    C N N 60  
ASP O    O N N 61  
ASP CB   C N N 62  
ASP CG   C N N 63  
ASP OD1  O N N 64  
ASP OD2  O N N 65  
ASP OXT  O N N 66  
ASP H    H N N 67  
ASP H2   H N N 68  
ASP HA   H N N 69  
ASP HB2  H N N 70  
ASP HB3  H N N 71  
ASP HD2  H N N 72  
ASP HXT  H N N 73  
CYS N    N N N 74  
CYS CA   C N R 75  
CYS C    C N N 76  
CYS O    O N N 77  
CYS CB   C N N 78  
CYS SG   S N N 79  
CYS OXT  O N N 80  
CYS H    H N N 81  
CYS H2   H N N 82  
CYS HA   H N N 83  
CYS HB2  H N N 84  
CYS HB3  H N N 85  
CYS HG   H N N 86  
CYS HXT  H N N 87  
GLN N    N N N 88  
GLN CA   C N S 89  
GLN C    C N N 90  
GLN O    O N N 91  
GLN CB   C N N 92  
GLN CG   C N N 93  
GLN CD   C N N 94  
GLN OE1  O N N 95  
GLN NE2  N N N 96  
GLN OXT  O N N 97  
GLN H    H N N 98  
GLN H2   H N N 99  
GLN HA   H N N 100 
GLN HB2  H N N 101 
GLN HB3  H N N 102 
GLN HG2  H N N 103 
GLN HG3  H N N 104 
GLN HE21 H N N 105 
GLN HE22 H N N 106 
GLN HXT  H N N 107 
GLU N    N N N 108 
GLU CA   C N S 109 
GLU C    C N N 110 
GLU O    O N N 111 
GLU CB   C N N 112 
GLU CG   C N N 113 
GLU CD   C N N 114 
GLU OE1  O N N 115 
GLU OE2  O N N 116 
GLU OXT  O N N 117 
GLU H    H N N 118 
GLU H2   H N N 119 
GLU HA   H N N 120 
GLU HB2  H N N 121 
GLU HB3  H N N 122 
GLU HG2  H N N 123 
GLU HG3  H N N 124 
GLU HE2  H N N 125 
GLU HXT  H N N 126 
GLY N    N N N 127 
GLY CA   C N N 128 
GLY C    C N N 129 
GLY O    O N N 130 
GLY OXT  O N N 131 
GLY H    H N N 132 
GLY H2   H N N 133 
GLY HA2  H N N 134 
GLY HA3  H N N 135 
GLY HXT  H N N 136 
HIS N    N N N 137 
HIS CA   C N S 138 
HIS C    C N N 139 
HIS O    O N N 140 
HIS CB   C N N 141 
HIS CG   C Y N 142 
HIS ND1  N Y N 143 
HIS CD2  C Y N 144 
HIS CE1  C Y N 145 
HIS NE2  N Y N 146 
HIS OXT  O N N 147 
HIS H    H N N 148 
HIS H2   H N N 149 
HIS HA   H N N 150 
HIS HB2  H N N 151 
HIS HB3  H N N 152 
HIS HD1  H N N 153 
HIS HD2  H N N 154 
HIS HE1  H N N 155 
HIS HE2  H N N 156 
HIS HXT  H N N 157 
HOH O    O N N 158 
HOH H1   H N N 159 
HOH H2   H N N 160 
ILE N    N N N 161 
ILE CA   C N S 162 
ILE C    C N N 163 
ILE O    O N N 164 
ILE CB   C N S 165 
ILE CG1  C N N 166 
ILE CG2  C N N 167 
ILE CD1  C N N 168 
ILE OXT  O N N 169 
ILE H    H N N 170 
ILE H2   H N N 171 
ILE HA   H N N 172 
ILE HB   H N N 173 
ILE HG12 H N N 174 
ILE HG13 H N N 175 
ILE HG21 H N N 176 
ILE HG22 H N N 177 
ILE HG23 H N N 178 
ILE HD11 H N N 179 
ILE HD12 H N N 180 
ILE HD13 H N N 181 
ILE HXT  H N N 182 
LEU N    N N N 183 
LEU CA   C N S 184 
LEU C    C N N 185 
LEU O    O N N 186 
LEU CB   C N N 187 
LEU CG   C N N 188 
LEU CD1  C N N 189 
LEU CD2  C N N 190 
LEU OXT  O N N 191 
LEU H    H N N 192 
LEU H2   H N N 193 
LEU HA   H N N 194 
LEU HB2  H N N 195 
LEU HB3  H N N 196 
LEU HG   H N N 197 
LEU HD11 H N N 198 
LEU HD12 H N N 199 
LEU HD13 H N N 200 
LEU HD21 H N N 201 
LEU HD22 H N N 202 
LEU HD23 H N N 203 
LEU HXT  H N N 204 
LYS N    N N N 205 
LYS CA   C N S 206 
LYS C    C N N 207 
LYS O    O N N 208 
LYS CB   C N N 209 
LYS CG   C N N 210 
LYS CD   C N N 211 
LYS CE   C N N 212 
LYS NZ   N N N 213 
LYS OXT  O N N 214 
LYS H    H N N 215 
LYS H2   H N N 216 
LYS HA   H N N 217 
LYS HB2  H N N 218 
LYS HB3  H N N 219 
LYS HG2  H N N 220 
LYS HG3  H N N 221 
LYS HD2  H N N 222 
LYS HD3  H N N 223 
LYS HE2  H N N 224 
LYS HE3  H N N 225 
LYS HZ1  H N N 226 
LYS HZ2  H N N 227 
LYS HZ3  H N N 228 
LYS HXT  H N N 229 
MET N    N N N 230 
MET CA   C N S 231 
MET C    C N N 232 
MET O    O N N 233 
MET CB   C N N 234 
MET CG   C N N 235 
MET SD   S N N 236 
MET CE   C N N 237 
MET OXT  O N N 238 
MET H    H N N 239 
MET H2   H N N 240 
MET HA   H N N 241 
MET HB2  H N N 242 
MET HB3  H N N 243 
MET HG2  H N N 244 
MET HG3  H N N 245 
MET HE1  H N N 246 
MET HE2  H N N 247 
MET HE3  H N N 248 
MET HXT  H N N 249 
PHE N    N N N 250 
PHE CA   C N S 251 
PHE C    C N N 252 
PHE O    O N N 253 
PHE CB   C N N 254 
PHE CG   C Y N 255 
PHE CD1  C Y N 256 
PHE CD2  C Y N 257 
PHE CE1  C Y N 258 
PHE CE2  C Y N 259 
PHE CZ   C Y N 260 
PHE OXT  O N N 261 
PHE H    H N N 262 
PHE H2   H N N 263 
PHE HA   H N N 264 
PHE HB2  H N N 265 
PHE HB3  H N N 266 
PHE HD1  H N N 267 
PHE HD2  H N N 268 
PHE HE1  H N N 269 
PHE HE2  H N N 270 
PHE HZ   H N N 271 
PHE HXT  H N N 272 
PRO N    N N N 273 
PRO CA   C N S 274 
PRO C    C N N 275 
PRO O    O N N 276 
PRO CB   C N N 277 
PRO CG   C N N 278 
PRO CD   C N N 279 
PRO OXT  O N N 280 
PRO H    H N N 281 
PRO HA   H N N 282 
PRO HB2  H N N 283 
PRO HB3  H N N 284 
PRO HG2  H N N 285 
PRO HG3  H N N 286 
PRO HD2  H N N 287 
PRO HD3  H N N 288 
PRO HXT  H N N 289 
SER N    N N N 290 
SER CA   C N S 291 
SER C    C N N 292 
SER O    O N N 293 
SER CB   C N N 294 
SER OG   O N N 295 
SER OXT  O N N 296 
SER H    H N N 297 
SER H2   H N N 298 
SER HA   H N N 299 
SER HB2  H N N 300 
SER HB3  H N N 301 
SER HG   H N N 302 
SER HXT  H N N 303 
THR N    N N N 304 
THR CA   C N S 305 
THR C    C N N 306 
THR O    O N N 307 
THR CB   C N R 308 
THR OG1  O N N 309 
THR CG2  C N N 310 
THR OXT  O N N 311 
THR H    H N N 312 
THR H2   H N N 313 
THR HA   H N N 314 
THR HB   H N N 315 
THR HG1  H N N 316 
THR HG21 H N N 317 
THR HG22 H N N 318 
THR HG23 H N N 319 
THR HXT  H N N 320 
TRP N    N N N 321 
TRP CA   C N S 322 
TRP C    C N N 323 
TRP O    O N N 324 
TRP CB   C N N 325 
TRP CG   C Y N 326 
TRP CD1  C Y N 327 
TRP CD2  C Y N 328 
TRP NE1  N Y N 329 
TRP CE2  C Y N 330 
TRP CE3  C Y N 331 
TRP CZ2  C Y N 332 
TRP CZ3  C Y N 333 
TRP CH2  C Y N 334 
TRP OXT  O N N 335 
TRP H    H N N 336 
TRP H2   H N N 337 
TRP HA   H N N 338 
TRP HB2  H N N 339 
TRP HB3  H N N 340 
TRP HD1  H N N 341 
TRP HE1  H N N 342 
TRP HE3  H N N 343 
TRP HZ2  H N N 344 
TRP HZ3  H N N 345 
TRP HH2  H N N 346 
TRP HXT  H N N 347 
TYR N    N N N 348 
TYR CA   C N S 349 
TYR C    C N N 350 
TYR O    O N N 351 
TYR CB   C N N 352 
TYR CG   C Y N 353 
TYR CD1  C Y N 354 
TYR CD2  C Y N 355 
TYR CE1  C Y N 356 
TYR CE2  C Y N 357 
TYR CZ   C Y N 358 
TYR OH   O N N 359 
TYR OXT  O N N 360 
TYR H    H N N 361 
TYR H2   H N N 362 
TYR HA   H N N 363 
TYR HB2  H N N 364 
TYR HB3  H N N 365 
TYR HD1  H N N 366 
TYR HD2  H N N 367 
TYR HE1  H N N 368 
TYR HE2  H N N 369 
TYR HH   H N N 370 
TYR HXT  H N N 371 
VAL N    N N N 372 
VAL CA   C N S 373 
VAL C    C N N 374 
VAL O    O N N 375 
VAL CB   C N N 376 
VAL CG1  C N N 377 
VAL CG2  C N N 378 
VAL OXT  O N N 379 
VAL H    H N N 380 
VAL H2   H N N 381 
VAL HA   H N N 382 
VAL HB   H N N 383 
VAL HG11 H N N 384 
VAL HG12 H N N 385 
VAL HG13 H N N 386 
VAL HG21 H N N 387 
VAL HG22 H N N 388 
VAL HG23 H N N 389 
VAL HXT  H N N 390 
# 
loop_
_chem_comp_bond.comp_id 
_chem_comp_bond.atom_id_1 
_chem_comp_bond.atom_id_2 
_chem_comp_bond.value_order 
_chem_comp_bond.pdbx_aromatic_flag 
_chem_comp_bond.pdbx_stereo_config 
_chem_comp_bond.pdbx_ordinal 
ALA N   CA   sing N N 1   
ALA N   H    sing N N 2   
ALA N   H2   sing N N 3   
ALA CA  C    sing N N 4   
ALA CA  CB   sing N N 5   
ALA CA  HA   sing N N 6   
ALA C   O    doub N N 7   
ALA C   OXT  sing N N 8   
ALA CB  HB1  sing N N 9   
ALA CB  HB2  sing N N 10  
ALA CB  HB3  sing N N 11  
ALA OXT HXT  sing N N 12  
ARG N   CA   sing N N 13  
ARG N   H    sing N N 14  
ARG N   H2   sing N N 15  
ARG CA  C    sing N N 16  
ARG CA  CB   sing N N 17  
ARG CA  HA   sing N N 18  
ARG C   O    doub N N 19  
ARG C   OXT  sing N N 20  
ARG CB  CG   sing N N 21  
ARG CB  HB2  sing N N 22  
ARG CB  HB3  sing N N 23  
ARG CG  CD   sing N N 24  
ARG CG  HG2  sing N N 25  
ARG CG  HG3  sing N N 26  
ARG CD  NE   sing N N 27  
ARG CD  HD2  sing N N 28  
ARG CD  HD3  sing N N 29  
ARG NE  CZ   sing N N 30  
ARG NE  HE   sing N N 31  
ARG CZ  NH1  sing N N 32  
ARG CZ  NH2  doub N N 33  
ARG NH1 HH11 sing N N 34  
ARG NH1 HH12 sing N N 35  
ARG NH2 HH21 sing N N 36  
ARG NH2 HH22 sing N N 37  
ARG OXT HXT  sing N N 38  
ASN N   CA   sing N N 39  
ASN N   H    sing N N 40  
ASN N   H2   sing N N 41  
ASN CA  C    sing N N 42  
ASN CA  CB   sing N N 43  
ASN CA  HA   sing N N 44  
ASN C   O    doub N N 45  
ASN C   OXT  sing N N 46  
ASN CB  CG   sing N N 47  
ASN CB  HB2  sing N N 48  
ASN CB  HB3  sing N N 49  
ASN CG  OD1  doub N N 50  
ASN CG  ND2  sing N N 51  
ASN ND2 HD21 sing N N 52  
ASN ND2 HD22 sing N N 53  
ASN OXT HXT  sing N N 54  
ASP N   CA   sing N N 55  
ASP N   H    sing N N 56  
ASP N   H2   sing N N 57  
ASP CA  C    sing N N 58  
ASP CA  CB   sing N N 59  
ASP CA  HA   sing N N 60  
ASP C   O    doub N N 61  
ASP C   OXT  sing N N 62  
ASP CB  CG   sing N N 63  
ASP CB  HB2  sing N N 64  
ASP CB  HB3  sing N N 65  
ASP CG  OD1  doub N N 66  
ASP CG  OD2  sing N N 67  
ASP OD2 HD2  sing N N 68  
ASP OXT HXT  sing N N 69  
CYS N   CA   sing N N 70  
CYS N   H    sing N N 71  
CYS N   H2   sing N N 72  
CYS CA  C    sing N N 73  
CYS CA  CB   sing N N 74  
CYS CA  HA   sing N N 75  
CYS C   O    doub N N 76  
CYS C   OXT  sing N N 77  
CYS CB  SG   sing N N 78  
CYS CB  HB2  sing N N 79  
CYS CB  HB3  sing N N 80  
CYS SG  HG   sing N N 81  
CYS OXT HXT  sing N N 82  
GLN N   CA   sing N N 83  
GLN N   H    sing N N 84  
GLN N   H2   sing N N 85  
GLN CA  C    sing N N 86  
GLN CA  CB   sing N N 87  
GLN CA  HA   sing N N 88  
GLN C   O    doub N N 89  
GLN C   OXT  sing N N 90  
GLN CB  CG   sing N N 91  
GLN CB  HB2  sing N N 92  
GLN CB  HB3  sing N N 93  
GLN CG  CD   sing N N 94  
GLN CG  HG2  sing N N 95  
GLN CG  HG3  sing N N 96  
GLN CD  OE1  doub N N 97  
GLN CD  NE2  sing N N 98  
GLN NE2 HE21 sing N N 99  
GLN NE2 HE22 sing N N 100 
GLN OXT HXT  sing N N 101 
GLU N   CA   sing N N 102 
GLU N   H    sing N N 103 
GLU N   H2   sing N N 104 
GLU CA  C    sing N N 105 
GLU CA  CB   sing N N 106 
GLU CA  HA   sing N N 107 
GLU C   O    doub N N 108 
GLU C   OXT  sing N N 109 
GLU CB  CG   sing N N 110 
GLU CB  HB2  sing N N 111 
GLU CB  HB3  sing N N 112 
GLU CG  CD   sing N N 113 
GLU CG  HG2  sing N N 114 
GLU CG  HG3  sing N N 115 
GLU CD  OE1  doub N N 116 
GLU CD  OE2  sing N N 117 
GLU OE2 HE2  sing N N 118 
GLU OXT HXT  sing N N 119 
GLY N   CA   sing N N 120 
GLY N   H    sing N N 121 
GLY N   H2   sing N N 122 
GLY CA  C    sing N N 123 
GLY CA  HA2  sing N N 124 
GLY CA  HA3  sing N N 125 
GLY C   O    doub N N 126 
GLY C   OXT  sing N N 127 
GLY OXT HXT  sing N N 128 
HIS N   CA   sing N N 129 
HIS N   H    sing N N 130 
HIS N   H2   sing N N 131 
HIS CA  C    sing N N 132 
HIS CA  CB   sing N N 133 
HIS CA  HA   sing N N 134 
HIS C   O    doub N N 135 
HIS C   OXT  sing N N 136 
HIS CB  CG   sing N N 137 
HIS CB  HB2  sing N N 138 
HIS CB  HB3  sing N N 139 
HIS CG  ND1  sing Y N 140 
HIS CG  CD2  doub Y N 141 
HIS ND1 CE1  doub Y N 142 
HIS ND1 HD1  sing N N 143 
HIS CD2 NE2  sing Y N 144 
HIS CD2 HD2  sing N N 145 
HIS CE1 NE2  sing Y N 146 
HIS CE1 HE1  sing N N 147 
HIS NE2 HE2  sing N N 148 
HIS OXT HXT  sing N N 149 
HOH O   H1   sing N N 150 
HOH O   H2   sing N N 151 
ILE N   CA   sing N N 152 
ILE N   H    sing N N 153 
ILE N   H2   sing N N 154 
ILE CA  C    sing N N 155 
ILE CA  CB   sing N N 156 
ILE CA  HA   sing N N 157 
ILE C   O    doub N N 158 
ILE C   OXT  sing N N 159 
ILE CB  CG1  sing N N 160 
ILE CB  CG2  sing N N 161 
ILE CB  HB   sing N N 162 
ILE CG1 CD1  sing N N 163 
ILE CG1 HG12 sing N N 164 
ILE CG1 HG13 sing N N 165 
ILE CG2 HG21 sing N N 166 
ILE CG2 HG22 sing N N 167 
ILE CG2 HG23 sing N N 168 
ILE CD1 HD11 sing N N 169 
ILE CD1 HD12 sing N N 170 
ILE CD1 HD13 sing N N 171 
ILE OXT HXT  sing N N 172 
LEU N   CA   sing N N 173 
LEU N   H    sing N N 174 
LEU N   H2   sing N N 175 
LEU CA  C    sing N N 176 
LEU CA  CB   sing N N 177 
LEU CA  HA   sing N N 178 
LEU C   O    doub N N 179 
LEU C   OXT  sing N N 180 
LEU CB  CG   sing N N 181 
LEU CB  HB2  sing N N 182 
LEU CB  HB3  sing N N 183 
LEU CG  CD1  sing N N 184 
LEU CG  CD2  sing N N 185 
LEU CG  HG   sing N N 186 
LEU CD1 HD11 sing N N 187 
LEU CD1 HD12 sing N N 188 
LEU CD1 HD13 sing N N 189 
LEU CD2 HD21 sing N N 190 
LEU CD2 HD22 sing N N 191 
LEU CD2 HD23 sing N N 192 
LEU OXT HXT  sing N N 193 
LYS N   CA   sing N N 194 
LYS N   H    sing N N 195 
LYS N   H2   sing N N 196 
LYS CA  C    sing N N 197 
LYS CA  CB   sing N N 198 
LYS CA  HA   sing N N 199 
LYS C   O    doub N N 200 
LYS C   OXT  sing N N 201 
LYS CB  CG   sing N N 202 
LYS CB  HB2  sing N N 203 
LYS CB  HB3  sing N N 204 
LYS CG  CD   sing N N 205 
LYS CG  HG2  sing N N 206 
LYS CG  HG3  sing N N 207 
LYS CD  CE   sing N N 208 
LYS CD  HD2  sing N N 209 
LYS CD  HD3  sing N N 210 
LYS CE  NZ   sing N N 211 
LYS CE  HE2  sing N N 212 
LYS CE  HE3  sing N N 213 
LYS NZ  HZ1  sing N N 214 
LYS NZ  HZ2  sing N N 215 
LYS NZ  HZ3  sing N N 216 
LYS OXT HXT  sing N N 217 
MET N   CA   sing N N 218 
MET N   H    sing N N 219 
MET N   H2   sing N N 220 
MET CA  C    sing N N 221 
MET CA  CB   sing N N 222 
MET CA  HA   sing N N 223 
MET C   O    doub N N 224 
MET C   OXT  sing N N 225 
MET CB  CG   sing N N 226 
MET CB  HB2  sing N N 227 
MET CB  HB3  sing N N 228 
MET CG  SD   sing N N 229 
MET CG  HG2  sing N N 230 
MET CG  HG3  sing N N 231 
MET SD  CE   sing N N 232 
MET CE  HE1  sing N N 233 
MET CE  HE2  sing N N 234 
MET CE  HE3  sing N N 235 
MET OXT HXT  sing N N 236 
PHE N   CA   sing N N 237 
PHE N   H    sing N N 238 
PHE N   H2   sing N N 239 
PHE CA  C    sing N N 240 
PHE CA  CB   sing N N 241 
PHE CA  HA   sing N N 242 
PHE C   O    doub N N 243 
PHE C   OXT  sing N N 244 
PHE CB  CG   sing N N 245 
PHE CB  HB2  sing N N 246 
PHE CB  HB3  sing N N 247 
PHE CG  CD1  doub Y N 248 
PHE CG  CD2  sing Y N 249 
PHE CD1 CE1  sing Y N 250 
PHE CD1 HD1  sing N N 251 
PHE CD2 CE2  doub Y N 252 
PHE CD2 HD2  sing N N 253 
PHE CE1 CZ   doub Y N 254 
PHE CE1 HE1  sing N N 255 
PHE CE2 CZ   sing Y N 256 
PHE CE2 HE2  sing N N 257 
PHE CZ  HZ   sing N N 258 
PHE OXT HXT  sing N N 259 
PRO N   CA   sing N N 260 
PRO N   CD   sing N N 261 
PRO N   H    sing N N 262 
PRO CA  C    sing N N 263 
PRO CA  CB   sing N N 264 
PRO CA  HA   sing N N 265 
PRO C   O    doub N N 266 
PRO C   OXT  sing N N 267 
PRO CB  CG   sing N N 268 
PRO CB  HB2  sing N N 269 
PRO CB  HB3  sing N N 270 
PRO CG  CD   sing N N 271 
PRO CG  HG2  sing N N 272 
PRO CG  HG3  sing N N 273 
PRO CD  HD2  sing N N 274 
PRO CD  HD3  sing N N 275 
PRO OXT HXT  sing N N 276 
SER N   CA   sing N N 277 
SER N   H    sing N N 278 
SER N   H2   sing N N 279 
SER CA  C    sing N N 280 
SER CA  CB   sing N N 281 
SER CA  HA   sing N N 282 
SER C   O    doub N N 283 
SER C   OXT  sing N N 284 
SER CB  OG   sing N N 285 
SER CB  HB2  sing N N 286 
SER CB  HB3  sing N N 287 
SER OG  HG   sing N N 288 
SER OXT HXT  sing N N 289 
THR N   CA   sing N N 290 
THR N   H    sing N N 291 
THR N   H2   sing N N 292 
THR CA  C    sing N N 293 
THR CA  CB   sing N N 294 
THR CA  HA   sing N N 295 
THR C   O    doub N N 296 
THR C   OXT  sing N N 297 
THR CB  OG1  sing N N 298 
THR CB  CG2  sing N N 299 
THR CB  HB   sing N N 300 
THR OG1 HG1  sing N N 301 
THR CG2 HG21 sing N N 302 
THR CG2 HG22 sing N N 303 
THR CG2 HG23 sing N N 304 
THR OXT HXT  sing N N 305 
TRP N   CA   sing N N 306 
TRP N   H    sing N N 307 
TRP N   H2   sing N N 308 
TRP CA  C    sing N N 309 
TRP CA  CB   sing N N 310 
TRP CA  HA   sing N N 311 
TRP C   O    doub N N 312 
TRP C   OXT  sing N N 313 
TRP CB  CG   sing N N 314 
TRP CB  HB2  sing N N 315 
TRP CB  HB3  sing N N 316 
TRP CG  CD1  doub Y N 317 
TRP CG  CD2  sing Y N 318 
TRP CD1 NE1  sing Y N 319 
TRP CD1 HD1  sing N N 320 
TRP CD2 CE2  doub Y N 321 
TRP CD2 CE3  sing Y N 322 
TRP NE1 CE2  sing Y N 323 
TRP NE1 HE1  sing N N 324 
TRP CE2 CZ2  sing Y N 325 
TRP CE3 CZ3  doub Y N 326 
TRP CE3 HE3  sing N N 327 
TRP CZ2 CH2  doub Y N 328 
TRP CZ2 HZ2  sing N N 329 
TRP CZ3 CH2  sing Y N 330 
TRP CZ3 HZ3  sing N N 331 
TRP CH2 HH2  sing N N 332 
TRP OXT HXT  sing N N 333 
TYR N   CA   sing N N 334 
TYR N   H    sing N N 335 
TYR N   H2   sing N N 336 
TYR CA  C    sing N N 337 
TYR CA  CB   sing N N 338 
TYR CA  HA   sing N N 339 
TYR C   O    doub N N 340 
TYR C   OXT  sing N N 341 
TYR CB  CG   sing N N 342 
TYR CB  HB2  sing N N 343 
TYR CB  HB3  sing N N 344 
TYR CG  CD1  doub Y N 345 
TYR CG  CD2  sing Y N 346 
TYR CD1 CE1  sing Y N 347 
TYR CD1 HD1  sing N N 348 
TYR CD2 CE2  doub Y N 349 
TYR CD2 HD2  sing N N 350 
TYR CE1 CZ   doub Y N 351 
TYR CE1 HE1  sing N N 352 
TYR CE2 CZ   sing Y N 353 
TYR CE2 HE2  sing N N 354 
TYR CZ  OH   sing N N 355 
TYR OH  HH   sing N N 356 
TYR OXT HXT  sing N N 357 
VAL N   CA   sing N N 358 
VAL N   H    sing N N 359 
VAL N   H2   sing N N 360 
VAL CA  C    sing N N 361 
VAL CA  CB   sing N N 362 
VAL CA  HA   sing N N 363 
VAL C   O    doub N N 364 
VAL C   OXT  sing N N 365 
VAL CB  CG1  sing N N 366 
VAL CB  CG2  sing N N 367 
VAL CB  HB   sing N N 368 
VAL CG1 HG11 sing N N 369 
VAL CG1 HG12 sing N N 370 
VAL CG1 HG13 sing N N 371 
VAL CG2 HG21 sing N N 372 
VAL CG2 HG22 sing N N 373 
VAL CG2 HG23 sing N N 374 
VAL OXT HXT  sing N N 375 
# 
_pdbx_initial_refinement_model.id               1 
_pdbx_initial_refinement_model.entity_id_list   ? 
_pdbx_initial_refinement_model.type             'experimental model' 
_pdbx_initial_refinement_model.source_name      PDB 
_pdbx_initial_refinement_model.accession_code   3EW1 
_pdbx_initial_refinement_model.details          'PDB ENTRY 3EW1' 
# 
_atom_sites.entry_id                    4GGR 
_atom_sites.fract_transf_matrix[1][1]   -0.00397860 
_atom_sites.fract_transf_matrix[1][2]   -0.01747664 
_atom_sites.fract_transf_matrix[1][3]   -0.00184702 
_atom_sites.fract_transf_matrix[2][1]   0.00475406 
_atom_sites.fract_transf_matrix[2][2]   -0.00329378 
_atom_sites.fract_transf_matrix[2][3]   0.02092544 
_atom_sites.fract_transf_matrix[3][1]   -0.02249429 
_atom_sites.fract_transf_matrix[3][2]   -0.00628654 
_atom_sites.fract_transf_matrix[3][3]   0.00412095 
_atom_sites.fract_transf_vector[1]      0.128221 
_atom_sites.fract_transf_vector[2]      0.039143 
_atom_sites.fract_transf_vector[3]      -0.188194 
# 
loop_
_atom_type.symbol 
C 
N 
O 
S 
# 
loop_
_atom_site.group_PDB 
_atom_site.id 
_atom_site.type_symbol 
_atom_site.label_atom_id 
_atom_site.label_alt_id 
_atom_site.label_comp_id 
_atom_site.label_asym_id 
_atom_site.label_entity_id 
_atom_site.label_seq_id 
_atom_site.pdbx_PDB_ins_code 
_atom_site.Cartn_x 
_atom_site.Cartn_y 
_atom_site.Cartn_z 
_atom_site.occupancy 
_atom_site.B_iso_or_equiv 
_atom_site.pdbx_formal_charge 
_atom_site.auth_seq_id 
_atom_site.auth_comp_id 
_atom_site.auth_asym_id 
_atom_site.auth_atom_id 
_atom_site.pdbx_PDB_model_num 
ATOM   1   N N   . LEU A 1 10  ? -6.407  -13.898 -2.410  1.00 45.28 ? 7   LEU A N   1 
ATOM   2   C CA  . LEU A 1 10  ? -6.300  -12.543 -3.043  1.00 44.83 ? 7   LEU A CA  1 
ATOM   3   C C   . LEU A 1 10  ? -6.877  -12.527 -4.456  1.00 43.62 ? 7   LEU A C   1 
ATOM   4   O O   . LEU A 1 10  ? -6.241  -13.034 -5.381  1.00 44.45 ? 7   LEU A O   1 
ATOM   5   C CB  . LEU A 1 10  ? -4.839  -12.060 -3.065  1.00 45.39 ? 7   LEU A CB  1 
ATOM   6   C CG  . LEU A 1 10  ? -4.550  -10.631 -3.558  1.00 45.67 ? 7   LEU A CG  1 
ATOM   7   C CD1 . LEU A 1 10  ? -4.957  -9.588  -2.547  1.00 47.68 ? 7   LEU A CD1 1 
ATOM   8   C CD2 . LEU A 1 10  ? -3.085  -10.463 -3.888  1.00 45.91 ? 7   LEU A CD2 1 
ATOM   9   N N   . PRO A 1 11  ? -8.077  -11.934 -4.631  1.00 42.35 ? 8   PRO A N   1 
ATOM   10  C CA  . PRO A 1 11  ? -8.728  -11.865 -5.938  1.00 40.97 ? 8   PRO A CA  1 
ATOM   11  C C   . PRO A 1 11  ? -7.991  -10.887 -6.837  1.00 40.11 ? 8   PRO A C   1 
ATOM   12  O O   . PRO A 1 11  ? -7.549  -9.828  -6.374  1.00 40.39 ? 8   PRO A O   1 
ATOM   13  C CB  . PRO A 1 11  ? -10.113 -11.303 -5.607  1.00 41.39 ? 8   PRO A CB  1 
ATOM   14  C CG  . PRO A 1 11  ? -9.867  -10.479 -4.389  1.00 41.54 ? 8   PRO A CG  1 
ATOM   15  C CD  . PRO A 1 11  ? -8.875  -11.261 -3.593  1.00 41.89 ? 8   PRO A CD  1 
ATOM   16  N N   . ALA A 1 12  ? -7.848  -11.240 -8.110  1.00 38.65 ? 9   ALA A N   1 
ATOM   17  C CA  . ALA A 1 12  ? -7.237  -10.336 -9.074  1.00 37.11 ? 9   ALA A CA  1 
ATOM   18  C C   . ALA A 1 12  ? -7.935  -10.445 -10.418 1.00 35.89 ? 9   ALA A C   1 
ATOM   19  O O   . ALA A 1 12  ? -8.173  -11.558 -10.889 1.00 36.57 ? 9   ALA A O   1 
ATOM   20  C CB  . ALA A 1 12  ? -5.761  -10.638 -9.215  1.00 36.28 ? 9   ALA A CB  1 
ATOM   21  N N   . PRO A 1 13  ? -8.238  -9.300  -11.060 1.00 34.23 ? 10  PRO A N   1 
ATOM   22  C CA  . PRO A 1 13  ? -8.110  -7.933  -10.592 1.00 32.99 ? 10  PRO A CA  1 
ATOM   23  C C   . PRO A 1 13  ? -9.128  -7.599  -9.519  1.00 32.23 ? 10  PRO A C   1 
ATOM   24  O O   . PRO A 1 13  ? -10.157 -8.269  -9.417  1.00 31.93 ? 10  PRO A O   1 
ATOM   25  C CB  . PRO A 1 13  ? -8.413  -7.098  -11.847 1.00 33.04 ? 10  PRO A CB  1 
ATOM   26  C CG  . PRO A 1 13  ? -8.224  -8.022  -12.979 1.00 33.31 ? 10  PRO A CG  1 
ATOM   27  C CD  . PRO A 1 13  ? -8.687  -9.333  -12.462 1.00 34.49 ? 10  PRO A CD  1 
ATOM   28  N N   . SER A 1 14  ? -8.818  -6.588  -8.715  1.00 30.52 ? 11  SER A N   1 
ATOM   29  C CA  . SER A 1 14  ? -9.712  -6.085  -7.668  1.00 28.60 ? 11  SER A CA  1 
ATOM   30  C C   . SER A 1 14  ? -9.255  -4.709  -7.360  1.00 28.42 ? 11  SER A C   1 
ATOM   31  O O   . SER A 1 14  ? -8.180  -4.301  -7.756  1.00 27.74 ? 11  SER A O   1 
ATOM   32  C CB  . SER A 1 14  ? -9.715  -6.957  -6.411  1.00 29.60 ? 11  SER A CB  1 
ATOM   33  O OG  . SER A 1 14  ? -8.415  -7.275  -5.947  1.00 30.97 ? 11  SER A OG  1 
ATOM   34  N N   . TYR A 1 15  ? -10.092 -3.953  -6.682  1.00 27.91 ? 12  TYR A N   1 
ATOM   35  C CA  . TYR A 1 15  ? -9.780  -2.587  -6.448  1.00 27.94 ? 12  TYR A CA  1 
ATOM   36  C C   . TYR A 1 15  ? -10.241 -2.370  -5.022  1.00 27.82 ? 12  TYR A C   1 
ATOM   37  O O   . TYR A 1 15  ? -11.376 -2.741  -4.672  1.00 26.66 ? 12  TYR A O   1 
ATOM   38  C CB  . TYR A 1 15  ? -10.527 -1.734  -7.450  1.00 29.67 ? 12  TYR A CB  1 
ATOM   39  C CG  . TYR A 1 15  ? -10.478 -0.263  -7.219  1.00 31.13 ? 12  TYR A CG  1 
ATOM   40  C CD1 . TYR A 1 15  ? -9.366  0.492   -7.579  1.00 33.89 ? 12  TYR A CD1 1 
ATOM   41  C CD2 . TYR A 1 15  ? -11.583 0.393   -6.700  1.00 35.71 ? 12  TYR A CD2 1 
ATOM   42  C CE1 . TYR A 1 15  ? -9.346  1.855   -7.386  1.00 34.90 ? 12  TYR A CE1 1 
ATOM   43  C CE2 . TYR A 1 15  ? -11.581 1.750   -6.504  1.00 36.13 ? 12  TYR A CE2 1 
ATOM   44  C CZ  . TYR A 1 15  ? -10.468 2.475   -6.848  1.00 36.50 ? 12  TYR A CZ  1 
ATOM   45  O OH  . TYR A 1 15  ? -10.497 3.832   -6.622  1.00 37.72 ? 12  TYR A OH  1 
ATOM   46  N N   . TRP A 1 16  ? -9.314  -1.864  -4.205  1.00 27.13 ? 13  TRP A N   1 
ATOM   47  C CA  . TRP A 1 16  ? -9.520  -1.633  -2.782  1.00 27.10 ? 13  TRP A CA  1 
ATOM   48  C C   . TRP A 1 16  ? -9.181  -0.184  -2.456  1.00 27.37 ? 13  TRP A C   1 
ATOM   49  O O   . TRP A 1 16  ? -8.342  0.425   -3.115  1.00 27.82 ? 13  TRP A O   1 
ATOM   50  C CB  . TRP A 1 16  ? -8.603  -2.530  -1.968  1.00 26.96 ? 13  TRP A CB  1 
ATOM   51  C CG  . TRP A 1 16  ? -8.590  -3.983  -2.347  1.00 25.60 ? 13  TRP A CG  1 
ATOM   52  C CD1 . TRP A 1 16  ? -8.099  -4.529  -3.498  1.00 26.97 ? 13  TRP A CD1 1 
ATOM   53  C CD2 . TRP A 1 16  ? -9.061  -5.070  -1.549  1.00 25.35 ? 13  TRP A CD2 1 
ATOM   54  N NE1 . TRP A 1 16  ? -8.235  -5.913  -3.465  1.00 26.58 ? 13  TRP A NE1 1 
ATOM   55  C CE2 . TRP A 1 16  ? -8.823  -6.264  -2.276  1.00 27.38 ? 13  TRP A CE2 1 
ATOM   56  C CE3 . TRP A 1 16  ? -9.663  -5.160  -0.280  1.00 28.26 ? 13  TRP A CE3 1 
ATOM   57  C CZ2 . TRP A 1 16  ? -9.198  -7.528  -1.787  1.00 28.15 ? 13  TRP A CZ2 1 
ATOM   58  C CZ3 . TRP A 1 16  ? -10.025 -6.434  0.217   1.00 26.99 ? 13  TRP A CZ3 1 
ATOM   59  C CH2 . TRP A 1 16  ? -9.783  -7.597  -0.545  1.00 27.36 ? 13  TRP A CH2 1 
ATOM   60  N N   . LYS A 1 17  ? -9.838  0.367   -1.438  1.00 27.33 ? 14  LYS A N   1 
ATOM   61  C CA  . LYS A 1 17  ? -9.613  1.735   -1.001  1.00 28.04 ? 14  LYS A CA  1 
ATOM   62  C C   . LYS A 1 17  ? -9.447  1.727   0.530   1.00 27.20 ? 14  LYS A C   1 
ATOM   63  O O   . LYS A 1 17  ? -10.159 0.991   1.192   1.00 26.05 ? 14  LYS A O   1 
ATOM   64  C CB  . LYS A 1 17  ? -10.821 2.572   -1.356  1.00 28.70 ? 14  LYS A CB  1 
ATOM   65  C CG  . LYS A 1 17  ? -10.727 3.346   -2.657  1.00 32.25 ? 14  LYS A CG  1 
ATOM   66  C CD  . LYS A 1 17  ? -11.719 4.529   -2.611  1.00 36.76 ? 14  LYS A CD  1 
ATOM   67  C CE  . LYS A 1 17  ? -11.196 5.751   -3.328  1.00 39.51 ? 14  LYS A CE  1 
ATOM   68  N NZ  . LYS A 1 17  ? -11.220 5.615   -4.836  1.00 44.79 ? 14  LYS A NZ  1 
ATOM   69  N N   . ASN A 1 18  ? -8.511  2.498   1.084   1.00 26.94 ? 15  ASN A N   1 
ATOM   70  C CA  . ASN A 1 18  ? -8.384  2.562   2.540   1.00 28.61 ? 15  ASN A CA  1 
ATOM   71  C C   . ASN A 1 18  ? -9.280  3.647   3.047   1.00 29.67 ? 15  ASN A C   1 
ATOM   72  O O   . ASN A 1 18  ? -10.002 4.244   2.256   1.00 29.04 ? 15  ASN A O   1 
ATOM   73  C CB  . ASN A 1 18  ? -6.943  2.731   3.073   1.00 28.30 ? 15  ASN A CB  1 
ATOM   74  C CG  . ASN A 1 18  ? -6.344  4.074   2.756   1.00 27.36 ? 15  ASN A CG  1 
ATOM   75  O OD1 . ASN A 1 18  ? -7.036  4.985   2.351   1.00 30.75 ? 15  ASN A OD1 1 
ATOM   76  N ND2 . ASN A 1 18  ? -5.027  4.208   2.933   1.00 29.12 ? 15  ASN A ND2 1 
ATOM   77  N N   . GLU A 1 19  ? -9.238  3.896   4.358   1.00 31.75 ? 16  GLU A N   1 
ATOM   78  C CA  . GLU A 1 19  ? -10.151 4.854   4.977   1.00 34.49 ? 16  GLU A CA  1 
ATOM   79  C C   . GLU A 1 19  ? -9.759  6.271   4.615   1.00 34.07 ? 16  GLU A C   1 
ATOM   80  O O   . GLU A 1 19  ? -10.543 7.190   4.831   1.00 34.09 ? 16  GLU A O   1 
ATOM   81  C CB  . GLU A 1 19  ? -10.207 4.707   6.512   1.00 34.61 ? 16  GLU A CB  1 
ATOM   82  C CG  . GLU A 1 19  ? -9.782  3.325   7.062   1.00 39.18 ? 16  GLU A CG  1 
ATOM   83  C CD  . GLU A 1 19  ? -10.307 3.001   8.475   1.00 39.66 ? 16  GLU A CD  1 
ATOM   84  O OE1 . GLU A 1 19  ? -11.546 2.909   8.661   1.00 46.58 ? 16  GLU A OE1 1 
ATOM   85  O OE2 . GLU A 1 19  ? -9.472  2.782   9.389   1.00 45.51 ? 16  GLU A OE2 1 
ATOM   86  N N   . ARG A 1 20  ? -8.556  6.450   4.069   1.00 32.87 ? 17  ARG A N   1 
ATOM   87  C CA  . ARG A 1 20  ? -8.078  7.789   3.707   1.00 32.68 ? 17  ARG A CA  1 
ATOM   88  C C   . ARG A 1 20  ? -8.434  8.089   2.267   1.00 31.59 ? 17  ARG A C   1 
ATOM   89  O O   . ARG A 1 20  ? -8.337  9.215   1.834   1.00 32.68 ? 17  ARG A O   1 
ATOM   90  C CB  . ARG A 1 20  ? -6.558  7.930   3.920   1.00 33.16 ? 17  ARG A CB  1 
ATOM   91  C CG  . ARG A 1 20  ? -6.100  7.634   5.342   1.00 34.39 ? 17  ARG A CG  1 
ATOM   92  C CD  . ARG A 1 20  ? -4.650  7.135   5.323   1.00 40.06 ? 17  ARG A CD  1 
ATOM   93  N NE  . ARG A 1 20  ? -4.368  6.151   6.367   1.00 40.67 ? 17  ARG A NE  1 
ATOM   94  C CZ  . ARG A 1 20  ? -4.029  6.449   7.620   1.00 43.92 ? 17  ARG A CZ  1 
ATOM   95  N NH1 . ARG A 1 20  ? -3.913  7.719   8.003   1.00 45.46 ? 17  ARG A NH1 1 
ATOM   96  N NH2 . ARG A 1 20  ? -3.797  5.474   8.497   1.00 45.47 ? 17  ARG A NH2 1 
ATOM   97  N N   . GLY A 1 21  ? -8.879  7.087   1.530   1.00 29.82 ? 18  GLY A N   1 
ATOM   98  C CA  . GLY A 1 21  ? -9.187  7.298   0.126   1.00 29.43 ? 18  GLY A CA  1 
ATOM   99  C C   . GLY A 1 21  ? -8.089  6.857   -0.821  1.00 29.29 ? 18  GLY A C   1 
ATOM   100 O O   . GLY A 1 21  ? -8.222  7.017   -2.029  1.00 29.50 ? 18  GLY A O   1 
ATOM   101 N N   . SER A 1 22  ? -6.988  6.336   -0.286  1.00 27.71 ? 19  SER A N   1 
ATOM   102 C CA  . SER A 1 22  ? -5.914  5.851   -1.146  1.00 27.58 ? 19  SER A CA  1 
ATOM   103 C C   . SER A 1 22  ? -6.401  4.635   -1.872  1.00 27.42 ? 19  SER A C   1 
ATOM   104 O O   . SER A 1 22  ? -7.210  3.897   -1.343  1.00 27.27 ? 19  SER A O   1 
ATOM   105 C CB  . SER A 1 22  ? -4.678  5.537   -0.321  1.00 27.15 ? 19  SER A CB  1 
ATOM   106 O OG  . SER A 1 22  ? -4.217  6.758   0.253   1.00 28.20 ? 19  SER A OG  1 
ATOM   107 N N   . GLU A 1 23  ? -5.930  4.411   -3.092  1.00 27.88 ? 20  GLU A N   1 
ATOM   108 C CA  . GLU A 1 23  ? -6.503  3.340   -3.889  1.00 28.16 ? 20  GLU A CA  1 
ATOM   109 C C   . GLU A 1 23  ? -5.449  2.297   -4.189  1.00 27.48 ? 20  GLU A C   1 
ATOM   110 O O   . GLU A 1 23  ? -4.278  2.654   -4.426  1.00 26.25 ? 20  GLU A O   1 
ATOM   111 C CB  . GLU A 1 23  ? -6.998  3.884   -5.222  1.00 28.91 ? 20  GLU A CB  1 
ATOM   112 C CG  . GLU A 1 23  ? -7.756  5.205   -5.219  1.00 30.79 ? 20  GLU A CG  1 
ATOM   113 C CD  . GLU A 1 23  ? -7.845  5.780   -6.630  1.00 32.21 ? 20  GLU A CD  1 
ATOM   114 O OE1 . GLU A 1 23  ? -7.326  6.899   -6.888  1.00 37.88 ? 20  GLU A OE1 1 
ATOM   115 O OE2 . GLU A 1 23  ? -8.406  5.099   -7.504  1.00 38.49 ? 20  GLU A OE2 1 
ATOM   116 N N   . LEU A 1 24  ? -5.867  1.031   -4.210  1.00 25.80 ? 21  LEU A N   1 
ATOM   117 C CA  . LEU A 1 24  ? -5.003  -0.071  -4.577  1.00 26.83 ? 21  LEU A CA  1 
ATOM   118 C C   . LEU A 1 24  ? -5.723  -0.918  -5.627  1.00 26.96 ? 21  LEU A C   1 
ATOM   119 O O   . LEU A 1 24  ? -6.780  -1.502  -5.360  1.00 26.02 ? 21  LEU A O   1 
ATOM   120 C CB  . LEU A 1 24  ? -4.651  -0.905  -3.339  1.00 26.50 ? 21  LEU A CB  1 
ATOM   121 C CG  . LEU A 1 24  ? -3.932  -2.230  -3.512  1.00 27.91 ? 21  LEU A CG  1 
ATOM   122 C CD1 . LEU A 1 24  ? -2.568  -2.060  -4.198  1.00 30.37 ? 21  LEU A CD1 1 
ATOM   123 C CD2 . LEU A 1 24  ? -3.804  -2.914  -2.154  1.00 28.07 ? 21  LEU A CD2 1 
ATOM   124 N N   . LEU A 1 25  ? -5.152  -0.951  -6.832  1.00 27.53 ? 22  LEU A N   1 
ATOM   125 C CA  . LEU A 1 25  ? -5.647  -1.773  -7.917  1.00 28.19 ? 22  LEU A CA  1 
ATOM   126 C C   . LEU A 1 25  ? -4.719  -2.963  -8.027  1.00 29.10 ? 22  LEU A C   1 
ATOM   127 O O   . LEU A 1 25  ? -3.526  -2.790  -8.259  1.00 28.02 ? 22  LEU A O   1 
ATOM   128 C CB  . LEU A 1 25  ? -5.567  -0.982  -9.210  1.00 28.19 ? 22  LEU A CB  1 
ATOM   129 C CG  . LEU A 1 25  ? -6.255  -1.394  -10.524 1.00 30.33 ? 22  LEU A CG  1 
ATOM   130 C CD1 . LEU A 1 25  ? -5.409  -0.904  -11.677 1.00 29.93 ? 22  LEU A CD1 1 
ATOM   131 C CD2 . LEU A 1 25  ? -6.563  -2.888  -10.677 1.00 32.15 ? 22  LEU A CD2 1 
ATOM   132 N N   . ILE A 1 26  ? -5.255  -4.171  -7.860  1.00 30.21 ? 23  ILE A N   1 
ATOM   133 C CA  . ILE A 1 26  ? -4.469  -5.389  -8.005  1.00 31.42 ? 23  ILE A CA  1 
ATOM   134 C C   . ILE A 1 26  ? -4.712  -5.934  -9.403  1.00 32.60 ? 23  ILE A C   1 
ATOM   135 O O   . ILE A 1 26  ? -5.862  -6.137  -9.799  1.00 32.51 ? 23  ILE A O   1 
ATOM   136 C CB  . ILE A 1 26  ? -4.854  -6.410  -6.951  1.00 31.41 ? 23  ILE A CB  1 
ATOM   137 C CG1 . ILE A 1 26  ? -4.585  -5.804  -5.574  1.00 32.52 ? 23  ILE A CG1 1 
ATOM   138 C CG2 . ILE A 1 26  ? -4.033  -7.682  -7.104  1.00 32.05 ? 23  ILE A CG2 1 
ATOM   139 C CD1 . ILE A 1 26  ? -5.388  -6.453  -4.465  1.00 37.94 ? 23  ILE A CD1 1 
ATOM   140 N N   . TRP A 1 27  ? -3.627  -6.129  -10.147 1.00 33.65 ? 24  TRP A N   1 
ATOM   141 C CA  . TRP A 1 27  ? -3.689  -6.663  -11.507 1.00 34.90 ? 24  TRP A CA  1 
ATOM   142 C C   . TRP A 1 27  ? -3.599  -8.188  -11.515 1.00 36.67 ? 24  TRP A C   1 
ATOM   143 O O   . TRP A 1 27  ? -4.292  -8.845  -12.277 1.00 36.57 ? 24  TRP A O   1 
ATOM   144 C CB  . TRP A 1 27  ? -2.560  -6.099  -12.357 1.00 34.54 ? 24  TRP A CB  1 
ATOM   145 C CG  . TRP A 1 27  ? -2.696  -4.656  -12.635 1.00 35.01 ? 24  TRP A CG  1 
ATOM   146 C CD1 . TRP A 1 27  ? -2.298  -3.638  -11.830 1.00 36.55 ? 24  TRP A CD1 1 
ATOM   147 C CD2 . TRP A 1 27  ? -3.259  -4.053  -13.801 1.00 35.95 ? 24  TRP A CD2 1 
ATOM   148 N NE1 . TRP A 1 27  ? -2.596  -2.429  -12.406 1.00 37.62 ? 24  TRP A NE1 1 
ATOM   149 C CE2 . TRP A 1 27  ? -3.187  -2.656  -13.622 1.00 36.82 ? 24  TRP A CE2 1 
ATOM   150 C CE3 . TRP A 1 27  ? -3.832  -4.551  -14.974 1.00 34.87 ? 24  TRP A CE3 1 
ATOM   151 C CZ2 . TRP A 1 27  ? -3.656  -1.755  -14.584 1.00 36.19 ? 24  TRP A CZ2 1 
ATOM   152 C CZ3 . TRP A 1 27  ? -4.305  -3.657  -15.918 1.00 35.03 ? 24  TRP A CZ3 1 
ATOM   153 C CH2 . TRP A 1 27  ? -4.215  -2.276  -15.722 1.00 35.56 ? 24  TRP A CH2 1 
ATOM   154 N N   . SER A 1 28  ? -2.743  -8.741  -10.665 1.00 38.23 ? 25  SER A N   1 
ATOM   155 C CA  . SER A 1 28  ? -2.497  -10.173 -10.626 1.00 40.52 ? 25  SER A CA  1 
ATOM   156 C C   . SER A 1 28  ? -1.876  -10.553 -9.297  1.00 41.76 ? 25  SER A C   1 
ATOM   157 O O   . SER A 1 28  ? -1.298  -9.704  -8.619  1.00 41.75 ? 25  SER A O   1 
ATOM   158 C CB  . SER A 1 28  ? -1.546  -10.579 -11.754 1.00 40.66 ? 25  SER A CB  1 
ATOM   159 O OG  . SER A 1 28  ? -0.341  -9.850  -11.643 1.00 41.06 ? 25  SER A OG  1 
ATOM   160 N N   . ALA A 1 29  ? -1.999  -11.833 -8.951  1.00 43.82 ? 26  ALA A N   1 
ATOM   161 C CA  . ALA A 1 29  ? -1.401  -12.427 -7.756  1.00 46.09 ? 26  ALA A CA  1 
ATOM   162 C C   . ALA A 1 29  ? -0.972  -13.855 -8.077  1.00 48.00 ? 26  ALA A C   1 
ATOM   163 O O   . ALA A 1 29  ? -1.011  -14.731 -7.200  1.00 48.53 ? 26  ALA A O   1 
ATOM   164 C CB  . ALA A 1 29  ? -2.394  -12.440 -6.627  1.00 45.83 ? 26  ALA A CB  1 
ATOM   165 N N   . ASN A 1 30  ? -0.530  -14.069 -9.319  1.00 49.61 ? 27  ASN A N   1 
ATOM   166 C CA  . ASN A 1 30  ? -0.469  -15.403 -9.909  1.00 51.86 ? 27  ASN A CA  1 
ATOM   167 C C   . ASN A 1 30  ? 0.161   -16.515 -9.053  1.00 52.36 ? 27  ASN A C   1 
ATOM   168 O O   . ASN A 1 30  ? -0.425  -17.590 -8.865  1.00 53.27 ? 27  ASN A O   1 
ATOM   169 C CB  . ASN A 1 30  ? 0.186   -15.350 -11.299 1.00 52.68 ? 27  ASN A CB  1 
ATOM   170 C CG  . ASN A 1 30  ? 1.716   -15.285 -11.234 1.00 56.49 ? 27  ASN A CG  1 
ATOM   171 O OD1 . ASN A 1 30  ? 2.419   -16.010 -11.964 1.00 60.34 ? 27  ASN A OD1 1 
ATOM   172 N ND2 . ASN A 1 30  ? 2.242   -14.427 -10.348 1.00 59.62 ? 27  ASN A ND2 1 
ATOM   173 N N   . SER A 1 31  ? 1.360   -16.282 -8.555  1.00 52.39 ? 28  SER A N   1 
ATOM   174 C CA  . SER A 1 31  ? 2.018   -17.306 -7.780  1.00 52.42 ? 28  SER A CA  1 
ATOM   175 C C   . SER A 1 31  ? 2.614   -16.603 -6.584  1.00 51.84 ? 28  SER A C   1 
ATOM   176 O O   . SER A 1 31  ? 3.836   -16.479 -6.451  1.00 52.38 ? 28  SER A O   1 
ATOM   177 C CB  . SER A 1 31  ? 3.073   -18.027 -8.613  1.00 52.63 ? 28  SER A CB  1 
ATOM   178 O OG  . SER A 1 31  ? 2.873   -19.435 -8.545  1.00 54.19 ? 28  SER A OG  1 
ATOM   179 N N   . GLY A 1 32  ? 1.715   -16.081 -5.756  1.00 50.79 ? 29  GLY A N   1 
ATOM   180 C CA  . GLY A 1 32  ? 2.070   -15.468 -4.494  1.00 49.62 ? 29  GLY A CA  1 
ATOM   181 C C   . GLY A 1 32  ? 2.748   -14.120 -4.594  1.00 48.79 ? 29  GLY A C   1 
ATOM   182 O O   . GLY A 1 32  ? 3.134   -13.554 -3.574  1.00 49.23 ? 29  GLY A O   1 
ATOM   183 N N   . THR A 1 33  ? 2.882   -13.601 -5.812  1.00 47.38 ? 30  THR A N   1 
ATOM   184 C CA  . THR A 1 33  ? 3.576   -12.331 -6.044  1.00 46.21 ? 30  THR A CA  1 
ATOM   185 C C   . THR A 1 33  ? 2.587   -11.315 -6.613  1.00 44.86 ? 30  THR A C   1 
ATOM   186 O O   . THR A 1 33  ? 2.166   -11.446 -7.757  1.00 45.02 ? 30  THR A O   1 
ATOM   187 C CB  . THR A 1 33  ? 4.728   -12.524 -7.037  1.00 46.46 ? 30  THR A CB  1 
ATOM   188 O OG1 . THR A 1 33  ? 4.189   -12.996 -8.270  1.00 47.35 ? 30  THR A OG1 1 
ATOM   189 C CG2 . THR A 1 33  ? 5.736   -13.550 -6.511  1.00 46.35 ? 30  THR A CG2 1 
ATOM   190 N N   . ILE A 1 34  ? 2.201   -10.317 -5.821  1.00 42.75 ? 31  ILE A N   1 
ATOM   191 C CA  . ILE A 1 34  ? 1.142   -9.412  -6.246  1.00 41.36 ? 31  ILE A CA  1 
ATOM   192 C C   . ILE A 1 34  ? 1.721   -8.319  -7.109  1.00 40.60 ? 31  ILE A C   1 
ATOM   193 O O   . ILE A 1 34  ? 2.831   -7.857  -6.871  1.00 40.29 ? 31  ILE A O   1 
ATOM   194 C CB  . ILE A 1 34  ? 0.298   -8.763  -5.059  1.00 41.48 ? 31  ILE A CB  1 
ATOM   195 C CG1 . ILE A 1 34  ? 0.503   -7.251  -4.966  1.00 41.77 ? 31  ILE A CG1 1 
ATOM   196 C CG2 . ILE A 1 34  ? 0.522   -9.451  -3.711  1.00 40.80 ? 31  ILE A CG2 1 
ATOM   197 C CD1 . ILE A 1 34  ? -0.782  -6.498  -4.893  1.00 45.72 ? 31  ILE A CD1 1 
ATOM   198 N N   . GLN A 1 35  ? 0.979   -7.904  -8.125  1.00 39.26 ? 32  GLN A N   1 
ATOM   199 C CA  . GLN A 1 35  ? 1.390   -6.739  -8.880  1.00 38.40 ? 32  GLN A CA  1 
ATOM   200 C C   . GLN A 1 35  ? 0.208   -5.796  -8.943  1.00 35.68 ? 32  GLN A C   1 
ATOM   201 O O   . GLN A 1 35  ? -0.934  -6.201  -9.164  1.00 35.23 ? 32  GLN A O   1 
ATOM   202 C CB  . GLN A 1 35  ? 1.997   -7.117  -10.228 1.00 38.55 ? 32  GLN A CB  1 
ATOM   203 C CG  . GLN A 1 35  ? 1.107   -7.028  -11.446 1.00 41.93 ? 32  GLN A CG  1 
ATOM   204 C CD  . GLN A 1 35  ? 1.817   -7.492  -12.739 1.00 42.15 ? 32  GLN A CD  1 
ATOM   205 O OE1 . GLN A 1 35  ? 2.986   -7.909  -12.719 1.00 47.42 ? 32  GLN A OE1 1 
ATOM   206 N NE2 . GLN A 1 35  ? 1.097   -7.426  -13.867 1.00 47.26 ? 32  GLN A NE2 1 
ATOM   207 N N   . GLY A 1 36  ? 0.474   -4.535  -8.693  1.00 33.29 ? 33  GLY A N   1 
ATOM   208 C CA  . GLY A 1 36  ? -0.616  -3.636  -8.475  1.00 30.79 ? 33  GLY A CA  1 
ATOM   209 C C   . GLY A 1 36  ? -0.226  -2.239  -8.845  1.00 29.79 ? 33  GLY A C   1 
ATOM   210 O O   . GLY A 1 36  ? 0.907   -1.982  -9.265  1.00 27.54 ? 33  GLY A O   1 
ATOM   211 N N   . THR A 1 37  ? -1.175  -1.333  -8.660  1.00 27.91 ? 34  THR A N   1 
ATOM   212 C CA  . THR A 1 37  ? -0.924  0.083   -8.806  1.00 28.09 ? 34  THR A CA  1 
ATOM   213 C C   . THR A 1 37  ? -1.545  0.738   -7.595  1.00 28.24 ? 34  THR A C   1 
ATOM   214 O O   . THR A 1 37  ? -2.643  0.353   -7.206  1.00 27.91 ? 34  THR A O   1 
ATOM   215 C CB  . THR A 1 37  ? -1.585  0.619   -10.076 1.00 28.53 ? 34  THR A CB  1 
ATOM   216 O OG1 . THR A 1 37  ? -0.975  -0.008  -11.207 1.00 30.43 ? 34  THR A OG1 1 
ATOM   217 C CG2 . THR A 1 37  ? -1.342  2.070   -10.203 1.00 26.80 ? 34  THR A CG2 1 
ATOM   218 N N   . PHE A 1 38  ? -0.841  1.691   -6.986  1.00 27.15 ? 35  PHE A N   1 
ATOM   219 C CA  . PHE A 1 38  ? -1.311  2.308   -5.766  1.00 27.07 ? 35  PHE A CA  1 
ATOM   220 C C   . PHE A 1 38  ? -1.243  3.800   -5.962  1.00 27.93 ? 35  PHE A C   1 
ATOM   221 O O   . PHE A 1 38  ? -0.272  4.324   -6.537  1.00 27.35 ? 35  PHE A O   1 
ATOM   222 C CB  . PHE A 1 38  ? -0.415  1.908   -4.593  1.00 25.42 ? 35  PHE A CB  1 
ATOM   223 C CG  . PHE A 1 38  ? -0.845  2.497   -3.279  1.00 25.87 ? 35  PHE A CG  1 
ATOM   224 C CD1 . PHE A 1 38  ? -1.576  1.752   -2.379  1.00 25.34 ? 35  PHE A CD1 1 
ATOM   225 C CD2 . PHE A 1 38  ? -0.502  3.793   -2.940  1.00 24.35 ? 35  PHE A CD2 1 
ATOM   226 C CE1 . PHE A 1 38  ? -1.982  2.295   -1.169  1.00 25.71 ? 35  PHE A CE1 1 
ATOM   227 C CE2 . PHE A 1 38  ? -0.904  4.351   -1.711  1.00 24.81 ? 35  PHE A CE2 1 
ATOM   228 C CZ  . PHE A 1 38  ? -1.632  3.613   -0.837  1.00 22.53 ? 35  PHE A CZ  1 
ATOM   229 N N   . THR A 1 39  ? -2.271  4.502   -5.513  1.00 29.15 ? 36  THR A N   1 
ATOM   230 C CA  . THR A 1 39  ? -2.185  5.944   -5.524  1.00 29.60 ? 36  THR A CA  1 
ATOM   231 C C   . THR A 1 39  ? -2.624  6.498   -4.184  1.00 30.63 ? 36  THR A C   1 
ATOM   232 O O   . THR A 1 39  ? -3.669  6.106   -3.646  1.00 30.45 ? 36  THR A O   1 
ATOM   233 C CB  . THR A 1 39  ? -2.911  6.605   -6.744  1.00 30.91 ? 36  THR A CB  1 
ATOM   234 O OG1 . THR A 1 39  ? -4.030  7.358   -6.308  1.00 35.10 ? 36  THR A OG1 1 
ATOM   235 C CG2 . THR A 1 39  ? -3.344  5.592   -7.765  1.00 29.71 ? 36  THR A CG2 1 
ATOM   236 N N   . ASN A 1 40  ? -1.791  7.378   -3.636  1.00 30.00 ? 37  ASN A N   1 
ATOM   237 C CA  . ASN A 1 40  ? -2.014  7.970   -2.336  1.00 30.75 ? 37  ASN A CA  1 
ATOM   238 C C   . ASN A 1 40  ? -2.981  9.137   -2.467  1.00 31.31 ? 37  ASN A C   1 
ATOM   239 O O   . ASN A 1 40  ? -2.911  9.895   -3.437  1.00 31.07 ? 37  ASN A O   1 
ATOM   240 C CB  . ASN A 1 40  ? -0.687  8.468   -1.786  1.00 30.46 ? 37  ASN A CB  1 
ATOM   241 C CG  . ASN A 1 40  ? -0.817  9.123   -0.442  1.00 31.99 ? 37  ASN A CG  1 
ATOM   242 O OD1 . ASN A 1 40  ? -1.257  8.504   0.525   1.00 34.22 ? 37  ASN A OD1 1 
ATOM   243 N ND2 . ASN A 1 40  ? -0.408  10.377  -0.358  1.00 33.15 ? 37  ASN A ND2 1 
ATOM   244 N N   . HIS A 1 41  ? -3.894  9.254   -1.510  1.00 31.66 ? 38  HIS A N   1 
ATOM   245 C CA  . HIS A 1 41  ? -4.784  10.404  -1.432  1.00 33.62 ? 38  HIS A CA  1 
ATOM   246 C C   . HIS A 1 41  ? -4.931  10.808  0.014   1.00 35.36 ? 38  HIS A C   1 
ATOM   247 O O   . HIS A 1 41  ? -5.791  11.646  0.356   1.00 36.10 ? 38  HIS A O   1 
ATOM   248 C CB  . HIS A 1 41  ? -6.166  10.088  -2.003  1.00 33.01 ? 38  HIS A CB  1 
ATOM   249 C CG  . HIS A 1 41  ? -6.180  9.944   -3.479  1.00 32.69 ? 38  HIS A CG  1 
ATOM   250 N ND1 . HIS A 1 41  ? -6.445  8.742   -4.097  1.00 29.88 ? 38  HIS A ND1 1 
ATOM   251 C CD2 . HIS A 1 41  ? -5.922  10.835  -4.465  1.00 29.03 ? 38  HIS A CD2 1 
ATOM   252 C CE1 . HIS A 1 41  ? -6.366  8.901   -5.405  1.00 29.36 ? 38  HIS A CE1 1 
ATOM   253 N NE2 . HIS A 1 41  ? -6.034  10.157  -5.652  1.00 34.24 ? 38  HIS A NE2 1 
ATOM   254 N N   . ALA A 1 42  ? -4.076  10.228  0.855   1.00 36.82 ? 39  ALA A N   1 
ATOM   255 C CA  . ALA A 1 42  ? -4.126  10.458  2.295   1.00 38.56 ? 39  ALA A CA  1 
ATOM   256 C C   . ALA A 1 42  ? -3.764  11.899  2.564   1.00 39.82 ? 39  ALA A C   1 
ATOM   257 O O   . ALA A 1 42  ? -2.735  12.381  2.089   1.00 39.87 ? 39  ALA A O   1 
ATOM   258 C CB  . ALA A 1 42  ? -3.159  9.535   2.997   1.00 37.81 ? 39  ALA A CB  1 
ATOM   259 N N   . GLN A 1 43  ? -4.615  12.608  3.299   1.00 42.01 ? 40  GLN A N   1 
ATOM   260 C CA  . GLN A 1 43  ? -4.308  14.000  3.634   1.00 43.88 ? 40  GLN A CA  1 
ATOM   261 C C   . GLN A 1 43  ? -2.995  14.056  4.414   1.00 44.45 ? 40  GLN A C   1 
ATOM   262 O O   . GLN A 1 43  ? -2.733  13.202  5.266   1.00 44.78 ? 40  GLN A O   1 
ATOM   263 C CB  . GLN A 1 43  ? -5.451  14.646  4.415   1.00 44.48 ? 40  GLN A CB  1 
ATOM   264 C CG  . GLN A 1 43  ? -5.753  14.008  5.765   1.00 47.41 ? 40  GLN A CG  1 
ATOM   265 C CD  . GLN A 1 43  ? -5.185  14.808  6.942   1.00 52.96 ? 40  GLN A CD  1 
ATOM   266 O OE1 . GLN A 1 43  ? -4.093  14.510  7.447   1.00 54.07 ? 40  GLN A OE1 1 
ATOM   267 N NE2 . GLN A 1 43  ? -5.933  15.836  7.387   1.00 53.53 ? 40  GLN A NE2 1 
ATOM   268 N N   . GLY A 1 44  ? -2.161  15.038  4.086   1.00 44.94 ? 41  GLY A N   1 
ATOM   269 C CA  . GLY A 1 44  ? -0.898  15.221  4.770   1.00 45.48 ? 41  GLY A CA  1 
ATOM   270 C C   . GLY A 1 44  ? 0.169   14.184  4.467   1.00 45.57 ? 41  GLY A C   1 
ATOM   271 O O   . GLY A 1 44  ? 1.148   14.099  5.199   1.00 46.19 ? 41  GLY A O   1 
ATOM   272 N N   . PHE A 1 45  ? -0.007  13.377  3.422   1.00 45.23 ? 42  PHE A N   1 
ATOM   273 C CA  . PHE A 1 45  ? 1.115   12.576  2.887   1.00 45.01 ? 42  PHE A CA  1 
ATOM   274 C C   . PHE A 1 45  ? 1.377   13.044  1.470   1.00 44.92 ? 42  PHE A C   1 
ATOM   275 O O   . PHE A 1 45  ? 0.441   13.445  0.776   1.00 45.10 ? 42  PHE A O   1 
ATOM   276 C CB  . PHE A 1 45  ? 0.839   11.069  2.922   1.00 45.05 ? 42  PHE A CB  1 
ATOM   277 C CG  . PHE A 1 45  ? 0.735   10.500  4.310   1.00 45.13 ? 42  PHE A CG  1 
ATOM   278 C CD1 . PHE A 1 45  ? -0.446  10.624  5.047   1.00 45.66 ? 42  PHE A CD1 1 
ATOM   279 C CD2 . PHE A 1 45  ? 1.812   9.846   4.889   1.00 44.89 ? 42  PHE A CD2 1 
ATOM   280 C CE1 . PHE A 1 45  ? -0.548  10.092  6.335   1.00 44.99 ? 42  PHE A CE1 1 
ATOM   281 C CE2 . PHE A 1 45  ? 1.718   9.319   6.175   1.00 43.36 ? 42  PHE A CE2 1 
ATOM   282 C CZ  . PHE A 1 45  ? 0.539   9.442   6.897   1.00 44.57 ? 42  PHE A CZ  1 
ATOM   283 N N   . ALA A 1 46  ? 2.641   13.010  1.044   1.00 44.75 ? 43  ALA A N   1 
ATOM   284 C CA  . ALA A 1 46  ? 3.048   13.607  -0.228  1.00 44.66 ? 43  ALA A CA  1 
ATOM   285 C C   . ALA A 1 46  ? 2.783   12.677  -1.399  1.00 44.66 ? 43  ALA A C   1 
ATOM   286 O O   . ALA A 1 46  ? 2.344   11.543  -1.210  1.00 44.47 ? 43  ALA A O   1 
ATOM   287 C CB  . ALA A 1 46  ? 4.522   14.024  -0.184  1.00 44.69 ? 43  ALA A CB  1 
ATOM   288 N N   . CYS A 1 47  ? 3.037   13.174  -2.611  1.00 44.37 ? 44  CYS A N   1 
ATOM   289 C CA  . CYS A 1 47  ? 2.777   12.429  -3.837  1.00 44.24 ? 44  CYS A CA  1 
ATOM   290 C C   . CYS A 1 47  ? 1.328   11.977  -3.986  1.00 43.44 ? 44  CYS A C   1 
ATOM   291 O O   . CYS A 1 47  ? 1.060   10.902  -4.518  1.00 43.52 ? 44  CYS A O   1 
ATOM   292 C CB  . CYS A 1 47  ? 3.732   11.238  -3.958  1.00 44.44 ? 44  CYS A CB  1 
ATOM   293 S SG  . CYS A 1 47  ? 5.446   11.757  -4.255  1.00 46.99 ? 44  CYS A SG  1 
ATOM   294 N N   . GLN A 1 48  ? 0.402   12.808  -3.521  1.00 42.15 ? 45  GLN A N   1 
ATOM   295 C CA  . GLN A 1 48  ? -1.026  12.555  -3.676  1.00 41.48 ? 45  GLN A CA  1 
ATOM   296 C C   . GLN A 1 48  ? -1.421  12.596  -5.143  1.00 40.85 ? 45  GLN A C   1 
ATOM   297 O O   . GLN A 1 48  ? -1.094  13.560  -5.841  1.00 41.62 ? 45  GLN A O   1 
ATOM   298 C CB  . GLN A 1 48  ? -1.830  13.631  -2.923  1.00 41.12 ? 45  GLN A CB  1 
ATOM   299 C CG  . GLN A 1 48  ? -1.948  13.380  -1.431  1.00 41.80 ? 45  GLN A CG  1 
ATOM   300 C CD  . GLN A 1 48  ? -2.536  14.537  -0.674  1.00 42.43 ? 45  GLN A CD  1 
ATOM   301 O OE1 . GLN A 1 48  ? -3.451  15.208  -1.153  1.00 44.40 ? 45  GLN A OE1 1 
ATOM   302 N NE2 . GLN A 1 48  ? -2.015  14.784  0.515   1.00 44.02 ? 45  GLN A NE2 1 
ATOM   303 N N   . GLY A 1 49  ? -2.127  11.573  -5.612  1.00 39.82 ? 46  GLY A N   1 
ATOM   304 C CA  . GLY A 1 49  ? -2.714  11.624  -6.941  1.00 38.28 ? 46  GLY A CA  1 
ATOM   305 C C   . GLY A 1 49  ? -1.905  10.947  -8.021  1.00 38.08 ? 46  GLY A C   1 
ATOM   306 O O   . GLY A 1 49  ? -2.417  10.687  -9.098  1.00 37.96 ? 46  GLY A O   1 
ATOM   307 N N   . ILE A 1 50  ? -0.646  10.638  -7.737  1.00 37.01 ? 47  ILE A N   1 
ATOM   308 C CA  . ILE A 1 50  ? 0.185   9.956   -8.720  1.00 36.57 ? 47  ILE A CA  1 
ATOM   309 C C   . ILE A 1 50  ? 0.321   8.445   -8.464  1.00 35.55 ? 47  ILE A C   1 
ATOM   310 O O   . ILE A 1 50  ? 0.735   8.021   -7.371  1.00 35.44 ? 47  ILE A O   1 
ATOM   311 C CB  . ILE A 1 50  ? 1.554   10.716  -9.008  1.00 36.82 ? 47  ILE A CB  1 
ATOM   312 C CG1 . ILE A 1 50  ? 2.746   9.775   -9.076  1.00 36.73 ? 47  ILE A CG1 1 
ATOM   313 C CG2 . ILE A 1 50  ? 1.847   11.799  -7.989  1.00 37.65 ? 47  ILE A CG2 1 
ATOM   314 C CD1 . ILE A 1 50  ? 3.036   9.203   -10.448 1.00 38.61 ? 47  ILE A CD1 1 
ATOM   315 N N   . PRO A 1 51  ? -0.049  7.625   -9.472  1.00 34.89 ? 48  PRO A N   1 
ATOM   316 C CA  . PRO A 1 51  ? -0.025  6.175   -9.369  1.00 33.97 ? 48  PRO A CA  1 
ATOM   317 C C   . PRO A 1 51  ? 1.396   5.621   -9.425  1.00 33.35 ? 48  PRO A C   1 
ATOM   318 O O   . PRO A 1 51  ? 2.230   6.101   -10.199 1.00 33.69 ? 48  PRO A O   1 
ATOM   319 C CB  . PRO A 1 51  ? -0.825  5.710   -10.606 1.00 34.24 ? 48  PRO A CB  1 
ATOM   320 C CG  . PRO A 1 51  ? -1.461  6.933   -11.154 1.00 35.44 ? 48  PRO A CG  1 
ATOM   321 C CD  . PRO A 1 51  ? -0.537  8.044   -10.796 1.00 35.09 ? 48  PRO A CD  1 
ATOM   322 N N   . TYR A 1 52  ? 1.651   4.614   -8.605  1.00 31.71 ? 49  TYR A N   1 
ATOM   323 C CA  . TYR A 1 52  ? 2.958   3.986   -8.489  1.00 29.70 ? 49  TYR A CA  1 
ATOM   324 C C   . TYR A 1 52  ? 2.755   2.487   -8.439  1.00 29.02 ? 49  TYR A C   1 
ATOM   325 O O   . TYR A 1 52  ? 1.740   1.998   -7.954  1.00 27.90 ? 49  TYR A O   1 
ATOM   326 C CB  . TYR A 1 52  ? 3.676   4.475   -7.216  1.00 30.41 ? 49  TYR A CB  1 
ATOM   327 C CG  . TYR A 1 52  ? 4.272   5.860   -7.309  1.00 30.74 ? 49  TYR A CG  1 
ATOM   328 C CD1 . TYR A 1 52  ? 3.754   6.926   -6.571  1.00 31.48 ? 49  TYR A CD1 1 
ATOM   329 C CD2 . TYR A 1 52  ? 5.357   6.104   -8.139  1.00 33.39 ? 49  TYR A CD2 1 
ATOM   330 C CE1 . TYR A 1 52  ? 4.316   8.189   -6.675  1.00 32.85 ? 49  TYR A CE1 1 
ATOM   331 C CE2 . TYR A 1 52  ? 5.918   7.345   -8.256  1.00 30.59 ? 49  TYR A CE2 1 
ATOM   332 C CZ  . TYR A 1 52  ? 5.407   8.387   -7.521  1.00 33.46 ? 49  TYR A CZ  1 
ATOM   333 O OH  . TYR A 1 52  ? 6.003   9.629   -7.652  1.00 33.91 ? 49  TYR A OH  1 
ATOM   334 N N   . PRO A 1 53  ? 3.718   1.729   -8.965  1.00 28.72 ? 50  PRO A N   1 
ATOM   335 C CA  . PRO A 1 53  ? 3.603   0.284   -8.905  1.00 28.49 ? 50  PRO A CA  1 
ATOM   336 C C   . PRO A 1 53  ? 3.569   -0.169  -7.453  1.00 28.82 ? 50  PRO A C   1 
ATOM   337 O O   . PRO A 1 53  ? 4.299   0.381   -6.631  1.00 30.04 ? 50  PRO A O   1 
ATOM   338 C CB  . PRO A 1 53  ? 4.911   -0.191  -9.550  1.00 28.22 ? 50  PRO A CB  1 
ATOM   339 C CG  . PRO A 1 53  ? 5.356   0.933   -10.392 1.00 29.47 ? 50  PRO A CG  1 
ATOM   340 C CD  . PRO A 1 53  ? 4.940   2.165   -9.654  1.00 28.60 ? 50  PRO A CD  1 
ATOM   341 N N   . ALA A 1 54  ? 2.724   -1.143  -7.127  1.00 28.71 ? 51  ALA A N   1 
ATOM   342 C CA  . ALA A 1 54  ? 2.732   -1.777  -5.809  1.00 29.16 ? 51  ALA A CA  1 
ATOM   343 C C   . ALA A 1 54  ? 3.228   -3.196  -6.054  1.00 30.16 ? 51  ALA A C   1 
ATOM   344 O O   . ALA A 1 54  ? 2.752   -3.842  -6.966  1.00 31.74 ? 51  ALA A O   1 
ATOM   345 C CB  . ALA A 1 54  ? 1.336   -1.806  -5.192  1.00 28.85 ? 51  ALA A CB  1 
ATOM   346 N N   . ALA A 1 55  ? 4.192   -3.669  -5.284  1.00 30.84 ? 52  ALA A N   1 
ATOM   347 C CA  . ALA A 1 55  ? 4.688   -5.041  -5.459  1.00 31.41 ? 52  ALA A CA  1 
ATOM   348 C C   . ALA A 1 55  ? 4.754   -5.739  -4.112  1.00 32.08 ? 52  ALA A C   1 
ATOM   349 O O   . ALA A 1 55  ? 4.997   -5.107  -3.097  1.00 31.93 ? 52  ALA A O   1 
ATOM   350 C CB  . ALA A 1 55  ? 6.079   -5.031  -6.084  1.00 32.31 ? 52  ALA A CB  1 
ATOM   351 N N   . GLY A 1 56  ? 4.594   -7.052  -4.101  1.00 32.49 ? 53  GLY A N   1 
ATOM   352 C CA  . GLY A 1 56  ? 4.651   -7.751  -2.841  1.00 34.15 ? 53  GLY A CA  1 
ATOM   353 C C   . GLY A 1 56  ? 4.330   -9.207  -2.946  1.00 35.83 ? 53  GLY A C   1 
ATOM   354 O O   . GLY A 1 56  ? 4.398   -9.809  -4.021  1.00 35.52 ? 53  GLY A O   1 
ATOM   355 N N   . SER A 1 57  ? 3.982   -9.783  -1.810  1.00 37.41 ? 54  SER A N   1 
ATOM   356 C CA  . SER A 1 57  ? 3.744   -11.199 -1.752  1.00 39.32 ? 54  SER A CA  1 
ATOM   357 C C   . SER A 1 57  ? 2.538   -11.503 -0.907  1.00 40.59 ? 54  SER A C   1 
ATOM   358 O O   . SER A 1 57  ? 2.251   -10.792 0.057   1.00 40.59 ? 54  SER A O   1 
ATOM   359 C CB  . SER A 1 57  ? 4.974   -11.883 -1.183  1.00 39.43 ? 54  SER A CB  1 
ATOM   360 O OG  . SER A 1 57  ? 6.112   -11.517 -1.957  1.00 41.37 ? 54  SER A OG  1 
ATOM   361 N N   . VAL A 1 58  ? 1.837   -12.557 -1.296  1.00 42.56 ? 55  VAL A N   1 
ATOM   362 C CA  . VAL A 1 58  ? 0.688   -13.060 -0.575  1.00 44.69 ? 55  VAL A CA  1 
ATOM   363 C C   . VAL A 1 58  ? 0.976   -14.527 -0.253  1.00 46.35 ? 55  VAL A C   1 
ATOM   364 O O   . VAL A 1 58  ? 1.662   -15.215 -1.009  1.00 47.44 ? 55  VAL A O   1 
ATOM   365 C CB  . VAL A 1 58  ? -0.630  -12.855 -1.406  1.00 44.73 ? 55  VAL A CB  1 
ATOM   366 C CG1 . VAL A 1 58  ? -0.534  -13.506 -2.790  1.00 45.21 ? 55  VAL A CG1 1 
ATOM   367 C CG2 . VAL A 1 58  ? -1.852  -13.347 -0.655  1.00 44.35 ? 55  VAL A CG2 1 
ATOM   368 N N   . SER A 1 59  ? 0.500   -14.995 0.889   1.00 47.95 ? 56  SER A N   1 
ATOM   369 C CA  . SER A 1 59  ? 0.637   -16.398 1.254   1.00 49.89 ? 56  SER A CA  1 
ATOM   370 C C   . SER A 1 59  ? -0.318  -16.748 2.399   1.00 50.89 ? 56  SER A C   1 
ATOM   371 O O   . SER A 1 59  ? -1.054  -15.866 2.887   1.00 51.45 ? 56  SER A O   1 
ATOM   372 C CB  . SER A 1 59  ? 2.089   -16.724 1.641   1.00 50.07 ? 56  SER A CB  1 
ATOM   373 O OG  . SER A 1 59  ? 2.399   -16.250 2.944   1.00 52.16 ? 56  SER A OG  1 
ATOM   374 N N   . PRO A 1 60  ? -0.323  -18.040 2.824   1.00 51.47 ? 57  PRO A N   1 
ATOM   375 C CA  . PRO A 1 60  ? -1.001  -18.511 4.034   1.00 50.96 ? 57  PRO A CA  1 
ATOM   376 C C   . PRO A 1 60  ? -0.905  -17.485 5.169   1.00 50.74 ? 57  PRO A C   1 
ATOM   377 O O   . PRO A 1 60  ? -1.936  -17.006 5.649   1.00 51.29 ? 57  PRO A O   1 
ATOM   378 C CB  . PRO A 1 60  ? -0.214  -19.780 4.404   1.00 51.24 ? 57  PRO A CB  1 
ATOM   379 C CG  . PRO A 1 60  ? 0.875   -19.951 3.291   1.00 52.01 ? 57  PRO A CG  1 
ATOM   380 C CD  . PRO A 1 60  ? 0.364   -19.150 2.138   1.00 51.49 ? 57  PRO A CD  1 
ATOM   381 N N   . THR A 1 61  ? 0.325   -17.133 5.552   1.00 49.79 ? 58  THR A N   1 
ATOM   382 C CA  . THR A 1 61  ? 0.632   -16.163 6.619   1.00 49.00 ? 58  THR A CA  1 
ATOM   383 C C   . THR A 1 61  ? 0.063   -14.722 6.491   1.00 47.70 ? 58  THR A C   1 
ATOM   384 O O   . THR A 1 61  ? 0.082   -13.948 7.471   1.00 48.71 ? 58  THR A O   1 
ATOM   385 C CB  . THR A 1 61  ? 2.156   -16.083 6.801   1.00 49.20 ? 58  THR A CB  1 
ATOM   386 O OG1 . THR A 1 61  ? 2.586   -17.269 7.473   1.00 50.67 ? 58  THR A OG1 1 
ATOM   387 C CG2 . THR A 1 61  ? 2.570   -14.862 7.634   1.00 49.42 ? 58  THR A CG2 1 
ATOM   388 N N   . GLY A 1 62  ? -0.426  -14.362 5.307   1.00 45.35 ? 59  GLY A N   1 
ATOM   389 C CA  . GLY A 1 62  ? -0.946  -13.016 5.051   1.00 41.71 ? 59  GLY A CA  1 
ATOM   390 C C   . GLY A 1 62  ? -0.314  -12.458 3.794   1.00 39.74 ? 59  GLY A C   1 
ATOM   391 O O   . GLY A 1 62  ? 0.029   -13.212 2.872   1.00 39.27 ? 59  GLY A O   1 
ATOM   392 N N   . LEU A 1 63  ? -0.152  -11.141 3.750   1.00 37.27 ? 60  LEU A N   1 
ATOM   393 C CA  . LEU A 1 63  ? 0.437   -10.484 2.585   1.00 34.71 ? 60  LEU A CA  1 
ATOM   394 C C   . LEU A 1 63  ? 1.184   -9.223  2.949   1.00 33.39 ? 60  LEU A C   1 
ATOM   395 O O   . LEU A 1 63  ? 0.986   -8.650  4.015   1.00 32.43 ? 60  LEU A O   1 
ATOM   396 C CB  . LEU A 1 63  ? -0.628  -10.177 1.508   1.00 35.20 ? 60  LEU A CB  1 
ATOM   397 C CG  . LEU A 1 63  ? -1.744  -9.109  1.518   1.00 34.95 ? 60  LEU A CG  1 
ATOM   398 C CD1 . LEU A 1 63  ? -2.968  -9.635  2.228   1.00 38.40 ? 60  LEU A CD1 1 
ATOM   399 C CD2 . LEU A 1 63  ? -1.374  -7.727  2.030   1.00 36.27 ? 60  LEU A CD2 1 
ATOM   400 N N   . TYR A 1 64  ? 2.049   -8.788  2.048   1.00 31.08 ? 61  TYR A N   1 
ATOM   401 C CA  . TYR A 1 64  ? 2.659   -7.491  2.193   1.00 29.20 ? 61  TYR A CA  1 
ATOM   402 C C   . TYR A 1 64  ? 2.809   -6.918  0.809   1.00 27.12 ? 61  TYR A C   1 
ATOM   403 O O   . TYR A 1 64  ? 2.931   -7.661  -0.152  1.00 26.93 ? 61  TYR A O   1 
ATOM   404 C CB  . TYR A 1 64  ? 4.011   -7.595  2.913   1.00 29.86 ? 61  TYR A CB  1 
ATOM   405 C CG  . TYR A 1 64  ? 5.155   -7.943  2.016   1.00 30.31 ? 61  TYR A CG  1 
ATOM   406 C CD1 . TYR A 1 64  ? 5.545   -9.256  1.840   1.00 31.62 ? 61  TYR A CD1 1 
ATOM   407 C CD2 . TYR A 1 64  ? 5.849   -6.954  1.347   1.00 29.56 ? 61  TYR A CD2 1 
ATOM   408 C CE1 . TYR A 1 64  ? 6.598   -9.572  1.008   1.00 33.92 ? 61  TYR A CE1 1 
ATOM   409 C CE2 . TYR A 1 64  ? 6.902   -7.252  0.497   1.00 33.30 ? 61  TYR A CE2 1 
ATOM   410 C CZ  . TYR A 1 64  ? 7.264   -8.567  0.337   1.00 32.03 ? 61  TYR A CZ  1 
ATOM   411 O OH  . TYR A 1 64  ? 8.315   -8.884  -0.494  1.00 36.56 ? 61  TYR A OH  1 
ATOM   412 N N   . PHE A 1 65  ? 2.784   -5.602  0.715   1.00 25.39 ? 62  PHE A N   1 
ATOM   413 C CA  . PHE A 1 65  ? 3.132   -4.920  -0.528  1.00 24.64 ? 62  PHE A CA  1 
ATOM   414 C C   . PHE A 1 65  ? 3.882   -3.633  -0.187  1.00 23.84 ? 62  PHE A C   1 
ATOM   415 O O   . PHE A 1 65  ? 3.741   -3.094  0.910   1.00 22.61 ? 62  PHE A O   1 
ATOM   416 C CB  . PHE A 1 65  ? 1.906   -4.649  -1.418  1.00 24.87 ? 62  PHE A CB  1 
ATOM   417 C CG  . PHE A 1 65  ? 0.815   -3.860  -0.748  1.00 24.89 ? 62  PHE A CG  1 
ATOM   418 C CD1 . PHE A 1 65  ? -0.104  -4.492  0.077   1.00 25.30 ? 62  PHE A CD1 1 
ATOM   419 C CD2 . PHE A 1 65  ? 0.695   -2.508  -0.955  1.00 26.64 ? 62  PHE A CD2 1 
ATOM   420 C CE1 . PHE A 1 65  ? -1.142  -3.779  0.687   1.00 27.98 ? 62  PHE A CE1 1 
ATOM   421 C CE2 . PHE A 1 65  ? -0.359  -1.780  -0.346  1.00 26.87 ? 62  PHE A CE2 1 
ATOM   422 C CZ  . PHE A 1 65  ? -1.264  -2.418  0.459   1.00 25.36 ? 62  PHE A CZ  1 
ATOM   423 N N   . VAL A 1 66  ? 4.734   -3.215  -1.104  1.00 22.81 ? 63  VAL A N   1 
ATOM   424 C CA  . VAL A 1 66  ? 5.588   -2.059  -0.938  1.00 23.45 ? 63  VAL A CA  1 
ATOM   425 C C   . VAL A 1 66  ? 5.349   -1.150  -2.128  1.00 23.42 ? 63  VAL A C   1 
ATOM   426 O O   . VAL A 1 66  ? 5.178   -1.632  -3.247  1.00 23.96 ? 63  VAL A O   1 
ATOM   427 C CB  . VAL A 1 66  ? 7.102   -2.477  -0.811  1.00 24.73 ? 63  VAL A CB  1 
ATOM   428 C CG1 . VAL A 1 66  ? 7.468   -3.546  -1.815  1.00 26.39 ? 63  VAL A CG1 1 
ATOM   429 C CG2 . VAL A 1 66  ? 8.024   -1.273  -0.974  1.00 25.69 ? 63  VAL A CG2 1 
ATOM   430 N N   . VAL A 1 67  ? 5.352   0.158   -1.893  1.00 22.07 ? 64  VAL A N   1 
ATOM   431 C CA  . VAL A 1 67  ? 5.123   1.139   -2.933  1.00 22.02 ? 64  VAL A CA  1 
ATOM   432 C C   . VAL A 1 67  ? 6.167   2.207   -2.690  1.00 23.32 ? 64  VAL A C   1 
ATOM   433 O O   . VAL A 1 67  ? 6.299   2.653   -1.575  1.00 21.36 ? 64  VAL A O   1 
ATOM   434 C CB  . VAL A 1 67  ? 3.759   1.777   -2.766  1.00 22.54 ? 64  VAL A CB  1 
ATOM   435 C CG1 . VAL A 1 67  ? 3.551   2.844   -3.812  1.00 19.61 ? 64  VAL A CG1 1 
ATOM   436 C CG2 . VAL A 1 67  ? 2.645   0.683   -2.872  1.00 19.49 ? 64  VAL A CG2 1 
ATOM   437 N N   . THR A 1 68  ? 6.945   2.571   -3.703  1.00 25.01 ? 65  THR A N   1 
ATOM   438 C CA  . THR A 1 68  ? 7.934   3.633   -3.496  1.00 27.05 ? 65  THR A CA  1 
ATOM   439 C C   . THR A 1 68  ? 7.444   4.838   -4.220  1.00 27.82 ? 65  THR A C   1 
ATOM   440 O O   . THR A 1 68  ? 7.231   4.809   -5.422  1.00 27.66 ? 65  THR A O   1 
ATOM   441 C CB  . THR A 1 68  ? 9.326   3.288   -4.007  1.00 26.73 ? 65  THR A CB  1 
ATOM   442 O OG1 . THR A 1 68  ? 9.291   3.325   -5.418  1.00 34.99 ? 65  THR A OG1 1 
ATOM   443 C CG2 . THR A 1 68  ? 9.732   1.940   -3.599  1.00 25.21 ? 65  THR A CG2 1 
ATOM   444 N N   . PHE A 1 69  ? 7.213   5.902   -3.472  1.00 29.11 ? 66  PHE A N   1 
ATOM   445 C CA  . PHE A 1 69  ? 6.729   7.104   -4.066  1.00 30.86 ? 66  PHE A CA  1 
ATOM   446 C C   . PHE A 1 69  ? 7.949   7.879   -4.533  1.00 32.60 ? 66  PHE A C   1 
ATOM   447 O O   . PHE A 1 69  ? 8.362   8.829   -3.889  1.00 33.66 ? 66  PHE A O   1 
ATOM   448 C CB  . PHE A 1 69  ? 5.895   7.893   -3.042  1.00 30.52 ? 66  PHE A CB  1 
ATOM   449 C CG  . PHE A 1 69  ? 4.747   7.109   -2.490  1.00 30.20 ? 66  PHE A CG  1 
ATOM   450 C CD1 . PHE A 1 69  ? 4.934   6.240   -1.421  1.00 27.43 ? 66  PHE A CD1 1 
ATOM   451 C CD2 . PHE A 1 69  ? 3.469   7.230   -3.054  1.00 30.01 ? 66  PHE A CD2 1 
ATOM   452 C CE1 . PHE A 1 69  ? 3.875   5.497   -0.912  1.00 28.24 ? 66  PHE A CE1 1 
ATOM   453 C CE2 . PHE A 1 69  ? 2.395   6.493   -2.549  1.00 30.28 ? 66  PHE A CE2 1 
ATOM   454 C CZ  . PHE A 1 69  ? 2.602   5.620   -1.485  1.00 29.90 ? 66  PHE A CZ  1 
ATOM   455 N N   . ALA A 1 70  ? 8.523   7.453   -5.659  1.00 34.83 ? 67  ALA A N   1 
ATOM   456 C CA  . ALA A 1 70  ? 9.748   8.050   -6.200  1.00 36.69 ? 67  ALA A CA  1 
ATOM   457 C C   . ALA A 1 70  ? 9.463   9.498   -6.407  1.00 38.44 ? 67  ALA A C   1 
ATOM   458 O O   . ALA A 1 70  ? 8.398   9.823   -6.873  1.00 39.49 ? 67  ALA A O   1 
ATOM   459 C CB  . ALA A 1 70  ? 10.079  7.426   -7.525  1.00 36.64 ? 67  ALA A CB  1 
ATOM   460 N N   . GLN A 1 71  ? 10.377  10.381  -6.046  1.00 40.06 ? 68  GLN A N   1 
ATOM   461 C CA  . GLN A 1 71  ? 10.112  11.823  -6.249  1.00 42.08 ? 68  GLN A CA  1 
ATOM   462 C C   . GLN A 1 71  ? 9.372   12.517  -5.119  1.00 41.79 ? 68  GLN A C   1 
ATOM   463 O O   . GLN A 1 71  ? 9.208   13.732  -5.141  1.00 42.51 ? 68  GLN A O   1 
ATOM   464 C CB  . GLN A 1 71  ? 9.494   12.128  -7.633  1.00 43.00 ? 68  GLN A CB  1 
ATOM   465 C CG  . GLN A 1 71  ? 8.028   12.536  -7.666  1.00 45.47 ? 68  GLN A CG  1 
ATOM   466 C CD  . GLN A 1 71  ? 7.345   12.026  -8.924  1.00 52.02 ? 68  GLN A CD  1 
ATOM   467 O OE1 . GLN A 1 71  ? 7.519   10.856  -9.323  1.00 53.20 ? 68  GLN A OE1 1 
ATOM   468 N NE2 . GLN A 1 71  ? 6.547   12.893  -9.558  1.00 53.71 ? 68  GLN A NE2 1 
ATOM   469 N N   . CYS A 1 72  ? 8.911   11.763  -4.131  1.00 41.47 ? 69  CYS A N   1 
ATOM   470 C CA  . CYS A 1 72  ? 8.987   12.318  -2.791  1.00 41.15 ? 69  CYS A CA  1 
ATOM   471 C C   . CYS A 1 72  ? 9.939   11.459  -1.946  1.00 39.13 ? 69  CYS A C   1 
ATOM   472 O O   . CYS A 1 72  ? 9.934   11.523  -0.722  1.00 38.64 ? 69  CYS A O   1 
ATOM   473 C CB  . CYS A 1 72  ? 7.619   12.559  -2.166  1.00 42.17 ? 69  CYS A CB  1 
ATOM   474 S SG  . CYS A 1 72  ? 6.442   11.269  -2.508  1.00 50.80 ? 69  CYS A SG  1 
ATOM   475 N N   . ASN A 1 73  ? 10.771  10.671  -2.624  1.00 37.27 ? 70  ASN A N   1 
ATOM   476 C CA  . ASN A 1 73  ? 11.853  9.945   -1.965  1.00 35.68 ? 70  ASN A CA  1 
ATOM   477 C C   . ASN A 1 73  ? 11.391  9.242   -0.688  1.00 35.17 ? 70  ASN A C   1 
ATOM   478 O O   . ASN A 1 73  ? 11.835  9.562   0.428   1.00 35.22 ? 70  ASN A O   1 
ATOM   479 C CB  . ASN A 1 73  ? 13.017  10.899  -1.655  1.00 36.39 ? 70  ASN A CB  1 
ATOM   480 C CG  . ASN A 1 73  ? 13.629  11.495  -2.911  1.00 36.34 ? 70  ASN A CG  1 
ATOM   481 O OD1 . ASN A 1 73  ? 13.629  12.709  -3.113  1.00 39.84 ? 70  ASN A OD1 1 
ATOM   482 N ND2 . ASN A 1 73  ? 14.132  10.643  -3.765  1.00 33.34 ? 70  ASN A ND2 1 
ATOM   483 N N   . SER A 1 74  ? 10.471  8.298   -0.849  1.00 33.32 ? 71  SER A N   1 
ATOM   484 C CA  . SER A 1 74  ? 10.005  7.534   0.284   1.00 32.35 ? 71  SER A CA  1 
ATOM   485 C C   . SER A 1 74  ? 9.366   6.277   -0.231  1.00 30.80 ? 71  SER A C   1 
ATOM   486 O O   . SER A 1 74  ? 9.048   6.185   -1.415  1.00 31.28 ? 71  SER A O   1 
ATOM   487 C CB  . SER A 1 74  ? 8.984   8.351   1.081   1.00 32.65 ? 71  SER A CB  1 
ATOM   488 O OG  . SER A 1 74  ? 7.828   8.529   0.320   1.00 33.48 ? 71  SER A OG  1 
ATOM   489 N N   . PHE A 1 75  ? 9.232   5.290   0.642   1.00 29.46 ? 72  PHE A N   1 
ATOM   490 C CA  . PHE A 1 75  ? 8.436   4.111   0.355   1.00 26.27 ? 72  PHE A CA  1 
ATOM   491 C C   . PHE A 1 75  ? 7.705   3.699   1.617   1.00 24.93 ? 72  PHE A C   1 
ATOM   492 O O   . PHE A 1 75  ? 8.185   3.902   2.715   1.00 24.67 ? 72  PHE A O   1 
ATOM   493 C CB  . PHE A 1 75  ? 9.307   2.962   -0.141  1.00 27.52 ? 72  PHE A CB  1 
ATOM   494 C CG  . PHE A 1 75  ? 10.325  2.497   0.845   1.00 28.21 ? 72  PHE A CG  1 
ATOM   495 C CD1 . PHE A 1 75  ? 9.974   1.610   1.852   1.00 31.48 ? 72  PHE A CD1 1 
ATOM   496 C CD2 . PHE A 1 75  ? 11.649  2.943   0.755   1.00 28.90 ? 72  PHE A CD2 1 
ATOM   497 C CE1 . PHE A 1 75  ? 10.908  1.154   2.762   1.00 32.71 ? 72  PHE A CE1 1 
ATOM   498 C CE2 . PHE A 1 75  ? 12.601  2.500   1.654   1.00 32.08 ? 72  PHE A CE2 1 
ATOM   499 C CZ  . PHE A 1 75  ? 12.234  1.603   2.667   1.00 33.07 ? 72  PHE A CZ  1 
ATOM   500 N N   . THR A 1 76  ? 6.576   3.043   1.448   1.00 24.45 ? 73  THR A N   1 
ATOM   501 C CA  . THR A 1 76  ? 5.836   2.455   2.553   1.00 22.85 ? 73  THR A CA  1 
ATOM   502 C C   . THR A 1 76  ? 5.666   0.952   2.292   1.00 22.76 ? 73  THR A C   1 
ATOM   503 O O   . THR A 1 76  ? 5.410   0.572   1.161   1.00 22.15 ? 73  THR A O   1 
ATOM   504 C CB  . THR A 1 76  ? 4.435   3.018   2.596   1.00 24.02 ? 73  THR A CB  1 
ATOM   505 O OG1 . THR A 1 76  ? 4.508   4.430   2.846   1.00 22.41 ? 73  THR A OG1 1 
ATOM   506 C CG2 . THR A 1 76  ? 3.640   2.365   3.712   1.00 22.19 ? 73  THR A CG2 1 
ATOM   507 N N   . ARG A 1 77  ? 5.754   0.127   3.336   1.00 22.01 ? 74  ARG A N   1 
ATOM   508 C CA  . ARG A 1 77  ? 5.430   -1.279  3.247   1.00 22.52 ? 74  ARG A CA  1 
ATOM   509 C C   . ARG A 1 77  ? 4.175   -1.484  4.093   1.00 22.77 ? 74  ARG A C   1 
ATOM   510 O O   . ARG A 1 77  ? 4.101   -0.969  5.227   1.00 23.23 ? 74  ARG A O   1 
ATOM   511 C CB  . ARG A 1 77  ? 6.564   -2.088  3.858   1.00 22.73 ? 74  ARG A CB  1 
ATOM   512 C CG  . ARG A 1 77  ? 6.371   -3.598  3.775   1.00 26.98 ? 74  ARG A CG  1 
ATOM   513 C CD  . ARG A 1 77  ? 5.717   -4.227  5.009   1.00 31.72 ? 74  ARG A CD  1 
ATOM   514 N NE  . ARG A 1 77  ? 6.518   -4.319  6.249   1.00 32.20 ? 74  ARG A NE  1 
ATOM   515 C CZ  . ARG A 1 77  ? 6.234   -3.692  7.402   1.00 35.81 ? 74  ARG A CZ  1 
ATOM   516 N NH1 . ARG A 1 77  ? 5.203   -2.869  7.513   1.00 32.27 ? 74  ARG A NH1 1 
ATOM   517 N NH2 . ARG A 1 77  ? 6.999   -3.885  8.477   1.00 38.95 ? 74  ARG A NH2 1 
ATOM   518 N N   . TRP A 1 78  ? 3.187   -2.191  3.547   1.00 22.90 ? 75  TRP A N   1 
ATOM   519 C CA  . TRP A 1 78  ? 1.970   -2.560  4.280   1.00 22.41 ? 75  TRP A CA  1 
ATOM   520 C C   . TRP A 1 78  ? 2.082   -4.041  4.511   1.00 23.99 ? 75  TRP A C   1 
ATOM   521 O O   . TRP A 1 78  ? 2.538   -4.755  3.617   1.00 24.57 ? 75  TRP A O   1 
ATOM   522 C CB  . TRP A 1 78  ? 0.745   -2.329  3.414   1.00 23.08 ? 75  TRP A CB  1 
ATOM   523 C CG  . TRP A 1 78  ? 0.258   -0.918  3.356   1.00 21.04 ? 75  TRP A CG  1 
ATOM   524 C CD1 . TRP A 1 78  ? -0.716  -0.355  4.137   1.00 22.78 ? 75  TRP A CD1 1 
ATOM   525 C CD2 . TRP A 1 78  ? 0.688   0.099   2.447   1.00 20.99 ? 75  TRP A CD2 1 
ATOM   526 N NE1 . TRP A 1 78  ? -0.899  0.964   3.783   1.00 19.10 ? 75  TRP A NE1 1 
ATOM   527 C CE2 . TRP A 1 78  ? -0.030  1.264   2.752   1.00 20.82 ? 75  TRP A CE2 1 
ATOM   528 C CE3 . TRP A 1 78  ? 1.652   0.145   1.424   1.00 22.82 ? 75  TRP A CE3 1 
ATOM   529 C CZ2 . TRP A 1 78  ? 0.159   2.460   2.040   1.00 23.63 ? 75  TRP A CZ2 1 
ATOM   530 C CZ3 . TRP A 1 78  ? 1.849   1.317   0.729   1.00 23.05 ? 75  TRP A CZ3 1 
ATOM   531 C CH2 . TRP A 1 78  ? 1.101   2.473   1.036   1.00 21.87 ? 75  TRP A CH2 1 
ATOM   532 N N   . VAL A 1 79  ? 1.697   -4.517  5.693   1.00 23.69 ? 76  VAL A N   1 
ATOM   533 C CA  . VAL A 1 79  ? 1.613   -5.941  5.956   1.00 24.63 ? 76  VAL A CA  1 
ATOM   534 C C   . VAL A 1 79  ? 0.258   -6.169  6.597   1.00 25.68 ? 76  VAL A C   1 
ATOM   535 O O   . VAL A 1 79  ? -0.252  -5.286  7.307   1.00 26.38 ? 76  VAL A O   1 
ATOM   536 C CB  . VAL A 1 79  ? 2.840   -6.487  6.779   1.00 23.84 ? 76  VAL A CB  1 
ATOM   537 C CG1 . VAL A 1 79  ? 2.916   -5.877  8.134   1.00 23.37 ? 76  VAL A CG1 1 
ATOM   538 C CG2 . VAL A 1 79  ? 2.803   -8.036  6.893   1.00 25.20 ? 76  VAL A CG2 1 
ATOM   539 N N   . GLY A 1 80  ? -0.369  -7.297  6.273   1.00 27.17 ? 77  GLY A N   1 
ATOM   540 C CA  . GLY A 1 80  ? -1.741  -7.581  6.716   1.00 29.48 ? 77  GLY A CA  1 
ATOM   541 C C   . GLY A 1 80  ? -2.302  -8.920  6.237   1.00 31.27 ? 77  GLY A C   1 
ATOM   542 O O   . GLY A 1 80  ? -1.543  -9.846  5.941   1.00 31.33 ? 77  GLY A O   1 
ATOM   543 N N   . THR A 1 81  ? -3.632  -9.019  6.178   1.00 33.08 ? 78  THR A N   1 
ATOM   544 C CA  . THR A 1 81  ? -4.344  -10.206 5.658   1.00 34.97 ? 78  THR A CA  1 
ATOM   545 C C   . THR A 1 81  ? -5.587  -9.759  4.975   1.00 35.82 ? 78  THR A C   1 
ATOM   546 O O   . THR A 1 81  ? -5.958  -8.613  5.098   1.00 35.58 ? 78  THR A O   1 
ATOM   547 C CB  . THR A 1 81  ? -4.975  -11.138 6.738   1.00 35.30 ? 78  THR A CB  1 
ATOM   548 O OG1 . THR A 1 81  ? -5.151  -10.452 7.986   1.00 37.13 ? 78  THR A OG1 1 
ATOM   549 C CG2 . THR A 1 81  ? -4.225  -12.411 6.882   1.00 35.93 ? 78  THR A CG2 1 
ATOM   550 N N   . ILE A 1 82  ? -6.258  -10.695 4.302   1.00 37.24 ? 79  ILE A N   1 
ATOM   551 C CA  . ILE A 1 82  ? -7.600  -10.438 3.789   1.00 38.80 ? 79  ILE A CA  1 
ATOM   552 C C   . ILE A 1 82  ? -8.657  -11.216 4.552   1.00 38.92 ? 79  ILE A C   1 
ATOM   553 O O   . ILE A 1 82  ? -8.497  -12.408 4.809   1.00 39.74 ? 79  ILE A O   1 
ATOM   554 C CB  . ILE A 1 82  ? -7.720  -10.737 2.304   1.00 38.82 ? 79  ILE A CB  1 
ATOM   555 C CG1 . ILE A 1 82  ? -6.622  -9.983  1.545   1.00 40.74 ? 79  ILE A CG1 1 
ATOM   556 C CG2 . ILE A 1 82  ? -9.124  -10.338 1.817   1.00 40.08 ? 79  ILE A CG2 1 
ATOM   557 C CD1 . ILE A 1 82  ? -6.789  -9.945  0.042   1.00 44.01 ? 79  ILE A CD1 1 
ATOM   558 N N   . LYS A 1 83  ? -9.713  -10.520 4.947   1.00 39.21 ? 80  LYS A N   1 
ATOM   559 C CA  . LYS A 1 83  ? -10.827 -11.151 5.608   1.00 40.13 ? 80  LYS A CA  1 
ATOM   560 C C   . LYS A 1 83  ? -12.120 -10.711 4.947   1.00 39.72 ? 80  LYS A C   1 
ATOM   561 O O   . LYS A 1 83  ? -12.657 -9.642  5.231   1.00 39.86 ? 80  LYS A O   1 
ATOM   562 C CB  . LYS A 1 83  ? -10.834 -10.814 7.084   1.00 40.67 ? 80  LYS A CB  1 
ATOM   563 C CG  . LYS A 1 83  ? -10.168 -11.869 7.931   1.00 44.22 ? 80  LYS A CG  1 
ATOM   564 C CD  . LYS A 1 83  ? -11.125 -13.046 8.234   1.00 49.27 ? 80  LYS A CD  1 
ATOM   565 C CE  . LYS A 1 83  ? -12.313 -12.634 9.126   1.00 50.27 ? 80  LYS A CE  1 
ATOM   566 N NZ  . LYS A 1 83  ? -12.953 -13.831 9.759   1.00 51.67 ? 80  LYS A NZ  1 
ATOM   567 N N   . GLY A 1 84  ? -12.594 -11.562 4.045   1.00 39.85 ? 81  GLY A N   1 
ATOM   568 C CA  . GLY A 1 84  ? -13.725 -11.260 3.191   1.00 39.08 ? 81  GLY A CA  1 
ATOM   569 C C   . GLY A 1 84  ? -13.418 -10.093 2.283   1.00 38.26 ? 81  GLY A C   1 
ATOM   570 O O   . GLY A 1 84  ? -12.539 -10.157 1.411   1.00 38.61 ? 81  GLY A O   1 
ATOM   571 N N   . SER A 1 85  ? -14.150 -9.020  2.521   1.00 37.64 ? 82  SER A N   1 
ATOM   572 C CA  . SER A 1 85  ? -14.121 -7.815  1.729   1.00 36.97 ? 82  SER A CA  1 
ATOM   573 C C   . SER A 1 85  ? -13.146 -6.765  2.319   1.00 35.58 ? 82  SER A C   1 
ATOM   574 O O   . SER A 1 85  ? -13.046 -5.661  1.799   1.00 35.24 ? 82  SER A O   1 
ATOM   575 C CB  . SER A 1 85  ? -15.562 -7.268  1.713   1.00 37.96 ? 82  SER A CB  1 
ATOM   576 O OG  . SER A 1 85  ? -15.701 -6.043  1.013   1.00 41.27 ? 82  SER A OG  1 
ATOM   577 N N   . GLN A 1 86  ? -12.441 -7.107  3.400   1.00 33.90 ? 83  GLN A N   1 
ATOM   578 C CA  . GLN A 1 86  ? -11.612 -6.151  4.134   1.00 32.63 ? 83  GLN A CA  1 
ATOM   579 C C   . GLN A 1 86  ? -10.202 -6.669  4.285   1.00 31.19 ? 83  GLN A C   1 
ATOM   580 O O   . GLN A 1 86  ? -10.014 -7.860  4.419   1.00 29.50 ? 83  GLN A O   1 
ATOM   581 C CB  . GLN A 1 86  ? -12.207 -5.840  5.509   1.00 33.49 ? 83  GLN A CB  1 
ATOM   582 C CG  . GLN A 1 86  ? -13.584 -5.123  5.390   1.00 37.33 ? 83  GLN A CG  1 
ATOM   583 C CD  . GLN A 1 86  ? -13.811 -4.013  6.389   1.00 43.70 ? 83  GLN A CD  1 
ATOM   584 O OE1 . GLN A 1 86  ? -13.418 -4.100  7.552   1.00 47.80 ? 83  GLN A OE1 1 
ATOM   585 N NE2 . GLN A 1 86  ? -14.472 -2.957  5.943   1.00 46.89 ? 83  GLN A NE2 1 
ATOM   586 N N   . MET A 1 87  ? -9.235  -5.753  4.267   1.00 29.79 ? 84  MET A N   1 
ATOM   587 C CA  . MET A 1 87  ? -7.817  -6.075  4.366   1.00 30.63 ? 84  MET A CA  1 
ATOM   588 C C   . MET A 1 87  ? -7.193  -5.145  5.393   1.00 29.40 ? 84  MET A C   1 
ATOM   589 O O   . MET A 1 87  ? -6.781  -4.031  5.062   1.00 30.46 ? 84  MET A O   1 
ATOM   590 C CB  . MET A 1 87  ? -7.142  -5.863  3.005   1.00 30.14 ? 84  MET A CB  1 
ATOM   591 C CG  . MET A 1 87  ? -5.633  -6.076  2.963   1.00 29.86 ? 84  MET A CG  1 
ATOM   592 S SD  . MET A 1 87  ? -4.906  -5.426  1.411   1.00 32.54 ? 84  MET A SD  1 
ATOM   593 C CE  . MET A 1 87  ? -5.944  -6.049  0.116   1.00 31.85 ? 84  MET A CE  1 
ATOM   594 N N   . PRO A 1 88  ? -7.139  -5.583  6.654   1.00 28.73 ? 85  PRO A N   1 
ATOM   595 C CA  . PRO A 1 88  ? -6.536  -4.741  7.674   1.00 27.16 ? 85  PRO A CA  1 
ATOM   596 C C   . PRO A 1 88  ? -5.025  -4.835  7.542   1.00 27.00 ? 85  PRO A C   1 
ATOM   597 O O   . PRO A 1 88  ? -4.503  -5.901  7.252   1.00 25.54 ? 85  PRO A O   1 
ATOM   598 C CB  . PRO A 1 88  ? -7.003  -5.393  8.983   1.00 27.72 ? 85  PRO A CB  1 
ATOM   599 C CG  . PRO A 1 88  ? -7.176  -6.822  8.645   1.00 27.59 ? 85  PRO A CG  1 
ATOM   600 C CD  . PRO A 1 88  ? -7.626  -6.863  7.192   1.00 28.86 ? 85  PRO A CD  1 
ATOM   601 N N   . THR A 1 89  ? -4.335  -3.718  7.745   1.00 26.59 ? 86  THR A N   1 
ATOM   602 C CA  . THR A 1 89  ? -2.885  -3.689  7.576   1.00 25.94 ? 86  THR A CA  1 
ATOM   603 C C   . THR A 1 89  ? -2.247  -2.809  8.632   1.00 25.91 ? 86  THR A C   1 
ATOM   604 O O   . THR A 1 89  ? -2.893  -1.895  9.223   1.00 24.64 ? 86  THR A O   1 
ATOM   605 C CB  . THR A 1 89  ? -2.480  -3.066  6.180   1.00 25.40 ? 86  THR A CB  1 
ATOM   606 O OG1 . THR A 1 89  ? -3.058  -1.752  6.047   1.00 27.78 ? 86  THR A OG1 1 
ATOM   607 C CG2 . THR A 1 89  ? -2.967  -3.871  5.050   1.00 20.94 ? 86  THR A CG2 1 
ATOM   608 N N   . SER A 1 90  ? -0.979  -3.075  8.887   1.00 25.13 ? 87  SER A N   1 
ATOM   609 C CA  A SER A 1 90  ? -0.135  -2.064  9.500   0.50 25.67 ? 87  SER A CA  1 
ATOM   610 C CA  B SER A 1 90  ? -0.113  -2.093  9.520   0.50 25.41 ? 87  SER A CA  1 
ATOM   611 C C   . SER A 1 90  ? 0.931   -1.631  8.504   1.00 25.89 ? 87  SER A C   1 
ATOM   612 O O   . SER A 1 90  ? 1.398   -2.422  7.691   1.00 24.79 ? 87  SER A O   1 
ATOM   613 C CB  A SER A 1 90  ? 0.472   -2.540  10.826  0.50 26.50 ? 87  SER A CB  1 
ATOM   614 C CB  B SER A 1 90  ? 0.573   -2.686  10.752  0.50 26.06 ? 87  SER A CB  1 
ATOM   615 O OG  A SER A 1 90  ? -0.325  -2.076  11.914  0.50 27.38 ? 87  SER A OG  1 
ATOM   616 O OG  B SER A 1 90  ? 1.553   -3.618  10.377  0.50 25.76 ? 87  SER A OG  1 
ATOM   617 N N   . TRP A 1 91  ? 1.295   -0.348  8.537   1.00 25.24 ? 88  TRP A N   1 
ATOM   618 C CA  . TRP A 1 91  ? 2.297   0.144   7.589   1.00 25.53 ? 88  TRP A CA  1 
ATOM   619 C C   . TRP A 1 91  ? 3.431   0.868   8.282   1.00 26.16 ? 88  TRP A C   1 
ATOM   620 O O   . TRP A 1 91  ? 3.267   1.403   9.385   1.00 26.41 ? 88  TRP A O   1 
ATOM   621 C CB  . TRP A 1 91  ? 1.675   1.059   6.533   1.00 25.37 ? 88  TRP A CB  1 
ATOM   622 C CG  . TRP A 1 91  ? 0.845   2.191   7.097   1.00 24.37 ? 88  TRP A CG  1 
ATOM   623 C CD1 . TRP A 1 91  ? -0.512  2.173   7.302   1.00 25.34 ? 88  TRP A CD1 1 
ATOM   624 C CD2 . TRP A 1 91  ? 1.287   3.518   7.474   1.00 25.87 ? 88  TRP A CD2 1 
ATOM   625 N NE1 . TRP A 1 91  ? -0.931  3.388   7.815   1.00 23.02 ? 88  TRP A NE1 1 
ATOM   626 C CE2 . TRP A 1 91  ? 0.151   4.221   7.938   1.00 23.91 ? 88  TRP A CE2 1 
ATOM   627 C CE3 . TRP A 1 91  ? 2.534   4.159   7.502   1.00 22.79 ? 88  TRP A CE3 1 
ATOM   628 C CZ2 . TRP A 1 91  ? 0.222   5.547   8.400   1.00 24.68 ? 88  TRP A CZ2 1 
ATOM   629 C CZ3 . TRP A 1 91  ? 2.620   5.423   7.967   1.00 24.58 ? 88  TRP A CZ3 1 
ATOM   630 C CH2 . TRP A 1 91  ? 1.455   6.132   8.412   1.00 25.08 ? 88  TRP A CH2 1 
ATOM   631 N N   . THR A 1 92  ? 4.578   0.884   7.619   1.00 26.98 ? 89  THR A N   1 
ATOM   632 C CA  . THR A 1 92  ? 5.698   1.706   8.035   1.00 27.79 ? 89  THR A CA  1 
ATOM   633 C C   . THR A 1 92  ? 6.212   2.479   6.818   1.00 27.89 ? 89  THR A C   1 
ATOM   634 O O   . THR A 1 92  ? 6.516   1.896   5.786   1.00 25.93 ? 89  THR A O   1 
ATOM   635 C CB  . THR A 1 92  ? 6.829   0.835   8.520   1.00 29.22 ? 89  THR A CB  1 
ATOM   636 O OG1 . THR A 1 92  ? 7.397   0.186   7.377   1.00 35.30 ? 89  THR A OG1 1 
ATOM   637 C CG2 . THR A 1 92  ? 6.308   -0.224  9.452   1.00 28.84 ? 89  THR A CG2 1 
ATOM   638 N N   . LEU A 1 93  ? 6.303   3.799   6.951   1.00 27.96 ? 90  LEU A N   1 
ATOM   639 C CA  . LEU A 1 93  ? 6.752   4.671   5.895   1.00 28.04 ? 90  LEU A CA  1 
ATOM   640 C C   . LEU A 1 93  ? 8.184   5.122   6.224   1.00 29.80 ? 90  LEU A C   1 
ATOM   641 O O   . LEU A 1 93  ? 8.479   5.449   7.379   1.00 29.22 ? 90  LEU A O   1 
ATOM   642 C CB  . LEU A 1 93  ? 5.827   5.870   5.857   1.00 27.96 ? 90  LEU A CB  1 
ATOM   643 C CG  . LEU A 1 93  ? 6.361   7.144   5.261   1.00 29.84 ? 90  LEU A CG  1 
ATOM   644 C CD1 . LEU A 1 93  ? 6.279   7.015   3.786   1.00 31.69 ? 90  LEU A CD1 1 
ATOM   645 C CD2 . LEU A 1 93  ? 5.478   8.319   5.742   1.00 31.78 ? 90  LEU A CD2 1 
ATOM   646 N N   . PHE A 1 94  ? 9.076   5.072   5.238   1.00 29.95 ? 91  PHE A N   1 
ATOM   647 C CA  . PHE A 1 94  ? 10.429  5.594   5.397   1.00 32.10 ? 91  PHE A CA  1 
ATOM   648 C C   . PHE A 1 94  ? 10.584  6.690   4.384   1.00 33.19 ? 91  PHE A C   1 
ATOM   649 O O   . PHE A 1 94  ? 10.200  6.514   3.239   1.00 32.01 ? 91  PHE A O   1 
ATOM   650 C CB  . PHE A 1 94  ? 11.465  4.536   5.074   1.00 32.49 ? 91  PHE A CB  1 
ATOM   651 C CG  . PHE A 1 94  ? 11.539  3.452   6.066   1.00 34.25 ? 91  PHE A CG  1 
ATOM   652 C CD1 . PHE A 1 94  ? 10.712  2.339   5.957   1.00 35.18 ? 91  PHE A CD1 1 
ATOM   653 C CD2 . PHE A 1 94  ? 12.433  3.537   7.123   1.00 35.61 ? 91  PHE A CD2 1 
ATOM   654 C CE1 . PHE A 1 94  ? 10.771  1.331   6.889   1.00 36.03 ? 91  PHE A CE1 1 
ATOM   655 C CE2 . PHE A 1 94  ? 12.511  2.527   8.060   1.00 37.18 ? 91  PHE A CE2 1 
ATOM   656 C CZ  . PHE A 1 94  ? 11.682  1.418   7.940   1.00 37.35 ? 91  PHE A CZ  1 
ATOM   657 N N   . TYR A 1 95  ? 11.137  7.820   4.821   1.00 35.34 ? 92  TYR A N   1 
ATOM   658 C CA  . TYR A 1 95  ? 11.458  8.957   3.958   1.00 37.06 ? 92  TYR A CA  1 
ATOM   659 C C   . TYR A 1 95  ? 12.640  9.741   4.525   1.00 38.29 ? 92  TYR A C   1 
ATOM   660 O O   . TYR A 1 95  ? 13.174  9.402   5.582   1.00 37.85 ? 92  TYR A O   1 
ATOM   661 C CB  . TYR A 1 95  ? 10.246  9.868   3.799   1.00 37.90 ? 92  TYR A CB  1 
ATOM   662 C CG  . TYR A 1 95  ? 9.783   10.498  5.075   1.00 39.10 ? 92  TYR A CG  1 
ATOM   663 C CD1 . TYR A 1 95  ? 9.298   9.723   6.115   1.00 38.94 ? 92  TYR A CD1 1 
ATOM   664 C CD2 . TYR A 1 95  ? 9.827   11.869  5.240   1.00 40.32 ? 92  TYR A CD2 1 
ATOM   665 C CE1 . TYR A 1 95  ? 8.873   10.298  7.276   1.00 41.10 ? 92  TYR A CE1 1 
ATOM   666 C CE2 . TYR A 1 95  ? 9.396   12.456  6.413   1.00 40.83 ? 92  TYR A CE2 1 
ATOM   667 C CZ  . TYR A 1 95  ? 8.919   11.662  7.414   1.00 40.49 ? 92  TYR A CZ  1 
ATOM   668 O OH  . TYR A 1 95  ? 8.494   12.230  8.597   1.00 43.64 ? 92  TYR A OH  1 
ATOM   669 N N   . VAL A 1 96  ? 13.056  10.774  3.807   1.00 39.43 ? 93  VAL A N   1 
ATOM   670 C CA  . VAL A 1 96  ? 14.139  11.626  4.256   1.00 41.61 ? 93  VAL A CA  1 
ATOM   671 C C   . VAL A 1 96  ? 13.511  13.000  4.405   1.00 43.72 ? 93  VAL A C   1 
ATOM   672 O O   . VAL A 1 96  ? 12.865  13.468  3.461   1.00 44.05 ? 93  VAL A O   1 
ATOM   673 C CB  . VAL A 1 96  ? 15.317  11.646  3.236   1.00 41.41 ? 93  VAL A CB  1 
ATOM   674 C CG1 . VAL A 1 96  ? 16.230  12.825  3.487   1.00 41.27 ? 93  VAL A CG1 1 
ATOM   675 C CG2 . VAL A 1 96  ? 16.128  10.356  3.323   1.00 40.21 ? 93  VAL A CG2 1 
ATOM   676 N N   . ASP A 1 97  ? 13.639  13.617  5.588   1.00 46.23 ? 94  ASP A N   1 
ATOM   677 C CA  . ASP A 1 97  ? 13.110  14.974  5.790   1.00 48.59 ? 94  ASP A CA  1 
ATOM   678 C C   . ASP A 1 97  ? 13.901  16.022  4.985   1.00 49.75 ? 94  ASP A C   1 
ATOM   679 O O   . ASP A 1 97  ? 14.826  15.683  4.243   1.00 50.25 ? 94  ASP A O   1 
ATOM   680 C CB  . ASP A 1 97  ? 13.030  15.329  7.278   1.00 48.93 ? 94  ASP A CB  1 
ATOM   681 C CG  . ASP A 1 97  ? 14.388  15.284  7.981   1.00 51.72 ? 94  ASP A CG  1 
ATOM   682 O OD1 . ASP A 1 97  ? 15.408  15.747  7.415   1.00 52.81 ? 94  ASP A OD1 1 
ATOM   683 O OD2 . ASP A 1 97  ? 14.431  14.799  9.134   1.00 55.09 ? 94  ASP A OD2 1 
ATOM   684 N N   . ASN A 1 98  ? 13.542  17.295  5.127   1.00 50.96 ? 95  ASN A N   1 
ATOM   685 C CA  . ASN A 1 98  ? 14.169  18.372  4.342   1.00 51.95 ? 95  ASN A CA  1 
ATOM   686 C C   . ASN A 1 98  ? 15.567  18.819  4.793   1.00 51.68 ? 95  ASN A C   1 
ATOM   687 O O   . ASN A 1 98  ? 16.279  19.510  4.058   1.00 52.56 ? 95  ASN A O   1 
ATOM   688 C CB  . ASN A 1 98  ? 13.211  19.555  4.257   1.00 52.61 ? 95  ASN A CB  1 
ATOM   689 C CG  . ASN A 1 98  ? 11.826  19.131  3.784   1.00 55.12 ? 95  ASN A CG  1 
ATOM   690 O OD1 . ASN A 1 98  ? 11.567  19.058  2.573   1.00 58.12 ? 95  ASN A OD1 1 
ATOM   691 N ND2 . ASN A 1 98  ? 10.933  18.828  4.737   1.00 57.19 ? 95  ASN A ND2 1 
ATOM   692 N N   . LYS A 1 99  ? 15.948  18.410  6.001   1.00 51.20 ? 96  LYS A N   1 
ATOM   693 C CA  . LYS A 1 99  ? 17.281  18.632  6.552   1.00 50.13 ? 96  LYS A CA  1 
ATOM   694 C C   . LYS A 1 99  ? 18.182  17.434  6.237   1.00 49.42 ? 96  LYS A C   1 
ATOM   695 O O   . LYS A 1 99  ? 19.358  17.395  6.632   1.00 49.27 ? 96  LYS A O   1 
ATOM   696 C CB  . LYS A 1 99  ? 17.172  18.822  8.070   1.00 50.59 ? 96  LYS A CB  1 
ATOM   697 C CG  . LYS A 1 99  ? 16.584  20.174  8.517   1.00 51.52 ? 96  LYS A CG  1 
ATOM   698 C CD  . LYS A 1 99  ? 17.609  20.976  9.314   1.00 53.78 ? 96  LYS A CD  1 
ATOM   699 C CE  . LYS A 1 99  ? 18.696  21.594  8.434   1.00 55.96 ? 96  LYS A CE  1 
ATOM   700 N NZ  . LYS A 1 99  ? 18.655  23.099  8.450   1.00 58.10 ? 96  LYS A NZ  1 
ATOM   701 N N   . GLY A 1 100 ? 17.614  16.446  5.539   1.00 48.35 ? 97  GLY A N   1 
ATOM   702 C CA  . GLY A 1 100 ? 18.353  15.257  5.106   1.00 46.24 ? 97  GLY A CA  1 
ATOM   703 C C   . GLY A 1 100 ? 18.412  14.125  6.103   1.00 45.17 ? 97  GLY A C   1 
ATOM   704 O O   . GLY A 1 100 ? 19.259  13.227  5.989   1.00 44.33 ? 97  GLY A O   1 
ATOM   705 N N   . LYS A 1 101 ? 17.522  14.157  7.090   1.00 44.05 ? 98  LYS A N   1 
ATOM   706 C CA  . LYS A 1 101 ? 17.482  13.078  8.056   1.00 43.66 ? 98  LYS A CA  1 
ATOM   707 C C   . LYS A 1 101 ? 16.417  12.062  7.691   1.00 42.43 ? 98  LYS A C   1 
ATOM   708 O O   . LYS A 1 101 ? 15.265  12.415  7.409   1.00 41.95 ? 98  LYS A O   1 
ATOM   709 C CB  . LYS A 1 101 ? 17.323  13.568  9.504   1.00 44.28 ? 98  LYS A CB  1 
ATOM   710 C CG  . LYS A 1 101 ? 18.665  13.793  10.267  1.00 47.33 ? 98  LYS A CG  1 
ATOM   711 C CD  . LYS A 1 101 ? 19.651  12.577  10.203  1.00 50.47 ? 98  LYS A CD  1 
ATOM   712 C CE  . LYS A 1 101 ? 20.722  12.710  9.090   1.00 50.42 ? 98  LYS A CE  1 
ATOM   713 N NZ  . LYS A 1 101 ? 21.990  13.373  9.515   1.00 52.35 ? 98  LYS A NZ  1 
ATOM   714 N N   . PRO A 1 102 ? 16.829  10.800  7.637   1.00 41.32 ? 99  PRO A N   1 
ATOM   715 C CA  . PRO A 1 102 ? 15.960  9.661   7.490   1.00 41.04 ? 99  PRO A CA  1 
ATOM   716 C C   . PRO A 1 102 ? 14.952  9.611   8.624   1.00 40.47 ? 99  PRO A C   1 
ATOM   717 O O   . PRO A 1 102 ? 15.301  9.818   9.791   1.00 40.35 ? 99  PRO A O   1 
ATOM   718 C CB  . PRO A 1 102 ? 16.919  8.480   7.607   1.00 41.09 ? 99  PRO A CB  1 
ATOM   719 C CG  . PRO A 1 102 ? 18.196  9.010   7.161   1.00 41.81 ? 99  PRO A CG  1 
ATOM   720 C CD  . PRO A 1 102 ? 18.237  10.397  7.678   1.00 41.95 ? 99  PRO A CD  1 
ATOM   721 N N   . SER A 1 103 ? 13.708  9.327   8.266   1.00 39.02 ? 100 SER A N   1 
ATOM   722 C CA  . SER A 1 103 ? 12.609  9.396   9.190   1.00 38.45 ? 100 SER A CA  1 
ATOM   723 C C   . SER A 1 103 ? 11.676  8.256   8.870   1.00 37.88 ? 100 SER A C   1 
ATOM   724 O O   . SER A 1 103 ? 11.549  7.859   7.719   1.00 37.27 ? 100 SER A O   1 
ATOM   725 C CB  . SER A 1 103 ? 11.900  10.715  9.015   1.00 38.32 ? 100 SER A CB  1 
ATOM   726 O OG  . SER A 1 103 ? 12.841  11.771  9.002   1.00 41.27 ? 100 SER A OG  1 
ATOM   727 N N   . ARG A 1 104 ? 11.052  7.699   9.892   1.00 37.05 ? 101 ARG A N   1 
ATOM   728 C CA  . ARG A 1 104 ? 10.064  6.688   9.644   1.00 37.26 ? 101 ARG A CA  1 
ATOM   729 C C   . ARG A 1 104 ? 8.767   6.996   10.368  1.00 36.18 ? 101 ARG A C   1 
ATOM   730 O O   . ARG A 1 104 ? 8.780   7.702   11.356  1.00 36.54 ? 101 ARG A O   1 
ATOM   731 C CB  . ARG A 1 104 ? 10.607  5.318   9.985   1.00 37.45 ? 101 ARG A CB  1 
ATOM   732 C CG  . ARG A 1 104 ? 10.574  4.972   11.406  1.00 40.77 ? 101 ARG A CG  1 
ATOM   733 C CD  . ARG A 1 104 ? 10.865  3.499   11.546  1.00 44.16 ? 101 ARG A CD  1 
ATOM   734 N NE  . ARG A 1 104 ? 10.987  3.155   12.958  1.00 49.62 ? 101 ARG A NE  1 
ATOM   735 C CZ  . ARG A 1 104 ? 12.053  3.413   13.719  1.00 52.71 ? 101 ARG A CZ  1 
ATOM   736 N NH1 . ARG A 1 104 ? 13.133  4.018   13.214  1.00 53.15 ? 101 ARG A NH1 1 
ATOM   737 N NH2 . ARG A 1 104 ? 12.033  3.061   14.999  1.00 53.94 ? 101 ARG A NH2 1 
ATOM   738 N N   . LEU A 1 105 ? 7.654   6.463   9.868   1.00 35.04 ? 102 LEU A N   1 
ATOM   739 C CA  . LEU A 1 105 ? 6.332   6.743   10.430  1.00 34.04 ? 102 LEU A CA  1 
ATOM   740 C C   . LEU A 1 105 ? 5.564   5.438   10.374  1.00 32.74 ? 102 LEU A C   1 
ATOM   741 O O   . LEU A 1 105 ? 5.757   4.658   9.441   1.00 31.58 ? 102 LEU A O   1 
ATOM   742 C CB  . LEU A 1 105 ? 5.647   7.791   9.572   1.00 34.60 ? 102 LEU A CB  1 
ATOM   743 C CG  . LEU A 1 105 ? 4.613   8.767   10.100  1.00 38.67 ? 102 LEU A CG  1 
ATOM   744 C CD1 . LEU A 1 105 ? 4.943   9.315   11.498  1.00 42.43 ? 102 LEU A CD1 1 
ATOM   745 C CD2 . LEU A 1 105 ? 4.515   9.906   9.092   1.00 40.93 ? 102 LEU A CD2 1 
ATOM   746 N N   . LYS A 1 106 ? 4.735   5.166   11.371  1.00 30.47 ? 103 LYS A N   1 
ATOM   747 C CA  . LYS A 1 106 ? 4.002   3.898   11.377  1.00 30.62 ? 103 LYS A CA  1 
ATOM   748 C C   . LYS A 1 106 ? 2.524   4.129   11.638  1.00 30.10 ? 103 LYS A C   1 
ATOM   749 O O   . LYS A 1 106 ? 2.147   5.144   12.241  1.00 29.45 ? 103 LYS A O   1 
ATOM   750 C CB  . LYS A 1 106 ? 4.561   2.957   12.425  1.00 31.05 ? 103 LYS A CB  1 
ATOM   751 C CG  . LYS A 1 106 ? 6.003   2.521   12.166  1.00 33.74 ? 103 LYS A CG  1 
ATOM   752 C CD  . LYS A 1 106 ? 6.620   1.992   13.416  1.00 35.40 ? 103 LYS A CD  1 
ATOM   753 C CE  . LYS A 1 106 ? 6.631   0.491   13.415  1.00 39.52 ? 103 LYS A CE  1 
ATOM   754 N NZ  . LYS A 1 106 ? 8.000   0.055   13.038  1.00 42.25 ? 103 LYS A NZ  1 
ATOM   755 N N   . GLY A 1 107 ? 1.684   3.193   11.190  1.00 29.02 ? 104 GLY A N   1 
ATOM   756 C CA  . GLY A 1 107 ? 0.256   3.359   11.347  1.00 27.65 ? 104 GLY A CA  1 
ATOM   757 C C   . GLY A 1 107 ? -0.467  2.134   10.870  1.00 27.47 ? 104 GLY A C   1 
ATOM   758 O O   . GLY A 1 107 ? 0.162   1.119   10.537  1.00 27.13 ? 104 GLY A O   1 
ATOM   759 N N   . GLY A 1 108 ? -1.791  2.204   10.881  1.00 27.06 ? 105 GLY A N   1 
ATOM   760 C CA  . GLY A 1 108 ? -2.628  1.086   10.450  1.00 27.57 ? 105 GLY A CA  1 
ATOM   761 C C   . GLY A 1 108 ? -3.542  1.572   9.332   1.00 28.29 ? 105 GLY A C   1 
ATOM   762 O O   . GLY A 1 108 ? -3.761  2.764   9.192   1.00 29.46 ? 105 GLY A O   1 
ATOM   763 N N   . ASP A 1 109 ? -4.034  0.644   8.521   1.00 28.50 ? 106 ASP A N   1 
ATOM   764 C CA  . ASP A 1 109 ? -4.955  0.924   7.408   1.00 28.60 ? 106 ASP A CA  1 
ATOM   765 C C   . ASP A 1 109 ? -5.889  -0.262  7.337   1.00 27.58 ? 106 ASP A C   1 
ATOM   766 O O   . ASP A 1 109 ? -5.484  -1.384  7.625   1.00 28.08 ? 106 ASP A O   1 
ATOM   767 C CB  . ASP A 1 109 ? -4.208  1.007   6.069   1.00 29.15 ? 106 ASP A CB  1 
ATOM   768 C CG  . ASP A 1 109 ? -3.822  2.413   5.686   1.00 31.63 ? 106 ASP A CG  1 
ATOM   769 O OD1 . ASP A 1 109 ? -4.461  3.405   6.166   1.00 36.09 ? 106 ASP A OD1 1 
ATOM   770 O OD2 . ASP A 1 109 ? -2.892  2.539   4.856   1.00 27.47 ? 106 ASP A OD2 1 
ATOM   771 N N   . ILE A 1 110 ? -7.145  -0.005  6.989   1.00 26.94 ? 107 ILE A N   1 
ATOM   772 C CA  . ILE A 1 110 ? -8.064  -1.054  6.569   1.00 26.52 ? 107 ILE A CA  1 
ATOM   773 C C   . ILE A 1 110 ? -8.528  -0.659  5.165   1.00 26.77 ? 107 ILE A C   1 
ATOM   774 O O   . ILE A 1 110 ? -9.103  0.426   4.985   1.00 25.10 ? 107 ILE A O   1 
ATOM   775 C CB  . ILE A 1 110 ? -9.283  -1.171  7.497   1.00 26.45 ? 107 ILE A CB  1 
ATOM   776 C CG1 . ILE A 1 110 ? -8.858  -1.501  8.931   1.00 27.46 ? 107 ILE A CG1 1 
ATOM   777 C CG2 . ILE A 1 110 ? -10.248 -2.247  6.976   1.00 27.52 ? 107 ILE A CG2 1 
ATOM   778 C CD1 . ILE A 1 110 ? -10.058 -1.644  9.883   1.00 28.17 ? 107 ILE A CD1 1 
ATOM   779 N N   . PHE A 1 111 ? -8.193  -1.507  4.186   1.00 25.81 ? 108 PHE A N   1 
ATOM   780 C CA  . PHE A 1 111 ? -8.584  -1.381  2.771   1.00 25.76 ? 108 PHE A CA  1 
ATOM   781 C C   . PHE A 1 111 ? -9.841  -2.207  2.640   1.00 26.87 ? 108 PHE A C   1 
ATOM   782 O O   . PHE A 1 111 ? -9.929  -3.281  3.202   1.00 26.22 ? 108 PHE A O   1 
ATOM   783 C CB  . PHE A 1 111 ? -7.495  -1.986  1.852   1.00 23.72 ? 108 PHE A CB  1 
ATOM   784 C CG  . PHE A 1 111 ? -6.270  -1.130  1.736   1.00 22.49 ? 108 PHE A CG  1 
ATOM   785 C CD1 . PHE A 1 111 ? -5.255  -1.212  2.688   1.00 22.89 ? 108 PHE A CD1 1 
ATOM   786 C CD2 . PHE A 1 111 ? -6.155  -0.207  0.727   1.00 23.08 ? 108 PHE A CD2 1 
ATOM   787 C CE1 . PHE A 1 111 ? -4.115  -0.373  2.599   1.00 20.75 ? 108 PHE A CE1 1 
ATOM   788 C CE2 . PHE A 1 111 ? -5.023  0.620   0.605   1.00 20.80 ? 108 PHE A CE2 1 
ATOM   789 C CZ  . PHE A 1 111 ? -3.995  0.528   1.553   1.00 22.11 ? 108 PHE A CZ  1 
ATOM   790 N N   . THR A 1 112 ? -10.835 -1.698  1.940   1.00 27.99 ? 109 THR A N   1 
ATOM   791 C CA  . THR A 1 112 ? -12.003 -2.525  1.710   1.00 29.17 ? 109 THR A CA  1 
ATOM   792 C C   . THR A 1 112 ? -12.235 -2.597  0.230   1.00 29.06 ? 109 THR A C   1 
ATOM   793 O O   . THR A 1 112 ? -12.018 -1.616  -0.495  1.00 27.49 ? 109 THR A O   1 
ATOM   794 C CB  . THR A 1 112 ? -13.237 -1.972  2.415   1.00 30.03 ? 109 THR A CB  1 
ATOM   795 O OG1 . THR A 1 112 ? -13.572 -0.741  1.807   1.00 34.66 ? 109 THR A OG1 1 
ATOM   796 C CG2 . THR A 1 112 ? -12.956 -1.687  3.834   1.00 29.67 ? 109 THR A CG2 1 
ATOM   797 N N   . ARG A 1 113 ? -12.618 -3.785  -0.223  1.00 29.31 ? 110 ARG A N   1 
ATOM   798 C CA  . ARG A 1 113 ? -12.819 -4.028  -1.623  1.00 30.72 ? 110 ARG A CA  1 
ATOM   799 C C   . ARG A 1 113 ? -13.969 -3.184  -2.159  1.00 31.50 ? 110 ARG A C   1 
ATOM   800 O O   . ARG A 1 113 ? -15.036 -3.068  -1.543  1.00 31.80 ? 110 ARG A O   1 
ATOM   801 C CB  . ARG A 1 113 ? -13.012 -5.533  -1.853  1.00 31.12 ? 110 ARG A CB  1 
ATOM   802 C CG  . ARG A 1 113 ? -13.506 -5.891  -3.210  1.00 33.92 ? 110 ARG A CG  1 
ATOM   803 C CD  . ARG A 1 113 ? -12.510 -6.655  -3.973  1.00 36.20 ? 110 ARG A CD  1 
ATOM   804 N NE  . ARG A 1 113 ? -12.857 -8.059  -3.989  1.00 42.33 ? 110 ARG A NE  1 
ATOM   805 C CZ  . ARG A 1 113 ? -13.058 -8.787  -5.083  1.00 40.75 ? 110 ARG A CZ  1 
ATOM   806 N NH1 . ARG A 1 113 ? -12.963 -8.266  -6.297  1.00 43.05 ? 110 ARG A NH1 1 
ATOM   807 N NH2 . ARG A 1 113 ? -13.361 -10.055 -4.948  1.00 41.77 ? 110 ARG A NH2 1 
ATOM   808 N N   . VAL A 1 114 ? -13.684 -2.506  -3.262  1.00 31.37 ? 111 VAL A N   1 
ATOM   809 C CA  . VAL A 1 114 ? -14.659 -1.880  -4.123  1.00 32.17 ? 111 VAL A CA  1 
ATOM   810 C C   . VAL A 1 114 ? -14.456 -2.733  -5.364  1.00 33.04 ? 111 VAL A C   1 
ATOM   811 O O   . VAL A 1 114 ? -13.366 -2.753  -5.910  1.00 36.23 ? 111 VAL A O   1 
ATOM   812 C CB  . VAL A 1 114 ? -14.219 -0.443  -4.456  1.00 31.74 ? 111 VAL A CB  1 
ATOM   813 C CG1 . VAL A 1 114 ? -15.310 0.326   -5.195  1.00 33.67 ? 111 VAL A CG1 1 
ATOM   814 C CG2 . VAL A 1 114 ? -13.803 0.307   -3.189  1.00 30.18 ? 111 VAL A CG2 1 
ATOM   815 N N   . TRP A 1 115 ? -15.433 -3.488  -5.806  1.00 33.07 ? 112 TRP A N   1 
ATOM   816 C CA  . TRP A 1 115 ? -15.196 -4.332  -6.997  1.00 31.05 ? 112 TRP A CA  1 
ATOM   817 C C   . TRP A 1 115 ? -13.926 -5.202  -7.028  1.00 31.28 ? 112 TRP A C   1 
ATOM   818 O O   . TRP A 1 115 ? -13.960 -6.223  -7.720  1.00 30.62 ? 112 TRP A O   1 
ATOM   819 C CB  . TRP A 1 115 ? -15.408 -3.550  -8.320  1.00 30.15 ? 112 TRP A CB  1 
ATOM   820 C CG  . TRP A 1 115 ? -14.253 -2.753  -8.981  1.00 29.56 ? 112 TRP A CG  1 
ATOM   821 C CD1 . TRP A 1 115 ? -14.151 -1.399  -9.050  1.00 25.75 ? 112 TRP A CD1 1 
ATOM   822 C CD2 . TRP A 1 115 ? -13.122 -3.276  -9.727  1.00 24.47 ? 112 TRP A CD2 1 
ATOM   823 N NE1 . TRP A 1 115 ? -13.023 -1.029  -9.773  1.00 27.22 ? 112 TRP A NE1 1 
ATOM   824 C CE2 . TRP A 1 115 ? -12.367 -2.170  -10.177 1.00 26.89 ? 112 TRP A CE2 1 
ATOM   825 C CE3 . TRP A 1 115 ? -12.663 -4.568  -10.027 1.00 28.25 ? 112 TRP A CE3 1 
ATOM   826 C CZ2 . TRP A 1 115 ? -11.185 -2.313  -10.908 1.00 26.13 ? 112 TRP A CZ2 1 
ATOM   827 C CZ3 . TRP A 1 115 ? -11.470 -4.702  -10.755 1.00 26.28 ? 112 TRP A CZ3 1 
ATOM   828 C CH2 . TRP A 1 115 ? -10.752 -3.584  -11.178 1.00 28.04 ? 112 TRP A CH2 1 
ATOM   829 O OXT . TRP A 1 115 ? -12.860 -4.962  -6.432  1.00 29.87 ? 112 TRP A OXT 1 
HETATM 830 O O   . HOH B 2 .   ? 0.628   8.389   -4.783  1.00 30.99 ? 201 HOH A O   1 
HETATM 831 O O   . HOH B 2 .   ? -4.180  3.065   -8.175  1.00 35.46 ? 202 HOH A O   1 
HETATM 832 O O   . HOH B 2 .   ? 3.482   15.983  -3.579  1.00 42.07 ? 203 HOH A O   1 
HETATM 833 O O   . HOH B 2 .   ? 12.204  9.070   12.831  1.00 46.41 ? 204 HOH A O   1 
HETATM 834 O O   . HOH B 2 .   ? 13.147  9.948   -7.762  1.00 33.04 ? 205 HOH A O   1 
HETATM 835 O O   . HOH B 2 .   ? 15.097  5.116   10.782  1.00 33.61 ? 206 HOH A O   1 
HETATM 836 O O   . HOH B 2 .   ? 6.771   0.885   -6.177  1.00 35.97 ? 207 HOH A O   1 
HETATM 837 O O   . HOH B 2 .   ? -7.335  3.122   6.468   1.00 35.18 ? 208 HOH A O   1 
HETATM 838 O O   . HOH B 2 .   ? -1.911  6.238   1.353   1.00 34.12 ? 209 HOH A O   1 
HETATM 839 O O   . HOH B 2 .   ? 3.155   8.579   1.122   1.00 39.60 ? 210 HOH A O   1 
HETATM 840 O O   . HOH B 2 .   ? 0.287   5.927   3.689   1.00 39.11 ? 211 HOH A O   1 
HETATM 841 O O   . HOH B 2 .   ? 4.923   6.604   14.054  1.00 43.41 ? 212 HOH A O   1 
HETATM 842 O O   . HOH B 2 .   ? 2.053   6.926   2.332   1.00 50.82 ? 213 HOH A O   1 
HETATM 843 O O   . HOH B 2 .   ? -3.140  -15.011 6.407   1.00 61.40 ? 214 HOH A O   1 
HETATM 844 O O   . HOH B 2 .   ? -10.450 7.954   -5.526  1.00 52.21 ? 215 HOH A O   1 
HETATM 845 O O   . HOH B 2 .   ? 4.743   10.452  2.075   1.00 56.53 ? 216 HOH A O   1 
HETATM 846 O O   . HOH B 2 .   ? -5.326  13.410  -3.706  1.00 47.84 ? 217 HOH A O   1 
HETATM 847 O O   . HOH B 2 .   ? 4.109   -2.465  10.007  1.00 42.42 ? 218 HOH A O   1 
HETATM 848 O O   . HOH B 2 .   ? -4.433  -14.579 8.717   1.00 47.37 ? 219 HOH A O   1 
HETATM 849 O O   . HOH B 2 .   ? 1.162   -0.299  13.811  1.00 55.38 ? 220 HOH A O   1 
HETATM 850 O O   . HOH B 2 .   ? 4.627   12.713  3.599   1.00 55.99 ? 221 HOH A O   1 
HETATM 851 O O   . HOH B 2 .   ? 15.129  2.716   11.119  0.50 53.85 ? 222 HOH A O   1 
HETATM 852 O O   . HOH B 2 .   ? 7.743   3.637   -7.836  1.00 44.77 ? 223 HOH A O   1 
HETATM 853 O O   . HOH B 2 .   ? -1.173  -0.638  13.337  1.00 40.59 ? 224 HOH A O   1 
HETATM 854 O O   . HOH B 2 .   ? 2.888   5.487   16.116  1.00 53.20 ? 225 HOH A O   1 
HETATM 855 O O   . HOH B 2 .   ? 3.457   -0.698  11.641  1.00 42.50 ? 226 HOH A O   1 
HETATM 856 O O   . HOH B 2 .   ? 14.188  6.937   11.454  1.00 46.01 ? 227 HOH A O   1 
# 
